data_5XWP
#
_entry.id   5XWP
#
_cell.length_a   95.576
_cell.length_b   132.870
_cell.length_c   139.960
_cell.angle_alpha   90.00
_cell.angle_beta   90.80
_cell.angle_gamma   90.00
#
_symmetry.space_group_name_H-M   'P 1 21 1'
#
loop_
_entity.id
_entity.type
_entity.pdbx_description
1 polymer 'Uncharacterized protein'
2 polymer 'RNA (59-MER)'
3 polymer 'RNA (30-MER)'
4 water water
#
loop_
_entity_poly.entity_id
_entity_poly.type
_entity_poly.pdbx_seq_one_letter_code
_entity_poly.pdbx_strand_id
1 'polypeptide(L)'
;S(MSE)KVTKVGGISHKKYTSEGRLVKSESEENRTDERLSALLN(MSE)RLD(MSE)YIKNPSSTETKENQKRIGKLKKF
FSNK(MSE)VYLKDNTLSLKNGKKENIDREYSETDILESDVRDKKNFAVLKKIYLNENVNSEELEVFRNDIKKKLNKINS
LKYSFEKNKANYQKINENNIEKVEGKSKRNIIYDYYRESAKRDAYVSNVKEAFDKLYKEEDIAKLVLEIENLTKLEKYKI
REFYHEIIGRKNDKENFAKIIYEEIQNVNN(MSE)KELIEKVPD(MSE)SELKKSQVFYKYYLDKEELNDKNIKYAFCHF
VEIE(MSE)SQLLKNYVYKRLSNISNDKIKRIFEYQNLKKLIENKLLNKLDTYVRNCGKYNYYLQDGEIATSDFIARNRQ
NEAFLRNIIGVSSVAYFSLRNILETENENDITGR(MSE)RGKTVKNNKGEEKYVSGEVDKIYNENKKNEVKENLK(MSE)
FYSYDFN(MSE)DNKNEIEDFFANIDEAISSIRHGIVHFNLELEGKDIFAFKNIAPSEISKK(MSE)FQNEINEKKLKLK
IFRQLNSANVFRYLEKYKILNYLKRTRFEFVNKNIPFVPSFTKLYSRIDDLKNSLGIYWKTPKTNDDNKTKEIIDAQIYL
LKNIYYGEFLNYF(MSE)SNNGNFFEISKEIIELNKNDKRNLKTGFYKLQKFEDIQEKIPKEYLANIQSLY(MSE)INAG
NQDEEEKDTYIDFIQKIFLKGF(MSE)TYLANNGRLSLIYIGSDEETNTSLAEKKQEFDKFLKKYEQNNNIKIPYEINEF
LREIKLGNILKYTERLN(MSE)FYLILKLLNHKELTNLKGSLEKYQSANKEEAFSDQLELINLLNLDNNRVTEDFELEAD
EIGKFLDFNGNKVKDNKELKKFDTNKIYFDGENIIKHRAFYNIKKYG(MSE)LNLLEKIADKAGYKISIEELKKYSNKKN
EIEKNHK(MSE)QENLHRKYARPRKDEKFTDEDYESYKQAIENIEEYTHLKNKVEFNELNLLQGLLLRILHRLVGYTSIW
ERDLRFRLKGEFPENQYIEEIFNFENKKNVKYKGGQIVEKYIKFYKELHQNDEVKINKYSSANIKVLKQEKKDLYIANYI
AAFNYIPHAEISLLEVLENLRKLLSYDRKLKNAV(MSE)KSVVDILKEYGFVATFKIGADKKIGIQTLESEKIVHLKNLK
KKKL(MSE)TDRNSEELCKLVKI(MSE)FEYK(MSE)EEKKSEN
;
A,B
2 'polyribonucleotide' GGACCACCCCAAAAAUGAAGGGGACUAAAACACAAAUCUAUCUGAAUAAACUCUUCUUC C,E
3 'polyribonucleotide' GGAAGAAGAGUUUAUUCAGAUAGAUUUGUC D,F
#
# COMPACT_ATOMS: atom_id res chain seq x y z
N SER A 1 43.07 -9.49 53.94
CA SER A 1 41.86 -10.28 53.56
C SER A 1 42.40 -11.39 52.74
N LYS A 3 41.46 -14.28 50.07
CA LYS A 3 40.40 -14.59 49.14
C LYS A 3 40.49 -16.05 48.87
N VAL A 4 39.55 -16.81 49.40
CA VAL A 4 39.64 -18.25 49.37
C VAL A 4 38.77 -18.90 48.31
N THR A 5 37.98 -18.11 47.62
CA THR A 5 37.11 -18.63 46.59
C THR A 5 37.22 -17.73 45.41
N LYS A 6 36.96 -18.25 44.23
CA LYS A 6 37.11 -17.49 43.00
C LYS A 6 38.55 -17.44 42.58
N VAL A 7 39.40 -18.12 43.34
CA VAL A 7 40.74 -18.42 42.94
C VAL A 7 40.72 -19.90 42.72
N GLY A 8 41.12 -20.35 41.56
CA GLY A 8 41.18 -21.77 41.31
C GLY A 8 39.82 -22.31 40.97
N GLY A 9 38.83 -21.44 40.88
CA GLY A 9 37.53 -21.85 40.45
C GLY A 9 36.77 -22.53 41.55
N ILE A 10 37.33 -22.45 42.75
CA ILE A 10 36.70 -22.99 43.93
C ILE A 10 35.52 -22.13 44.30
N SER A 11 34.49 -22.77 44.81
CA SER A 11 33.31 -22.09 45.27
C SER A 11 32.80 -22.82 46.49
N HIS A 12 32.08 -22.14 47.36
CA HIS A 12 31.49 -22.77 48.50
C HIS A 12 30.06 -23.03 48.15
N LYS A 13 29.68 -24.29 48.21
CA LYS A 13 28.32 -24.69 47.90
C LYS A 13 27.89 -25.52 49.07
N LYS A 14 26.59 -25.52 49.32
CA LYS A 14 26.03 -26.14 50.49
C LYS A 14 25.34 -27.44 50.18
N TYR A 15 25.65 -28.46 50.95
CA TYR A 15 25.13 -29.79 50.75
C TYR A 15 24.58 -30.27 52.06
N THR A 16 23.74 -31.28 52.02
CA THR A 16 22.96 -31.64 53.19
C THR A 16 23.84 -32.03 54.35
N SER A 17 24.86 -32.82 54.10
CA SER A 17 25.70 -33.30 55.15
C SER A 17 26.46 -32.19 55.79
N GLU A 18 26.99 -31.31 54.96
CA GLU A 18 27.90 -30.28 55.37
C GLU A 18 28.06 -29.28 54.27
N GLY A 19 28.77 -28.20 54.54
CA GLY A 19 29.07 -27.23 53.52
C GLY A 19 30.52 -27.38 53.16
N ARG A 20 30.82 -27.42 51.89
CA ARG A 20 32.19 -27.59 51.47
C ARG A 20 32.56 -26.68 50.35
N LEU A 21 33.84 -26.38 50.25
CA LEU A 21 34.40 -25.77 49.04
C LEU A 21 34.44 -26.81 47.92
N VAL A 22 34.00 -26.41 46.74
CA VAL A 22 33.90 -27.32 45.62
C VAL A 22 34.63 -26.67 44.49
N LYS A 23 35.04 -27.46 43.51
CA LYS A 23 35.80 -26.96 42.39
C LYS A 23 35.04 -27.25 41.13
N SER A 24 35.04 -26.30 40.21
CA SER A 24 34.31 -26.45 38.97
C SER A 24 32.87 -26.75 39.33
N GLU A 25 32.27 -27.74 38.66
CA GLU A 25 30.94 -28.14 39.03
C GLU A 25 30.86 -29.58 39.54
N SER A 26 32.01 -30.11 39.95
CA SER A 26 32.08 -31.38 40.67
C SER A 26 31.74 -31.22 42.13
N GLU A 27 31.38 -32.32 42.77
CA GLU A 27 31.01 -32.29 44.18
C GLU A 27 32.11 -32.72 45.12
N GLU A 28 33.28 -33.07 44.62
CA GLU A 28 34.31 -33.51 45.54
C GLU A 28 34.65 -32.42 46.53
N ASN A 29 34.95 -32.79 47.77
CA ASN A 29 35.26 -31.82 48.80
C ASN A 29 36.70 -31.40 48.72
N ARG A 30 36.92 -30.13 48.44
CA ARG A 30 38.25 -29.57 48.25
C ARG A 30 38.59 -28.59 49.33
N THR A 31 37.83 -28.54 50.40
CA THR A 31 38.12 -27.59 51.46
C THR A 31 39.58 -27.71 51.93
N ASP A 32 39.91 -28.90 52.38
CA ASP A 32 41.21 -29.14 52.97
C ASP A 32 42.26 -28.90 51.94
N GLU A 33 41.97 -29.24 50.70
CA GLU A 33 42.92 -29.04 49.64
C GLU A 33 43.22 -27.59 49.37
N ARG A 34 42.18 -26.77 49.33
CA ARG A 34 42.37 -25.34 49.08
C ARG A 34 43.01 -24.61 50.24
N LEU A 35 42.54 -24.88 51.45
CA LEU A 35 43.02 -24.21 52.63
C LEU A 35 44.47 -24.50 52.89
N SER A 36 44.83 -25.74 52.64
CA SER A 36 46.17 -26.22 52.84
C SER A 36 47.08 -25.45 51.91
N ALA A 37 46.49 -24.92 50.85
CA ALA A 37 47.18 -24.04 49.91
C ALA A 37 47.58 -22.73 50.53
N LEU A 38 46.69 -22.18 51.33
CA LEU A 38 46.78 -20.80 51.75
C LEU A 38 47.62 -20.65 52.97
N LEU A 39 48.07 -21.77 53.50
CA LEU A 39 48.88 -21.74 54.70
C LEU A 39 50.28 -21.48 54.25
N ASN A 40 50.49 -20.28 53.74
CA ASN A 40 51.80 -19.84 53.33
C ASN A 40 51.90 -18.41 53.74
N ARG A 42 53.41 -14.90 52.47
CA ARG A 42 53.99 -14.30 51.30
C ARG A 42 54.92 -13.24 51.82
N LEU A 43 56.17 -13.37 51.44
CA LEU A 43 57.25 -12.66 52.06
C LEU A 43 57.19 -11.17 51.88
N ASP A 44 56.45 -10.65 50.92
CA ASP A 44 56.47 -9.20 50.82
C ASP A 44 55.77 -8.71 52.01
N TYR A 46 55.92 -8.77 54.64
CA TYR A 46 56.79 -8.18 55.61
C TYR A 46 57.19 -6.72 55.42
N ILE A 47 57.32 -6.25 54.18
CA ILE A 47 57.70 -4.84 53.94
C ILE A 47 56.72 -4.00 53.15
N LYS A 48 56.60 -2.74 53.53
CA LYS A 48 55.77 -1.80 52.77
C LYS A 48 56.20 -0.32 52.79
N ASN A 49 55.72 0.44 51.81
CA ASN A 49 55.91 1.87 51.71
C ASN A 49 54.60 2.58 51.33
N PRO A 50 53.62 2.71 52.28
CA PRO A 50 52.32 3.17 51.76
C PRO A 50 52.21 4.65 51.38
N SER A 51 52.78 5.53 52.21
CA SER A 51 52.34 6.95 52.26
C SER A 51 53.09 7.82 51.26
N SER A 52 52.70 9.10 51.21
CA SER A 52 53.44 10.10 50.41
C SER A 52 54.86 10.33 50.93
N THR A 53 55.01 10.09 52.23
CA THR A 53 56.20 10.43 53.01
C THR A 53 57.60 10.01 52.51
N GLU A 54 57.74 8.82 51.94
CA GLU A 54 59.09 8.33 51.58
C GLU A 54 59.71 9.14 50.46
N THR A 55 61.04 9.27 50.50
CA THR A 55 61.76 9.84 49.34
C THR A 55 61.65 8.83 48.20
N LYS A 56 61.62 9.32 46.97
CA LYS A 56 61.44 8.45 45.81
C LYS A 56 62.53 7.40 45.71
N GLU A 57 63.78 7.80 45.95
CA GLU A 57 64.90 6.89 45.81
C GLU A 57 64.72 5.73 46.76
N ASN A 58 64.31 6.07 47.98
CA ASN A 58 63.94 5.05 48.93
C ASN A 58 62.66 4.34 48.51
N GLN A 59 61.71 5.10 47.98
CA GLN A 59 60.41 4.57 47.59
C GLN A 59 60.56 3.63 46.40
N LYS A 60 61.46 3.97 45.48
CA LYS A 60 61.81 3.06 44.40
C LYS A 60 62.54 1.81 44.93
N ARG A 61 63.37 2.01 45.95
CA ARG A 61 64.11 0.89 46.50
C ARG A 61 63.14 -0.12 47.05
N ILE A 62 62.13 0.36 47.77
CA ILE A 62 61.19 -0.52 48.46
C ILE A 62 60.23 -1.16 47.47
N GLY A 63 59.72 -0.40 46.52
CA GLY A 63 58.93 -0.99 45.42
C GLY A 63 59.64 -2.16 44.77
N LYS A 64 60.95 -2.00 44.56
CA LYS A 64 61.78 -3.07 44.03
C LYS A 64 61.75 -4.28 44.95
N LEU A 65 62.08 -4.07 46.22
CA LEU A 65 62.01 -5.13 47.20
C LEU A 65 60.63 -5.77 47.22
N LYS A 66 59.57 -5.03 46.91
CA LYS A 66 58.25 -5.64 46.91
C LYS A 66 58.13 -6.73 45.85
N LYS A 67 58.44 -6.42 44.61
CA LYS A 67 58.27 -7.41 43.56
C LYS A 67 59.11 -8.65 43.73
N PHE A 68 60.30 -8.51 44.29
CA PHE A 68 61.15 -9.66 44.53
C PHE A 68 60.59 -10.61 45.57
N PHE A 69 60.16 -10.09 46.70
CA PHE A 69 59.55 -10.94 47.72
C PHE A 69 58.14 -11.37 47.35
N SER A 70 57.52 -10.74 46.36
CA SER A 70 56.16 -11.12 46.03
C SER A 70 56.09 -12.52 45.45
N ASN A 71 57.22 -13.12 45.07
CA ASN A 71 57.24 -14.47 44.51
C ASN A 71 57.94 -15.47 45.39
N LYS A 72 57.98 -15.24 46.69
CA LYS A 72 58.53 -16.21 47.63
C LYS A 72 57.61 -16.32 48.82
N VAL A 74 56.60 -18.70 52.69
CA VAL A 74 57.06 -19.55 53.76
C VAL A 74 55.92 -20.39 54.23
N TYR A 75 56.18 -21.67 54.45
CA TYR A 75 55.18 -22.63 54.91
C TYR A 75 55.92 -23.55 55.83
N LEU A 76 55.14 -24.35 56.53
CA LEU A 76 55.65 -25.34 57.43
C LEU A 76 55.03 -26.62 57.03
N LYS A 77 55.71 -27.37 56.18
CA LYS A 77 55.33 -28.72 55.95
C LYS A 77 56.23 -29.54 56.81
N ASP A 78 55.77 -29.69 58.06
CA ASP A 78 56.27 -30.65 59.03
C ASP A 78 57.36 -30.14 59.92
N ASN A 79 56.97 -29.24 60.80
CA ASN A 79 57.81 -28.62 61.80
C ASN A 79 59.09 -27.97 61.35
N THR A 80 59.19 -27.69 60.07
CA THR A 80 60.37 -27.11 59.47
C THR A 80 59.94 -25.92 58.65
N LEU A 81 60.57 -24.78 58.86
CA LEU A 81 60.24 -23.60 58.10
C LEU A 81 60.81 -23.91 56.76
N SER A 82 60.20 -23.41 55.70
CA SER A 82 60.63 -23.78 54.37
C SER A 82 60.25 -22.71 53.40
N LEU A 83 60.83 -22.74 52.21
CA LEU A 83 60.65 -21.70 51.24
C LEU A 83 60.18 -22.27 49.92
N LYS A 84 59.48 -21.44 49.14
CA LYS A 84 58.99 -21.81 47.83
C LYS A 84 59.07 -20.60 46.94
N ASN A 85 59.04 -20.86 45.65
CA ASN A 85 59.05 -19.83 44.65
C ASN A 85 57.80 -19.96 43.82
N GLY A 86 57.07 -18.87 43.66
CA GLY A 86 55.95 -18.83 42.74
C GLY A 86 56.30 -19.09 41.29
N LYS A 87 57.37 -18.47 40.81
CA LYS A 87 57.62 -18.38 39.38
C LYS A 87 59.11 -18.43 39.07
N LYS A 88 59.47 -18.60 37.81
CA LYS A 88 60.87 -18.58 37.48
C LYS A 88 61.35 -17.21 37.91
N GLU A 89 62.66 -17.02 37.97
CA GLU A 89 63.22 -15.73 38.33
C GLU A 89 64.35 -15.47 37.39
N ASN A 90 64.68 -14.22 37.13
CA ASN A 90 65.76 -13.95 36.19
C ASN A 90 66.99 -14.56 36.78
N ILE A 91 67.76 -15.24 35.95
CA ILE A 91 68.89 -15.98 36.45
C ILE A 91 69.86 -14.99 37.09
N ASP A 92 69.97 -13.82 36.51
CA ASP A 92 70.92 -12.83 36.98
C ASP A 92 70.32 -11.47 37.24
N ARG A 93 70.48 -10.97 38.46
CA ARG A 93 70.12 -9.60 38.78
C ARG A 93 71.19 -9.07 39.70
N GLU A 94 71.63 -7.84 39.46
CA GLU A 94 72.70 -7.27 40.24
C GLU A 94 72.13 -6.79 41.56
N TYR A 95 72.06 -7.68 42.54
CA TYR A 95 71.46 -7.32 43.82
C TYR A 95 72.17 -6.22 44.61
N SER A 96 73.49 -6.25 44.64
CA SER A 96 74.23 -5.22 45.39
C SER A 96 73.88 -5.23 46.89
N GLU A 97 73.59 -4.05 47.45
CA GLU A 97 73.08 -3.92 48.81
C GLU A 97 71.76 -3.18 48.75
N THR A 98 70.70 -3.79 49.25
CA THR A 98 69.37 -3.22 49.17
C THR A 98 68.31 -4.21 49.68
N ASP A 104 66.72 -2.58 57.47
CA ASP A 104 65.99 -1.50 58.10
C ASP A 104 64.71 -1.20 57.35
N VAL A 105 64.20 -2.24 56.67
CA VAL A 105 63.00 -2.12 55.85
C VAL A 105 61.71 -2.70 56.42
N ARG A 106 61.80 -3.33 57.57
CA ARG A 106 60.68 -4.07 58.14
C ARG A 106 60.89 -4.31 59.62
N ASP A 107 59.94 -4.95 60.27
CA ASP A 107 60.06 -5.20 61.69
C ASP A 107 61.35 -5.96 61.89
N LYS A 108 62.06 -5.63 62.96
CA LYS A 108 63.46 -5.98 63.06
C LYS A 108 63.79 -7.45 63.07
N LYS A 109 63.00 -8.26 63.74
CA LYS A 109 63.43 -9.62 64.01
C LYS A 109 63.66 -10.39 62.73
N ASN A 110 62.76 -10.17 61.79
CA ASN A 110 62.69 -10.94 60.55
C ASN A 110 63.81 -10.66 59.56
N PHE A 111 64.55 -9.58 59.78
CA PHE A 111 65.48 -9.06 58.78
C PHE A 111 66.59 -10.05 58.40
N ALA A 112 67.10 -10.80 59.35
CA ALA A 112 68.32 -11.52 59.12
C ALA A 112 68.14 -12.48 57.97
N VAL A 113 67.02 -13.17 57.93
CA VAL A 113 66.81 -14.16 56.90
C VAL A 113 66.40 -13.51 55.62
N LEU A 114 65.74 -12.38 55.72
CA LEU A 114 65.20 -11.73 54.54
C LEU A 114 66.29 -11.24 53.60
N LYS A 115 67.35 -10.67 54.16
CA LYS A 115 68.50 -10.23 53.35
C LYS A 115 69.17 -11.39 52.69
N LYS A 116 69.38 -12.45 53.46
CA LYS A 116 70.04 -13.67 52.97
C LYS A 116 69.24 -14.27 51.83
N ILE A 117 67.93 -14.23 51.99
CA ILE A 117 67.01 -14.68 50.97
C ILE A 117 67.17 -13.83 49.73
N TYR A 118 67.35 -12.53 49.93
CA TYR A 118 67.48 -11.61 48.82
C TYR A 118 68.72 -11.88 48.00
N LEU A 119 69.77 -12.32 48.68
CA LEU A 119 71.05 -12.60 48.04
C LEU A 119 71.27 -14.10 47.78
N ASN A 120 70.28 -14.95 48.08
CA ASN A 120 70.33 -16.38 47.80
C ASN A 120 71.15 -17.18 48.82
N GLU A 121 71.59 -16.53 49.86
CA GLU A 121 72.75 -17.03 50.60
C GLU A 121 72.65 -18.41 51.26
N ASN A 122 71.55 -18.70 51.97
CA ASN A 122 71.50 -19.95 52.74
C ASN A 122 70.12 -20.43 53.13
N VAL A 123 70.03 -21.72 53.44
CA VAL A 123 68.73 -22.28 53.82
C VAL A 123 68.34 -21.68 55.15
N ASN A 124 69.25 -21.77 56.10
CA ASN A 124 69.01 -21.23 57.44
C ASN A 124 67.66 -21.71 57.96
N SER A 125 67.36 -22.99 57.75
CA SER A 125 66.02 -23.48 58.00
C SER A 125 65.58 -23.21 59.42
N GLU A 126 66.50 -23.36 60.36
CA GLU A 126 66.20 -23.02 61.72
C GLU A 126 65.88 -21.55 61.74
N GLU A 127 66.61 -20.78 60.92
CA GLU A 127 66.40 -19.34 60.84
C GLU A 127 65.06 -18.94 60.19
N LEU A 128 64.38 -19.91 59.59
CA LEU A 128 63.03 -19.65 59.10
C LEU A 128 62.02 -19.76 60.21
N GLU A 129 62.47 -20.08 61.42
CA GLU A 129 61.59 -20.19 62.57
C GLU A 129 61.07 -18.84 63.05
N VAL A 130 61.67 -17.75 62.59
CA VAL A 130 61.21 -16.42 62.92
C VAL A 130 59.74 -16.33 62.63
N PHE A 131 59.37 -16.88 61.50
CA PHE A 131 58.01 -16.78 61.00
C PHE A 131 57.04 -17.83 61.56
N ARG A 132 57.46 -18.60 62.55
CA ARG A 132 56.60 -19.66 63.05
C ARG A 132 55.32 -19.13 63.63
N ASN A 133 55.42 -18.06 64.41
CA ASN A 133 54.25 -17.52 65.08
C ASN A 133 53.27 -16.86 64.15
N ASP A 134 53.77 -16.31 63.06
CA ASP A 134 52.88 -15.75 62.01
C ASP A 134 52.03 -16.83 61.37
N ILE A 135 52.57 -18.04 61.26
CA ILE A 135 51.87 -19.12 60.59
C ILE A 135 50.83 -19.76 61.50
N LYS A 136 51.21 -20.12 62.73
CA LYS A 136 50.25 -20.74 63.64
C LYS A 136 49.02 -19.87 63.77
N LYS A 137 49.14 -18.57 63.49
CA LYS A 137 47.99 -17.70 63.46
C LYS A 137 47.17 -17.96 62.21
N LYS A 138 47.81 -17.93 61.03
CA LYS A 138 47.16 -18.39 59.79
C LYS A 138 46.52 -19.74 60.00
N LEU A 139 47.27 -20.70 60.52
CA LEU A 139 46.74 -22.04 60.70
C LEU A 139 45.50 -22.03 61.59
N ASN A 140 45.41 -21.10 62.51
CA ASN A 140 44.22 -21.00 63.34
C ASN A 140 43.04 -20.31 62.67
N LYS A 141 43.35 -19.32 61.82
CA LYS A 141 42.35 -18.72 60.97
C LYS A 141 41.81 -19.77 59.98
N ILE A 142 42.70 -20.37 59.20
CA ILE A 142 42.30 -21.43 58.29
C ILE A 142 41.47 -22.47 59.04
N ASN A 143 41.78 -22.70 60.30
CA ASN A 143 41.03 -23.72 61.01
C ASN A 143 39.66 -23.28 61.41
N SER A 144 39.54 -22.11 62.01
CA SER A 144 38.21 -21.62 62.32
C SER A 144 37.37 -21.47 61.06
N LEU A 145 38.00 -21.14 59.94
CA LEU A 145 37.29 -21.01 58.69
C LEU A 145 36.68 -22.33 58.28
N LYS A 146 37.52 -23.34 58.09
CA LYS A 146 37.04 -24.67 57.66
C LYS A 146 35.80 -25.12 58.38
N TYR A 147 35.59 -24.57 59.59
CA TYR A 147 34.40 -24.82 60.35
C TYR A 147 33.23 -23.94 59.98
N SER A 148 33.53 -22.68 59.65
CA SER A 148 32.52 -21.77 59.12
C SER A 148 32.03 -22.22 57.76
N PHE A 149 32.81 -23.06 57.07
CA PHE A 149 32.34 -23.65 55.83
C PHE A 149 31.53 -24.90 56.12
N GLU A 150 31.98 -25.68 57.07
CA GLU A 150 31.34 -26.96 57.39
C GLU A 150 29.90 -26.75 57.86
N LYS A 151 29.71 -25.73 58.69
CA LYS A 151 28.44 -25.45 59.30
C LYS A 151 27.45 -24.65 58.42
N ASN A 152 27.91 -24.19 57.27
CA ASN A 152 27.06 -23.53 56.31
C ASN A 152 26.63 -24.62 55.37
N LYS A 153 25.41 -25.08 55.54
CA LYS A 153 24.92 -26.27 54.87
C LYS A 153 23.46 -26.12 54.65
N ALA A 154 22.90 -26.95 53.78
CA ALA A 154 21.49 -26.87 53.52
C ALA A 154 20.77 -27.16 54.80
N ASN A 155 19.82 -26.30 55.18
CA ASN A 155 19.08 -26.50 56.40
C ASN A 155 17.57 -26.32 56.31
N TYR A 156 17.04 -26.32 55.11
CA TYR A 156 15.62 -26.09 54.92
C TYR A 156 15.04 -27.42 54.51
N GLN A 157 14.00 -27.87 55.19
CA GLN A 157 13.49 -29.20 54.93
C GLN A 157 11.98 -29.24 54.93
N LYS A 158 11.43 -30.23 54.24
CA LYS A 158 10.00 -30.37 54.07
C LYS A 158 9.54 -31.61 54.78
N ILE A 159 8.50 -31.47 55.58
CA ILE A 159 7.86 -32.61 56.21
C ILE A 159 6.44 -32.81 55.72
N ASN A 160 6.18 -33.93 55.06
CA ASN A 160 4.82 -34.23 54.64
C ASN A 160 3.88 -34.40 55.81
N GLU A 161 4.37 -35.09 56.85
CA GLU A 161 3.65 -35.20 58.11
C GLU A 161 2.53 -36.22 57.99
N ASN A 162 2.37 -36.77 56.78
CA ASN A 162 1.33 -37.75 56.50
C ASN A 162 0.00 -37.05 56.34
N ASN A 163 -0.01 -35.75 56.63
CA ASN A 163 -1.17 -34.90 56.54
C ASN A 163 -0.75 -33.52 56.08
N ILE A 164 -0.03 -32.84 56.98
CA ILE A 164 0.31 -31.41 56.95
C ILE A 164 1.24 -30.72 55.92
N GLU A 165 2.35 -31.36 55.56
CA GLU A 165 3.24 -30.79 54.53
C GLU A 165 3.91 -29.41 54.73
N LYS A 166 4.46 -29.15 55.92
CA LYS A 166 5.22 -27.92 56.20
C LYS A 166 6.69 -27.90 55.73
N VAL A 167 7.30 -26.72 55.69
CA VAL A 167 8.75 -26.58 55.52
C VAL A 167 9.34 -25.81 56.67
N GLU A 168 10.48 -26.25 57.16
CA GLU A 168 11.14 -25.52 58.22
C GLU A 168 12.63 -25.72 58.13
N GLY A 169 13.35 -24.79 58.74
CA GLY A 169 14.79 -24.75 58.70
C GLY A 169 15.36 -25.39 59.94
N LYS A 170 16.52 -26.04 59.80
CA LYS A 170 17.15 -26.69 60.94
C LYS A 170 18.43 -25.97 61.41
N SER A 171 18.70 -24.77 60.90
CA SER A 171 19.80 -23.99 61.41
C SER A 171 19.45 -23.63 62.82
N LYS A 172 20.44 -23.44 63.66
CA LYS A 172 20.17 -22.97 65.00
C LYS A 172 19.52 -21.61 64.86
N ARG A 173 20.02 -20.80 63.94
CA ARG A 173 19.35 -19.56 63.63
C ARG A 173 17.88 -19.80 63.35
N ASN A 174 17.56 -20.79 62.54
CA ASN A 174 16.18 -20.99 62.11
C ASN A 174 15.30 -21.64 63.17
N ILE A 175 15.90 -22.42 64.06
CA ILE A 175 15.11 -22.99 65.13
C ILE A 175 14.48 -21.88 65.98
N ILE A 176 15.13 -20.72 66.01
CA ILE A 176 14.61 -19.57 66.72
C ILE A 176 13.64 -18.76 65.88
N TYR A 177 13.76 -18.80 64.57
CA TYR A 177 12.74 -18.19 63.74
C TYR A 177 11.44 -18.94 63.87
N ASP A 178 11.44 -20.26 63.68
CA ASP A 178 10.20 -21.03 63.80
C ASP A 178 9.41 -20.68 65.04
N TYR A 179 10.08 -20.71 66.18
CA TYR A 179 9.40 -20.34 67.43
C TYR A 179 8.58 -19.06 67.22
N TYR A 180 9.18 -18.06 66.57
CA TYR A 180 8.54 -16.78 66.31
C TYR A 180 8.01 -16.65 64.89
N ARG A 181 7.76 -17.79 64.27
CA ARG A 181 7.33 -17.82 62.90
C ARG A 181 6.03 -17.11 62.78
N GLU A 182 5.19 -17.33 63.78
CA GLU A 182 3.84 -16.83 63.77
C GLU A 182 3.71 -15.34 64.03
N SER A 183 2.67 -14.77 63.45
CA SER A 183 2.38 -13.36 63.55
C SER A 183 2.13 -13.03 64.98
N ALA A 184 1.50 -13.94 65.69
CA ALA A 184 1.10 -13.66 67.05
C ALA A 184 2.33 -13.34 67.86
N LYS A 185 3.43 -14.05 67.61
CA LYS A 185 4.61 -13.98 68.45
C LYS A 185 5.55 -12.86 68.07
N ARG A 186 5.19 -12.11 67.08
CA ARG A 186 6.05 -11.08 66.55
C ARG A 186 6.34 -10.02 67.59
N ASP A 187 5.35 -9.64 68.36
CA ASP A 187 5.53 -8.65 69.42
C ASP A 187 6.42 -9.04 70.60
N ALA A 188 6.36 -10.29 71.01
CA ALA A 188 7.33 -10.87 71.95
C ALA A 188 8.74 -10.94 71.40
N TYR A 189 8.89 -11.35 70.15
CA TYR A 189 10.19 -11.44 69.47
C TYR A 189 10.85 -10.08 69.47
N VAL A 190 10.06 -9.03 69.27
CA VAL A 190 10.60 -7.68 69.29
C VAL A 190 11.05 -7.27 70.68
N SER A 191 10.32 -7.63 71.73
CA SER A 191 10.73 -7.25 73.07
C SER A 191 12.02 -7.94 73.47
N ASN A 192 12.09 -9.23 73.16
CA ASN A 192 13.25 -10.03 73.50
C ASN A 192 14.45 -9.42 72.90
N VAL A 193 14.31 -8.91 71.69
CA VAL A 193 15.37 -8.15 71.08
C VAL A 193 15.71 -6.95 71.95
N LYS A 194 14.68 -6.20 72.30
CA LYS A 194 14.95 -4.95 73.03
C LYS A 194 15.58 -5.26 74.38
N GLU A 195 15.14 -6.32 75.06
CA GLU A 195 15.83 -6.76 76.27
C GLU A 195 17.30 -6.91 75.99
N ALA A 196 17.61 -7.66 74.95
CA ALA A 196 18.98 -8.01 74.65
C ALA A 196 19.77 -6.76 74.32
N PHE A 197 19.22 -5.89 73.50
CA PHE A 197 19.97 -4.70 73.13
C PHE A 197 20.27 -3.87 74.36
N ASP A 198 19.31 -3.81 75.27
CA ASP A 198 19.48 -3.06 76.51
C ASP A 198 20.51 -3.66 77.45
N LYS A 199 20.58 -4.99 77.48
CA LYS A 199 21.59 -5.63 78.32
C LYS A 199 23.00 -5.35 77.84
N LEU A 200 23.22 -5.49 76.55
CA LEU A 200 24.56 -5.26 75.97
C LEU A 200 24.95 -3.80 75.96
N TYR A 201 24.02 -2.97 75.49
CA TYR A 201 24.33 -1.61 75.09
C TYR A 201 23.57 -0.60 75.92
N LYS A 202 24.31 0.36 76.46
CA LYS A 202 23.78 1.37 77.35
C LYS A 202 24.11 2.71 76.75
N GLU A 203 23.23 3.66 77.02
CA GLU A 203 23.28 4.94 76.35
C GLU A 203 24.56 5.71 76.56
N GLU A 204 25.13 5.65 77.75
CA GLU A 204 26.36 6.41 78.01
C GLU A 204 27.48 5.89 77.14
N ASP A 205 27.68 4.58 77.14
CA ASP A 205 28.80 4.01 76.41
C ASP A 205 28.61 4.14 74.92
N ILE A 206 27.41 3.91 74.45
CA ILE A 206 27.16 4.04 73.02
C ILE A 206 27.35 5.48 72.60
N ALA A 207 26.92 6.41 73.43
CA ALA A 207 27.01 7.82 73.10
C ALA A 207 28.45 8.23 72.85
N LYS A 208 29.35 7.44 73.40
CA LYS A 208 30.78 7.71 73.37
C LYS A 208 31.56 6.93 72.33
N LEU A 209 31.06 5.75 71.96
CA LEU A 209 31.50 5.11 70.73
C LEU A 209 31.33 6.07 69.57
N VAL A 210 30.12 6.60 69.47
CA VAL A 210 29.76 7.42 68.33
C VAL A 210 30.70 8.62 68.26
N LEU A 211 31.20 9.05 69.39
CA LEU A 211 32.17 10.10 69.35
C LEU A 211 33.40 9.61 68.64
N GLU A 212 33.85 8.42 69.01
CA GLU A 212 35.09 7.87 68.47
C GLU A 212 34.98 7.58 66.99
N ILE A 213 33.88 6.99 66.58
CA ILE A 213 33.68 6.72 65.17
C ILE A 213 33.58 8.05 64.46
N GLU A 214 32.90 8.99 65.11
CA GLU A 214 32.71 10.31 64.55
C GLU A 214 34.05 10.97 64.38
N ASN A 215 34.92 10.78 65.36
CA ASN A 215 36.26 11.33 65.27
C ASN A 215 37.23 10.22 64.90
N LEU A 216 37.41 10.03 63.60
CA LEU A 216 38.22 8.95 63.08
C LEU A 216 39.47 9.50 62.45
N THR A 217 40.59 8.87 62.77
CA THR A 217 41.88 9.27 62.29
C THR A 217 42.47 8.00 61.76
N LYS A 218 43.26 8.04 60.70
CA LYS A 218 43.62 6.81 60.03
C LYS A 218 44.32 5.89 61.02
N LEU A 219 43.80 4.68 61.09
CA LEU A 219 44.27 3.68 62.02
C LEU A 219 44.30 4.12 63.47
N GLU A 220 43.34 4.94 63.86
CA GLU A 220 42.97 5.09 65.25
C GLU A 220 41.77 4.19 65.56
N LYS A 221 41.36 3.42 64.56
CA LYS A 221 40.23 2.52 64.62
C LYS A 221 40.48 1.47 65.67
N TYR A 222 41.74 1.21 65.96
CA TYR A 222 42.05 0.27 67.02
C TYR A 222 41.46 0.81 68.29
N LYS A 223 41.27 2.12 68.35
CA LYS A 223 40.62 2.73 69.48
C LYS A 223 39.20 2.27 69.62
N ILE A 224 38.49 2.18 68.50
CA ILE A 224 37.08 1.80 68.52
C ILE A 224 36.94 0.31 68.86
N ARG A 225 37.70 -0.53 68.18
CA ARG A 225 37.72 -1.94 68.50
C ARG A 225 38.04 -2.08 69.99
N GLU A 226 39.08 -1.39 70.41
CA GLU A 226 39.58 -1.51 71.74
C GLU A 226 38.46 -1.13 72.67
N PHE A 227 37.74 -0.07 72.34
CA PHE A 227 36.57 0.33 73.12
C PHE A 227 35.41 -0.65 73.07
N TYR A 228 35.14 -1.21 71.91
CA TYR A 228 33.99 -2.11 71.78
C TYR A 228 34.14 -3.34 72.65
N HIS A 229 35.35 -3.87 72.73
CA HIS A 229 35.63 -5.04 73.53
C HIS A 229 35.36 -4.77 75.00
N GLU A 230 35.65 -3.57 75.43
CA GLU A 230 35.33 -3.14 76.77
C GLU A 230 33.84 -3.07 77.05
N ILE A 231 33.08 -2.58 76.11
CA ILE A 231 31.64 -2.54 76.26
C ILE A 231 31.10 -3.93 76.39
N ILE A 232 31.67 -4.83 75.59
CA ILE A 232 31.21 -6.20 75.47
C ILE A 232 31.90 -7.06 76.52
N GLY A 233 32.76 -6.46 77.31
CA GLY A 233 33.42 -7.17 78.38
C GLY A 233 34.20 -8.38 77.96
N ARG A 234 34.91 -8.27 76.86
CA ARG A 234 35.78 -9.36 76.40
C ARG A 234 36.80 -9.80 77.44
N LYS A 235 37.38 -8.83 78.14
CA LYS A 235 38.41 -9.12 79.11
C LYS A 235 37.85 -9.98 80.22
N ASN A 236 36.62 -9.74 80.64
CA ASN A 236 36.00 -10.55 81.67
C ASN A 236 35.75 -11.99 81.26
N ASP A 237 35.20 -12.19 80.09
CA ASP A 237 34.89 -13.53 79.62
C ASP A 237 36.16 -14.37 79.43
N LYS A 238 37.14 -13.82 78.71
CA LYS A 238 38.39 -14.51 78.41
C LYS A 238 39.21 -14.76 79.66
N GLU A 239 39.36 -13.74 80.48
CA GLU A 239 40.21 -13.81 81.64
C GLU A 239 39.57 -14.75 82.63
N ASN A 240 38.27 -14.61 82.82
CA ASN A 240 37.63 -15.14 84.02
C ASN A 240 36.85 -16.41 83.87
N PHE A 241 35.93 -16.42 82.92
CA PHE A 241 35.01 -17.53 82.83
C PHE A 241 35.32 -18.51 81.71
N ALA A 242 36.25 -18.21 80.81
CA ALA A 242 36.30 -19.04 79.58
C ALA A 242 36.69 -20.53 79.73
N LYS A 243 37.75 -20.83 80.48
CA LYS A 243 38.16 -22.21 80.68
C LYS A 243 37.17 -22.99 81.51
N ILE A 244 36.68 -22.36 82.57
CA ILE A 244 35.77 -23.03 83.51
C ILE A 244 34.51 -23.43 82.77
N ILE A 245 34.06 -22.56 81.89
CA ILE A 245 32.88 -22.84 81.10
C ILE A 245 33.10 -24.03 80.20
N TYR A 246 34.25 -24.10 79.56
CA TYR A 246 34.43 -25.20 78.64
C TYR A 246 34.46 -26.53 79.36
N GLU A 247 35.29 -26.66 80.39
CA GLU A 247 35.37 -27.93 81.08
C GLU A 247 34.05 -28.29 81.74
N GLU A 248 33.41 -27.31 82.35
CA GLU A 248 32.10 -27.54 82.96
C GLU A 248 31.07 -27.93 81.91
N ILE A 249 31.28 -27.43 80.71
CA ILE A 249 30.37 -27.72 79.64
C ILE A 249 30.30 -29.23 79.47
N GLN A 250 31.44 -29.89 79.67
CA GLN A 250 31.48 -31.33 79.67
C GLN A 250 30.65 -31.96 80.78
N ASN A 251 30.68 -31.35 81.96
CA ASN A 251 30.06 -32.00 83.12
C ASN A 251 28.56 -32.15 83.09
N VAL A 252 27.83 -31.22 82.48
CA VAL A 252 26.38 -31.24 82.48
C VAL A 252 25.70 -31.33 81.12
N ASN A 253 24.66 -32.17 80.98
CA ASN A 253 23.83 -32.19 79.73
C ASN A 253 23.07 -30.91 79.43
N ASN A 254 22.45 -30.30 80.42
CA ASN A 254 21.52 -29.20 80.19
C ASN A 254 22.17 -27.84 80.18
N LYS A 256 20.53 -25.72 81.63
CA LYS A 256 20.10 -25.46 82.99
C LYS A 256 21.12 -25.96 83.97
N GLU A 257 21.59 -27.16 83.73
CA GLU A 257 22.60 -27.79 84.56
C GLU A 257 23.90 -27.01 84.54
N LEU A 258 24.25 -26.45 83.40
CA LEU A 258 25.40 -25.57 83.33
C LEU A 258 25.25 -24.32 84.14
N ILE A 259 24.08 -23.72 84.14
CA ILE A 259 23.93 -22.45 84.82
C ILE A 259 24.13 -22.63 86.32
N GLU A 260 23.63 -23.72 86.85
CA GLU A 260 23.78 -23.98 88.28
C GLU A 260 25.26 -24.05 88.62
N LYS A 261 26.00 -24.75 87.76
CA LYS A 261 27.44 -24.94 87.95
C LYS A 261 28.20 -23.63 87.89
N VAL A 262 27.82 -22.75 86.98
CA VAL A 262 28.39 -21.40 86.96
C VAL A 262 27.23 -20.42 86.94
N PRO A 263 26.98 -19.68 88.07
CA PRO A 263 25.76 -18.87 88.01
C PRO A 263 26.06 -17.42 87.72
N ASP A 264 27.32 -17.09 87.49
CA ASP A 264 27.71 -15.71 87.31
C ASP A 264 28.45 -15.90 86.03
N SER A 266 28.37 -13.88 82.37
CA SER A 266 27.96 -12.71 81.64
C SER A 266 26.84 -13.06 80.68
N GLU A 267 25.95 -12.11 80.50
CA GLU A 267 24.79 -12.36 79.70
C GLU A 267 25.14 -12.70 78.26
N LEU A 268 26.03 -11.93 77.65
CA LEU A 268 26.46 -12.22 76.29
C LEU A 268 27.24 -13.53 76.19
N LYS A 269 28.21 -13.71 77.05
CA LYS A 269 28.98 -14.94 77.08
C LYS A 269 28.15 -16.16 77.41
N LYS A 270 26.93 -15.97 77.94
CA LYS A 270 26.02 -17.09 78.15
C LYS A 270 25.01 -17.31 77.04
N SER A 271 24.74 -16.28 76.25
CA SER A 271 24.02 -16.39 74.99
C SER A 271 24.89 -17.08 73.93
N GLN A 272 26.16 -16.72 73.87
CA GLN A 272 27.09 -17.33 72.92
C GLN A 272 27.20 -18.80 73.21
N VAL A 273 27.22 -19.14 74.49
CA VAL A 273 27.31 -20.54 74.88
C VAL A 273 26.06 -21.30 74.46
N PHE A 274 24.90 -20.72 74.73
CA PHE A 274 23.65 -21.41 74.46
C PHE A 274 23.59 -21.76 73.01
N TYR A 275 23.97 -20.79 72.19
CA TYR A 275 23.85 -20.94 70.75
C TYR A 275 24.70 -22.08 70.18
N LYS A 276 25.97 -22.17 70.56
CA LYS A 276 26.86 -23.21 70.05
C LYS A 276 26.51 -24.60 70.56
N TYR A 277 26.21 -24.71 71.84
CA TYR A 277 26.15 -26.01 72.46
C TYR A 277 24.76 -26.49 72.77
N TYR A 278 23.87 -25.63 73.19
CA TYR A 278 22.61 -26.10 73.74
C TYR A 278 21.35 -25.76 72.96
N LEU A 279 21.39 -24.72 72.14
CA LEU A 279 20.21 -24.27 71.42
C LEU A 279 19.73 -25.38 70.53
N ASP A 280 20.68 -26.04 69.91
CA ASP A 280 20.38 -26.99 68.89
C ASP A 280 19.48 -28.13 69.42
N LYS A 281 19.76 -28.58 70.62
CA LYS A 281 19.12 -29.75 71.17
C LYS A 281 18.56 -29.64 72.58
N GLU A 282 17.49 -28.88 72.75
CA GLU A 282 16.58 -29.05 73.90
C GLU A 282 15.25 -28.35 73.66
N GLU A 283 14.20 -28.81 74.34
CA GLU A 283 12.90 -28.21 74.16
C GLU A 283 13.01 -26.73 74.43
N LEU A 284 12.37 -25.93 73.59
CA LEU A 284 12.41 -24.50 73.75
C LEU A 284 11.23 -24.08 74.57
N ASN A 285 11.49 -23.33 75.62
CA ASN A 285 10.47 -22.79 76.46
C ASN A 285 10.64 -21.29 76.35
N ASP A 286 9.62 -20.54 76.73
CA ASP A 286 9.72 -19.08 76.62
C ASP A 286 10.89 -18.57 77.43
N LYS A 287 11.20 -19.22 78.54
CA LYS A 287 12.42 -18.90 79.30
C LYS A 287 13.71 -19.21 78.57
N ASN A 288 13.77 -20.35 77.89
CA ASN A 288 14.97 -20.78 77.13
C ASN A 288 15.36 -19.89 75.99
N ILE A 289 14.36 -19.45 75.24
CA ILE A 289 14.59 -18.75 73.99
C ILE A 289 15.29 -17.42 74.22
N LYS A 290 15.04 -16.81 75.37
CA LYS A 290 15.62 -15.52 75.70
C LYS A 290 17.12 -15.56 75.64
N TYR A 291 17.69 -16.71 76.00
CA TYR A 291 19.12 -16.89 75.98
C TYR A 291 19.72 -16.67 74.61
N ALA A 292 18.98 -17.07 73.60
CA ALA A 292 19.47 -16.98 72.24
C ALA A 292 19.71 -15.55 71.78
N PHE A 293 18.92 -14.59 72.25
CA PHE A 293 18.88 -13.26 71.66
C PHE A 293 20.11 -12.37 71.78
N CYS A 294 20.80 -12.39 72.90
CA CYS A 294 21.94 -11.48 73.06
C CYS A 294 23.00 -11.71 72.00
N HIS A 295 23.22 -12.95 71.63
CA HIS A 295 24.12 -13.28 70.55
C HIS A 295 23.65 -12.73 69.21
N PHE A 296 22.37 -12.77 68.94
CA PHE A 296 21.83 -12.27 67.68
C PHE A 296 22.00 -10.76 67.50
N VAL A 297 21.75 -10.02 68.57
CA VAL A 297 21.91 -8.57 68.56
C VAL A 297 23.38 -8.17 68.46
N GLU A 298 24.24 -8.85 69.20
CA GLU A 298 25.68 -8.59 69.08
C GLU A 298 26.14 -8.68 67.63
N ILE A 299 25.79 -9.75 66.96
CA ILE A 299 26.27 -9.99 65.61
C ILE A 299 25.87 -8.87 64.68
N GLU A 300 24.65 -8.38 64.83
CA GLU A 300 24.18 -7.27 64.02
C GLU A 300 24.98 -6.00 64.22
N SER A 302 28.23 -5.97 65.36
CA SER A 302 29.55 -6.28 64.84
C SER A 302 29.54 -6.24 63.35
N GLN A 303 28.45 -6.67 62.79
CA GLN A 303 28.30 -6.57 61.36
C GLN A 303 28.24 -5.12 60.93
N LEU A 304 27.59 -4.28 61.70
CA LEU A 304 27.55 -2.86 61.39
C LEU A 304 28.88 -2.22 61.52
N LEU A 305 29.61 -2.54 62.59
CA LEU A 305 30.94 -2.00 62.74
C LEU A 305 31.84 -2.46 61.61
N LYS A 306 31.76 -3.74 61.30
CA LYS A 306 32.58 -4.33 60.26
C LYS A 306 32.35 -3.61 58.94
N ASN A 307 31.09 -3.48 58.57
CA ASN A 307 30.71 -2.77 57.38
C ASN A 307 30.98 -1.28 57.34
N TYR A 308 30.75 -0.58 58.44
CA TYR A 308 30.88 0.87 58.42
C TYR A 308 32.14 1.50 59.02
N VAL A 309 32.47 1.13 60.23
CA VAL A 309 33.65 1.71 60.86
C VAL A 309 34.95 1.14 60.34
N TYR A 310 35.03 -0.18 60.32
CA TYR A 310 36.28 -0.89 60.02
C TYR A 310 36.68 -0.84 58.54
N LYS A 311 35.71 -0.88 57.65
CA LYS A 311 35.98 -0.83 56.22
C LYS A 311 35.71 0.49 55.51
N ARG A 312 34.59 1.12 55.80
CA ARG A 312 34.17 2.29 55.04
C ARG A 312 33.68 3.34 56.00
N SER A 317 28.79 9.15 52.65
CA SER A 317 29.09 8.22 53.73
C SER A 317 29.74 8.88 54.95
N ASN A 318 30.20 10.11 54.81
CA ASN A 318 31.03 10.68 55.84
C ASN A 318 30.42 10.90 57.22
N ASP A 319 29.23 11.47 57.30
CA ASP A 319 28.64 11.72 58.63
C ASP A 319 27.25 11.17 58.77
N LYS A 320 26.85 10.39 57.79
CA LYS A 320 25.57 9.71 57.82
C LYS A 320 25.59 8.76 59.00
N ILE A 321 26.79 8.40 59.45
CA ILE A 321 26.96 7.35 60.42
C ILE A 321 26.17 7.70 61.64
N LYS A 322 26.14 8.96 62.00
CA LYS A 322 25.33 9.38 63.13
C LYS A 322 23.92 8.82 62.98
N ARG A 323 23.46 8.66 61.76
CA ARG A 323 22.10 8.19 61.53
C ARG A 323 21.83 6.78 62.01
N ILE A 324 22.79 5.88 61.81
CA ILE A 324 22.59 4.48 62.16
C ILE A 324 23.22 4.09 63.47
N PHE A 325 23.99 5.01 64.03
CA PHE A 325 24.74 4.70 65.23
C PHE A 325 24.28 5.43 66.48
N GLU A 326 23.49 6.50 66.38
CA GLU A 326 22.87 7.08 67.56
C GLU A 326 22.14 6.00 68.34
N TYR A 327 22.13 6.13 69.66
CA TYR A 327 21.54 5.11 70.52
C TYR A 327 20.10 4.77 70.18
N GLN A 328 19.28 5.79 69.94
CA GLN A 328 17.87 5.54 69.69
C GLN A 328 17.66 4.97 68.30
N ASN A 329 18.40 5.45 67.30
CA ASN A 329 18.30 4.88 65.93
C ASN A 329 18.85 3.48 65.85
N LEU A 330 20.07 3.30 66.33
CA LEU A 330 20.71 2.01 66.30
C LEU A 330 19.80 0.93 66.90
N LYS A 331 19.06 1.28 67.94
CA LYS A 331 18.20 0.30 68.57
C LYS A 331 17.10 -0.12 67.61
N LYS A 332 16.45 0.85 66.98
CA LYS A 332 15.43 0.52 66.00
C LYS A 332 16.00 -0.23 64.81
N LEU A 333 17.16 0.21 64.35
CA LEU A 333 17.81 -0.43 63.22
C LEU A 333 17.96 -1.91 63.47
N ILE A 334 18.50 -2.28 64.62
CA ILE A 334 18.71 -3.69 64.89
C ILE A 334 17.38 -4.40 65.14
N GLU A 335 16.32 -3.69 65.49
CA GLU A 335 15.06 -4.39 65.62
C GLU A 335 14.48 -4.68 64.25
N ASN A 336 14.38 -3.67 63.40
CA ASN A 336 13.82 -3.89 62.08
C ASN A 336 14.60 -5.00 61.38
N LYS A 337 15.92 -4.96 61.51
CA LYS A 337 16.82 -5.91 60.87
C LYS A 337 16.47 -7.34 61.22
N LEU A 338 16.49 -7.69 62.49
CA LEU A 338 16.10 -9.01 62.88
C LEU A 338 14.66 -9.31 62.52
N LEU A 339 13.83 -8.30 62.33
CA LEU A 339 12.50 -8.54 61.78
C LEU A 339 12.58 -8.82 60.29
N ASN A 340 13.32 -8.01 59.58
CA ASN A 340 13.51 -8.24 58.16
C ASN A 340 14.09 -9.63 57.92
N LYS A 341 15.07 -10.03 58.75
CA LYS A 341 15.64 -11.36 58.61
C LYS A 341 14.63 -12.43 58.90
N LEU A 342 13.72 -12.15 59.82
CA LEU A 342 12.72 -13.13 60.20
C LEU A 342 11.64 -13.25 59.15
N ASP A 343 11.23 -12.12 58.58
CA ASP A 343 10.18 -12.14 57.56
C ASP A 343 10.63 -12.88 56.30
N THR A 344 11.91 -12.78 55.94
CA THR A 344 12.43 -13.49 54.78
C THR A 344 12.63 -14.95 55.06
N TYR A 345 12.47 -15.42 56.29
CA TYR A 345 12.57 -16.85 56.59
C TYR A 345 11.25 -17.55 56.43
N VAL A 346 10.16 -16.88 56.74
CA VAL A 346 8.86 -17.44 56.53
C VAL A 346 8.54 -17.43 55.04
N ARG A 347 9.06 -16.43 54.31
CA ARG A 347 8.92 -16.39 52.86
C ARG A 347 9.66 -17.55 52.21
N ASN A 348 10.86 -17.82 52.68
CA ASN A 348 11.64 -18.96 52.24
C ASN A 348 10.92 -20.27 52.49
N CYS A 349 10.18 -20.35 53.59
CA CYS A 349 9.38 -21.55 53.86
C CYS A 349 8.29 -21.73 52.83
N GLY A 350 7.60 -20.64 52.48
CA GLY A 350 6.66 -20.71 51.39
C GLY A 350 7.29 -21.20 50.10
N LYS A 351 8.39 -20.56 49.70
CA LYS A 351 9.06 -20.85 48.44
C LYS A 351 9.39 -22.33 48.35
N TYR A 352 10.10 -22.85 49.33
CA TYR A 352 10.50 -24.23 49.30
C TYR A 352 9.31 -25.15 49.43
N ASN A 353 8.26 -24.73 50.11
CA ASN A 353 7.10 -25.60 50.21
C ASN A 353 6.55 -25.94 48.82
N TYR A 354 6.68 -25.03 47.88
CA TYR A 354 6.23 -25.29 46.54
C TYR A 354 7.15 -26.22 45.76
N TYR A 355 8.45 -26.02 45.87
CA TYR A 355 9.41 -26.75 45.04
C TYR A 355 9.96 -28.05 45.64
N LEU A 356 9.60 -28.41 46.87
CA LEU A 356 10.24 -29.55 47.50
C LEU A 356 9.31 -30.71 47.72
N GLN A 357 9.79 -31.90 47.35
CA GLN A 357 9.11 -33.15 47.70
C GLN A 357 9.38 -33.36 49.17
N ASP A 358 8.63 -34.24 49.80
CA ASP A 358 8.69 -34.30 51.27
C ASP A 358 10.04 -34.67 51.82
N GLY A 359 10.77 -35.50 51.09
CA GLY A 359 12.13 -35.86 51.54
C GLY A 359 13.10 -34.71 51.66
N GLU A 360 12.94 -33.68 50.82
CA GLU A 360 14.08 -32.84 50.38
C GLU A 360 14.58 -31.78 51.35
N ILE A 361 15.79 -31.31 51.04
CA ILE A 361 16.43 -30.19 51.72
C ILE A 361 16.83 -29.22 50.63
N ALA A 362 16.89 -27.95 50.94
CA ALA A 362 17.18 -26.97 49.90
C ALA A 362 18.67 -26.77 49.73
N THR A 363 19.27 -27.58 48.88
CA THR A 363 20.71 -27.52 48.64
C THR A 363 21.05 -26.39 47.68
N SER A 364 22.33 -26.06 47.58
CA SER A 364 22.75 -24.93 46.75
C SER A 364 22.54 -25.13 45.26
N ASP A 365 22.48 -26.39 44.84
CA ASP A 365 22.18 -26.68 43.44
C ASP A 365 20.77 -26.28 43.08
N PHE A 366 19.81 -26.66 43.89
CA PHE A 366 18.43 -26.30 43.64
C PHE A 366 18.19 -24.81 43.71
N ILE A 367 18.73 -24.18 44.72
CA ILE A 367 18.46 -22.78 44.99
C ILE A 367 19.01 -21.92 43.88
N ALA A 368 20.15 -22.34 43.35
CA ALA A 368 20.87 -21.50 42.42
C ALA A 368 20.11 -21.30 41.11
N ARG A 369 19.49 -22.35 40.61
CA ARG A 369 18.79 -22.29 39.33
C ARG A 369 17.54 -21.43 39.33
N ASN A 370 16.93 -21.23 40.49
CA ASN A 370 15.78 -20.32 40.55
C ASN A 370 16.14 -18.88 40.31
N ARG A 371 17.20 -18.42 40.95
CA ARG A 371 17.58 -17.05 40.74
C ARG A 371 17.94 -16.82 39.28
N GLN A 372 18.68 -17.71 38.69
CA GLN A 372 19.07 -17.53 37.29
C GLN A 372 17.88 -17.56 36.35
N ASN A 373 16.95 -18.46 36.59
CA ASN A 373 15.79 -18.56 35.73
C ASN A 373 14.86 -17.35 35.80
N GLU A 374 14.56 -16.95 37.02
CA GLU A 374 13.67 -15.83 37.25
C GLU A 374 14.26 -14.54 36.72
N ALA A 375 15.54 -14.37 36.94
CA ALA A 375 16.22 -13.15 36.57
C ALA A 375 16.29 -12.96 35.07
N PHE A 376 16.56 -14.04 34.35
CA PHE A 376 16.55 -13.97 32.91
C PHE A 376 15.18 -13.53 32.46
N LEU A 377 14.18 -14.22 32.99
CA LEU A 377 12.84 -14.04 32.48
C LEU A 377 12.39 -12.66 32.61
N ARG A 378 12.80 -11.98 33.68
CA ARG A 378 12.46 -10.56 33.83
C ARG A 378 13.05 -9.69 32.74
N ASN A 379 14.24 -9.98 32.24
CA ASN A 379 14.76 -9.17 31.16
C ASN A 379 13.80 -9.12 30.00
N ILE A 380 13.07 -10.21 29.77
CA ILE A 380 12.11 -10.24 28.70
C ILE A 380 10.87 -9.38 29.01
N ILE A 381 10.74 -8.83 30.20
CA ILE A 381 9.67 -7.88 30.48
C ILE A 381 9.74 -6.68 29.56
N GLY A 382 10.94 -6.24 29.20
CA GLY A 382 11.08 -5.11 28.32
C GLY A 382 10.47 -5.34 26.96
N VAL A 383 10.59 -6.55 26.45
CA VAL A 383 10.11 -6.89 25.11
C VAL A 383 8.61 -6.79 24.97
N SER A 384 7.88 -7.37 25.91
CA SER A 384 6.44 -7.34 25.80
C SER A 384 5.95 -5.91 26.00
N SER A 385 6.53 -5.20 26.96
CA SER A 385 6.04 -3.88 27.29
C SER A 385 6.28 -2.90 26.17
N VAL A 386 7.50 -2.82 25.67
CA VAL A 386 7.76 -1.91 24.57
C VAL A 386 6.99 -2.30 23.31
N ALA A 387 6.54 -3.56 23.22
CA ALA A 387 5.75 -4.04 22.08
C ALA A 387 4.27 -3.73 22.18
N TYR A 388 3.74 -3.86 23.37
CA TYR A 388 2.40 -3.39 23.66
C TYR A 388 2.26 -1.92 23.30
N PHE A 389 3.22 -1.10 23.72
CA PHE A 389 3.11 0.33 23.53
C PHE A 389 3.12 0.73 22.06
N SER A 390 3.84 -0.04 21.25
CA SER A 390 3.78 0.18 19.82
C SER A 390 2.46 -0.27 19.23
N LEU A 391 2.00 -1.46 19.62
CA LEU A 391 0.64 -1.87 19.24
C LEU A 391 -0.38 -0.82 19.60
N ARG A 392 -0.18 -0.09 20.69
CA ARG A 392 -1.02 1.04 20.99
C ARG A 392 -0.85 2.15 19.99
N ASN A 393 0.38 2.40 19.57
CA ASN A 393 0.62 3.43 18.58
C ASN A 393 0.06 3.12 17.24
N ILE A 394 0.12 1.87 16.84
CA ILE A 394 -0.30 1.47 15.51
C ILE A 394 -1.76 1.79 15.30
N LEU A 395 -2.58 1.46 16.28
CA LEU A 395 -3.99 1.81 16.21
C LEU A 395 -4.19 2.86 17.25
N GLU A 396 -4.68 4.02 16.86
CA GLU A 396 -4.66 5.15 17.76
C GLU A 396 -5.84 5.02 18.72
N THR A 397 -5.73 4.10 19.67
CA THR A 397 -6.81 3.83 20.59
C THR A 397 -6.98 4.94 21.53
N GLU A 398 -8.19 5.06 22.05
CA GLU A 398 -8.47 6.03 23.07
C GLU A 398 -9.02 5.33 24.28
N ASN A 399 -8.16 4.53 24.90
CA ASN A 399 -8.45 3.91 26.15
C ASN A 399 -7.46 4.43 27.16
N GLU A 400 -7.94 4.97 28.25
CA GLU A 400 -7.07 5.26 29.36
C GLU A 400 -6.58 3.92 29.85
N ASN A 401 -7.50 2.95 29.84
CA ASN A 401 -7.27 1.59 30.33
C ASN A 401 -6.56 0.64 29.37
N ASP A 402 -6.05 -0.46 29.91
CA ASP A 402 -5.27 -1.43 29.12
C ASP A 402 -6.06 -2.10 28.03
N ILE A 403 -5.40 -2.30 26.91
CA ILE A 403 -6.05 -2.94 25.78
C ILE A 403 -5.59 -4.35 25.52
N THR A 404 -4.80 -4.89 26.42
CA THR A 404 -4.36 -6.25 26.27
C THR A 404 -5.58 -7.16 26.26
N GLY A 405 -5.57 -8.17 25.42
CA GLY A 405 -6.64 -9.15 25.44
C GLY A 405 -8.01 -8.79 24.93
N ARG A 406 -8.13 -7.75 24.13
CA ARG A 406 -9.40 -7.43 23.51
C ARG A 406 -9.25 -6.80 22.15
N ARG A 408 -10.77 -8.18 19.62
CA ARG A 408 -11.86 -8.77 18.88
C ARG A 408 -13.18 -8.44 19.52
N GLY A 409 -14.20 -8.29 18.70
CA GLY A 409 -15.51 -7.97 19.18
C GLY A 409 -16.05 -9.08 20.06
N LYS A 410 -16.74 -8.68 21.12
CA LYS A 410 -17.28 -9.61 22.09
C LYS A 410 -18.78 -9.47 22.13
N THR A 411 -19.47 -10.59 22.00
CA THR A 411 -20.91 -10.56 22.02
C THR A 411 -21.35 -11.35 23.22
N VAL A 412 -22.20 -10.72 24.02
CA VAL A 412 -22.51 -11.21 25.33
C VAL A 412 -24.01 -11.38 25.48
N LYS A 413 -24.39 -12.24 26.42
CA LYS A 413 -25.76 -12.31 26.86
C LYS A 413 -25.87 -11.35 28.02
N ASN A 414 -26.65 -10.29 27.81
CA ASN A 414 -26.81 -9.22 28.76
C ASN A 414 -27.77 -9.61 29.87
N ASN A 415 -27.84 -8.79 30.91
CA ASN A 415 -28.78 -9.05 31.98
C ASN A 415 -30.17 -9.05 31.35
N LYS A 416 -30.39 -8.13 30.42
CA LYS A 416 -31.64 -8.07 29.70
C LYS A 416 -31.46 -8.24 28.19
N GLY A 417 -32.27 -9.12 27.61
CA GLY A 417 -32.36 -9.31 26.17
C GLY A 417 -31.46 -10.38 25.60
N GLU A 418 -30.48 -10.82 26.37
CA GLU A 418 -29.77 -12.07 26.14
C GLU A 418 -28.67 -12.00 25.09
N GLU A 419 -28.54 -10.88 24.39
CA GLU A 419 -27.42 -10.70 23.47
C GLU A 419 -27.06 -9.24 23.29
N LYS A 420 -25.77 -8.94 23.26
CA LYS A 420 -25.30 -7.60 22.97
C LYS A 420 -23.88 -7.75 22.49
N TYR A 421 -23.36 -6.73 21.82
CA TYR A 421 -22.07 -6.84 21.16
C TYR A 421 -21.14 -5.74 21.57
N VAL A 422 -19.87 -6.02 21.78
CA VAL A 422 -19.01 -4.99 22.35
C VAL A 422 -17.87 -4.54 21.46
N SER A 423 -17.35 -3.37 21.76
CA SER A 423 -16.38 -2.72 20.93
C SER A 423 -15.19 -3.61 20.80
N GLY A 424 -14.74 -3.79 19.57
CA GLY A 424 -13.53 -4.50 19.33
C GLY A 424 -12.56 -3.43 18.98
N GLU A 425 -11.44 -3.40 19.70
CA GLU A 425 -10.41 -2.41 19.44
C GLU A 425 -9.98 -2.64 18.02
N VAL A 426 -10.03 -3.89 17.54
CA VAL A 426 -9.69 -4.09 16.15
C VAL A 426 -10.88 -3.71 15.32
N ASP A 427 -11.98 -3.38 15.98
CA ASP A 427 -13.23 -3.14 15.36
C ASP A 427 -13.56 -1.65 15.46
N LYS A 428 -12.94 -0.90 16.36
CA LYS A 428 -12.99 0.53 16.30
C LYS A 428 -12.24 1.07 15.09
N ILE A 429 -11.31 0.31 14.54
CA ILE A 429 -10.54 0.79 13.40
C ILE A 429 -11.44 1.36 12.32
N TYR A 430 -12.53 0.63 12.09
CA TYR A 430 -13.54 1.01 11.11
C TYR A 430 -14.61 1.93 11.71
N ASN A 431 -15.02 1.64 12.94
CA ASN A 431 -16.08 2.41 13.52
C ASN A 431 -15.68 3.87 13.59
N GLU A 432 -14.40 4.11 13.85
CA GLU A 432 -13.87 5.45 14.07
C GLU A 432 -13.28 6.08 12.82
N ASN A 433 -13.46 5.46 11.66
CA ASN A 433 -12.95 6.02 10.42
C ASN A 433 -11.47 6.35 10.50
N LYS A 434 -10.71 5.38 10.97
CA LYS A 434 -9.26 5.48 11.08
C LYS A 434 -8.59 4.51 10.12
N LYS A 435 -9.28 3.95 9.15
CA LYS A 435 -8.66 2.89 8.34
C LYS A 435 -7.42 3.40 7.65
N ASN A 436 -7.49 4.62 7.17
CA ASN A 436 -6.36 5.21 6.42
C ASN A 436 -5.11 5.43 7.26
N GLU A 437 -5.31 5.93 8.48
CA GLU A 437 -4.22 6.21 9.40
C GLU A 437 -3.60 4.93 9.89
N VAL A 438 -4.41 3.93 10.18
CA VAL A 438 -3.90 2.65 10.65
C VAL A 438 -3.21 1.89 9.52
N LYS A 439 -3.74 2.00 8.32
CA LYS A 439 -3.06 1.41 7.16
C LYS A 439 -1.64 1.91 7.06
N GLU A 440 -1.47 3.23 7.09
CA GLU A 440 -0.15 3.79 6.99
C GLU A 440 0.63 3.47 8.26
N ASN A 441 -0.02 3.48 9.41
CA ASN A 441 0.69 3.09 10.63
C ASN A 441 1.20 1.66 10.60
N LEU A 442 0.38 0.74 10.12
CA LEU A 442 0.76 -0.65 10.08
C LEU A 442 1.92 -0.85 9.14
N LYS A 443 1.89 -0.16 8.02
CA LYS A 443 2.91 -0.32 7.01
C LYS A 443 4.29 0.04 7.53
N PHE A 445 5.59 -0.31 10.56
CA PHE A 445 6.15 -1.47 11.26
C PHE A 445 6.34 -2.70 10.39
N TYR A 446 5.37 -3.01 9.57
CA TYR A 446 5.41 -4.27 8.85
C TYR A 446 5.30 -3.95 7.39
N SER A 447 6.02 -4.64 6.51
CA SER A 447 5.87 -4.36 5.08
C SER A 447 4.93 -5.37 4.45
N TYR A 448 3.68 -4.97 4.29
CA TYR A 448 2.68 -5.79 3.63
C TYR A 448 1.70 -4.76 3.08
N ASP A 449 0.98 -5.10 2.03
CA ASP A 449 -0.03 -4.18 1.47
C ASP A 449 -1.35 -4.60 2.08
N PHE A 450 -1.62 -4.08 3.27
CA PHE A 450 -2.81 -4.46 3.98
C PHE A 450 -3.98 -4.00 3.17
N ASN A 451 -5.04 -4.78 3.21
CA ASN A 451 -6.30 -4.40 2.65
C ASN A 451 -7.10 -4.02 3.84
N ASP A 453 -10.17 -3.11 3.79
CA ASP A 453 -11.39 -3.90 3.57
C ASP A 453 -10.88 -5.29 3.74
N ASN A 454 -11.74 -6.28 3.65
CA ASN A 454 -11.30 -7.63 4.00
C ASN A 454 -10.92 -7.64 5.45
N LYS A 455 -11.82 -7.15 6.28
CA LYS A 455 -11.52 -6.88 7.69
C LYS A 455 -11.16 -8.17 8.41
N ASN A 456 -11.81 -9.27 8.11
CA ASN A 456 -11.47 -10.48 8.85
C ASN A 456 -9.97 -10.75 8.83
N GLU A 457 -9.34 -10.56 7.67
CA GLU A 457 -7.91 -10.81 7.57
C GLU A 457 -7.17 -9.98 8.59
N ILE A 458 -7.59 -8.73 8.69
CA ILE A 458 -6.96 -7.77 9.56
C ILE A 458 -7.24 -8.09 11.02
N GLU A 459 -8.50 -8.37 11.36
CA GLU A 459 -8.81 -8.65 12.76
C GLU A 459 -8.02 -9.86 13.24
N ASP A 460 -7.96 -10.89 12.41
CA ASP A 460 -7.23 -12.10 12.77
C ASP A 460 -5.76 -11.86 12.98
N PHE A 461 -5.22 -10.84 12.29
CA PHE A 461 -3.82 -10.43 12.37
C PHE A 461 -3.50 -9.68 13.66
N PHE A 462 -4.21 -8.59 13.94
CA PHE A 462 -3.99 -7.91 15.18
C PHE A 462 -4.13 -8.85 16.37
N ALA A 463 -5.09 -9.75 16.30
CA ALA A 463 -5.20 -10.75 17.34
C ALA A 463 -3.94 -11.61 17.42
N ASN A 464 -3.10 -11.63 16.38
CA ASN A 464 -1.82 -12.30 16.51
C ASN A 464 -0.84 -11.52 17.33
N ILE A 465 -0.72 -10.24 17.08
CA ILE A 465 0.21 -9.42 17.83
C ILE A 465 -0.20 -9.37 19.30
N ASP A 466 -1.49 -9.19 19.57
CA ASP A 466 -1.96 -9.19 20.95
C ASP A 466 -1.64 -10.50 21.71
N GLU A 467 -2.17 -11.59 21.24
CA GLU A 467 -1.96 -12.88 21.90
C GLU A 467 -0.49 -13.25 21.98
N ALA A 468 0.29 -12.82 20.99
CA ALA A 468 1.70 -13.05 21.04
C ALA A 468 2.30 -12.32 22.23
N ILE A 469 2.10 -11.03 22.29
CA ILE A 469 2.62 -10.25 23.37
C ILE A 469 2.13 -10.78 24.71
N SER A 470 0.88 -11.19 24.79
CA SER A 470 0.38 -11.67 26.07
C SER A 470 1.09 -12.95 26.50
N SER A 471 1.26 -13.91 25.59
CA SER A 471 1.90 -15.18 25.95
C SER A 471 3.20 -14.95 26.72
N ILE A 472 3.93 -13.92 26.32
CA ILE A 472 5.02 -13.39 27.12
C ILE A 472 4.50 -12.70 28.39
N ARG A 473 3.71 -11.66 28.25
CA ARG A 473 3.47 -10.79 29.38
C ARG A 473 2.92 -11.55 30.56
N HIS A 474 2.00 -12.45 30.33
CA HIS A 474 1.36 -13.17 31.41
C HIS A 474 2.29 -14.05 32.22
N GLY A 475 3.28 -14.62 31.56
CA GLY A 475 4.35 -15.37 32.18
C GLY A 475 5.34 -14.65 33.08
N ILE A 476 5.74 -13.45 32.68
CA ILE A 476 6.75 -12.71 33.39
C ILE A 476 6.24 -11.70 34.40
N VAL A 477 5.22 -10.94 34.05
CA VAL A 477 4.71 -9.92 34.95
C VAL A 477 4.12 -10.48 36.23
N HIS A 478 3.51 -11.65 36.15
CA HIS A 478 2.95 -12.29 37.30
C HIS A 478 3.81 -13.50 37.51
N PHE A 479 4.24 -13.74 38.73
CA PHE A 479 5.11 -14.86 38.99
C PHE A 479 4.41 -16.11 38.56
N ASN A 480 5.11 -16.94 37.79
CA ASN A 480 4.61 -18.22 37.35
C ASN A 480 5.52 -19.27 37.89
N LEU A 481 4.98 -20.20 38.64
CA LEU A 481 5.80 -21.14 39.34
C LEU A 481 6.60 -22.01 38.40
N GLU A 482 5.95 -22.52 37.37
CA GLU A 482 6.55 -23.54 36.54
C GLU A 482 7.15 -23.10 35.21
N LEU A 483 7.14 -21.80 34.95
CA LEU A 483 7.71 -21.27 33.72
C LEU A 483 9.20 -21.44 33.72
N GLU A 484 9.75 -21.88 32.60
CA GLU A 484 11.17 -22.08 32.50
C GLU A 484 11.69 -21.24 31.40
N GLY A 485 12.95 -20.87 31.48
CA GLY A 485 13.53 -19.95 30.53
C GLY A 485 13.27 -20.29 29.09
N LYS A 486 13.50 -21.52 28.70
CA LYS A 486 13.53 -21.84 27.27
C LYS A 486 12.20 -21.60 26.58
N ASP A 487 11.13 -21.51 27.35
CA ASP A 487 9.79 -21.58 26.80
C ASP A 487 9.10 -20.24 26.70
N ILE A 488 9.82 -19.15 26.87
CA ILE A 488 9.20 -17.86 26.93
C ILE A 488 8.70 -17.51 25.54
N PHE A 489 9.39 -18.02 24.55
CA PHE A 489 9.08 -17.74 23.16
C PHE A 489 8.38 -18.90 22.47
N ALA A 490 7.74 -19.73 23.27
CA ALA A 490 6.90 -20.80 22.77
C ALA A 490 5.71 -20.30 21.98
N PHE A 491 5.08 -19.21 22.39
CA PHE A 491 3.97 -18.67 21.64
C PHE A 491 2.96 -19.75 21.43
N LYS A 492 2.58 -20.38 22.54
CA LYS A 492 1.90 -21.65 22.55
C LYS A 492 0.55 -21.79 21.90
N ASN A 493 -0.36 -20.84 22.10
CA ASN A 493 -1.68 -20.97 21.50
C ASN A 493 -1.95 -20.08 20.30
N ILE A 494 -0.98 -19.33 19.86
CA ILE A 494 -1.22 -18.50 18.72
C ILE A 494 -1.09 -19.36 17.50
N ALA A 495 -2.04 -19.24 16.59
CA ALA A 495 -1.92 -19.88 15.31
C ALA A 495 -1.90 -18.79 14.28
N PRO A 496 -0.77 -18.76 13.46
CA PRO A 496 -0.69 -17.58 12.61
C PRO A 496 -1.76 -17.47 11.54
N SER A 497 -2.12 -16.23 11.22
CA SER A 497 -3.10 -15.94 10.20
C SER A 497 -2.43 -15.72 8.86
N GLU A 498 -3.24 -15.58 7.82
CA GLU A 498 -2.68 -15.46 6.49
C GLU A 498 -1.79 -14.29 6.35
N ILE A 499 -2.20 -13.14 6.87
CA ILE A 499 -1.39 -11.96 6.76
C ILE A 499 -0.04 -12.22 7.41
N SER A 500 -0.02 -12.87 8.56
CA SER A 500 1.28 -13.14 9.15
C SER A 500 2.02 -14.25 8.39
N LYS A 501 1.34 -15.32 8.01
CA LYS A 501 2.06 -16.42 7.37
C LYS A 501 2.79 -15.96 6.11
N LYS A 502 2.09 -15.24 5.24
CA LYS A 502 2.64 -14.79 3.98
C LYS A 502 3.81 -13.84 4.12
N PHE A 504 5.94 -13.34 6.69
CA PHE A 504 7.14 -14.00 7.17
C PHE A 504 7.74 -14.88 6.08
N GLN A 505 6.88 -15.50 5.29
CA GLN A 505 7.37 -16.25 4.15
C GLN A 505 7.98 -15.28 3.17
N ASN A 506 7.32 -14.13 3.02
CA ASN A 506 7.78 -13.12 2.09
C ASN A 506 9.12 -12.55 2.46
N GLU A 507 9.31 -12.16 3.71
CA GLU A 507 10.59 -11.59 4.14
C GLU A 507 11.75 -12.59 4.21
N ILE A 508 11.52 -13.74 4.81
CA ILE A 508 12.53 -14.77 4.89
C ILE A 508 12.41 -15.64 3.65
N ASN A 509 12.66 -15.04 2.50
CA ASN A 509 12.57 -15.72 1.23
C ASN A 509 13.97 -15.84 0.70
N GLU A 510 14.26 -16.98 0.10
CA GLU A 510 15.60 -17.25 -0.39
C GLU A 510 16.04 -16.19 -1.40
N LYS A 511 15.17 -15.87 -2.33
CA LYS A 511 15.45 -14.89 -3.37
C LYS A 511 15.74 -13.50 -2.78
N LYS A 512 14.88 -13.07 -1.86
CA LYS A 512 15.02 -11.75 -1.26
C LYS A 512 16.29 -11.66 -0.46
N LEU A 513 16.57 -12.70 0.29
CA LEU A 513 17.78 -12.74 1.04
C LEU A 513 19.02 -12.68 0.16
N LYS A 514 18.99 -13.42 -0.93
CA LYS A 514 20.10 -13.38 -1.86
C LYS A 514 20.22 -12.01 -2.50
N LEU A 515 19.10 -11.41 -2.86
CA LEU A 515 19.14 -10.04 -3.36
C LEU A 515 19.72 -9.02 -2.39
N LYS A 516 19.83 -9.38 -1.10
CA LYS A 516 20.50 -8.52 -0.13
C LYS A 516 22.01 -8.67 -0.15
N ILE A 517 22.51 -9.88 -0.33
CA ILE A 517 23.93 -10.06 -0.55
C ILE A 517 24.28 -9.44 -1.90
N PHE A 518 23.48 -9.69 -2.92
CA PHE A 518 23.67 -9.07 -4.22
C PHE A 518 23.75 -7.55 -4.09
N ARG A 519 22.87 -6.93 -3.33
CA ARG A 519 22.92 -5.50 -3.19
C ARG A 519 24.20 -5.02 -2.52
N GLN A 520 24.63 -5.74 -1.50
CA GLN A 520 25.88 -5.42 -0.82
C GLN A 520 27.02 -5.42 -1.79
N LEU A 521 27.11 -6.52 -2.55
CA LEU A 521 28.17 -6.69 -3.52
C LEU A 521 28.16 -5.59 -4.52
N ASN A 522 26.99 -5.12 -4.94
CA ASN A 522 26.98 -4.08 -5.93
C ASN A 522 27.50 -2.76 -5.38
N SER A 523 26.97 -2.34 -4.24
CA SER A 523 27.35 -1.04 -3.62
C SER A 523 28.78 -0.99 -3.17
N ALA A 524 29.42 -2.15 -3.04
CA ALA A 524 30.84 -2.23 -2.77
C ALA A 524 31.69 -2.06 -4.02
N ASN A 525 31.05 -1.79 -5.15
CA ASN A 525 31.72 -1.62 -6.42
C ASN A 525 32.34 -2.90 -6.88
N VAL A 526 31.85 -4.04 -6.40
CA VAL A 526 32.36 -5.35 -6.86
C VAL A 526 31.94 -5.67 -8.31
N PHE A 527 30.72 -5.29 -8.68
CA PHE A 527 30.19 -5.49 -10.02
C PHE A 527 30.75 -4.61 -11.12
N ARG A 528 31.32 -3.46 -10.76
CA ARG A 528 31.99 -2.60 -11.73
C ARG A 528 33.50 -2.76 -11.85
N TYR A 529 34.11 -3.55 -11.00
CA TYR A 529 35.53 -3.84 -11.13
C TYR A 529 35.86 -5.30 -11.21
N LEU A 530 34.87 -6.17 -11.43
CA LEU A 530 35.15 -7.60 -11.60
C LEU A 530 34.36 -8.23 -12.74
N GLU A 531 35.04 -8.99 -13.57
CA GLU A 531 34.43 -9.66 -14.71
C GLU A 531 33.49 -10.74 -14.26
N LYS A 532 32.46 -11.01 -15.03
CA LYS A 532 31.43 -11.91 -14.58
C LYS A 532 31.96 -13.29 -14.24
N TYR A 533 32.87 -13.80 -15.05
CA TYR A 533 33.37 -15.16 -14.79
C TYR A 533 34.19 -15.24 -13.49
N LYS A 534 34.98 -14.23 -13.20
CA LYS A 534 35.80 -14.25 -11.98
C LYS A 534 34.94 -14.22 -10.72
N ILE A 535 33.83 -13.49 -10.80
CA ILE A 535 32.86 -13.42 -9.70
C ILE A 535 32.29 -14.82 -9.42
N LEU A 536 31.67 -15.41 -10.43
CA LEU A 536 31.09 -16.74 -10.29
C LEU A 536 32.05 -17.74 -9.62
N ASN A 537 33.34 -17.61 -9.90
CA ASN A 537 34.31 -18.45 -9.21
C ASN A 537 34.29 -18.20 -7.73
N TYR A 538 34.09 -16.94 -7.34
CA TYR A 538 34.01 -16.58 -5.93
C TYR A 538 32.77 -17.14 -5.29
N LEU A 539 31.64 -17.01 -5.96
CA LEU A 539 30.36 -17.42 -5.37
C LEU A 539 30.26 -18.94 -5.24
N LYS A 540 30.72 -19.68 -6.22
CA LYS A 540 30.75 -21.13 -6.09
C LYS A 540 31.65 -21.55 -4.94
N ARG A 541 32.51 -20.66 -4.47
CA ARG A 541 33.51 -21.04 -3.49
C ARG A 541 33.19 -20.59 -2.07
N THR A 542 32.58 -19.41 -1.91
CA THR A 542 32.45 -18.82 -0.57
C THR A 542 30.99 -18.48 -0.19
N ARG A 543 30.68 -18.70 1.08
CA ARG A 543 29.36 -18.51 1.67
C ARG A 543 29.29 -17.10 2.24
N PHE A 544 28.08 -16.63 2.47
CA PHE A 544 27.80 -15.32 3.04
C PHE A 544 27.01 -15.44 4.32
N GLU A 545 27.34 -14.63 5.30
CA GLU A 545 26.54 -14.51 6.51
C GLU A 545 26.19 -13.03 6.67
N PHE A 546 24.95 -12.75 7.08
CA PHE A 546 24.52 -11.37 7.24
C PHE A 546 25.18 -10.63 8.40
N VAL A 547 25.67 -11.36 9.39
CA VAL A 547 26.39 -10.76 10.48
C VAL A 547 27.49 -11.72 10.95
N ASN A 548 28.62 -11.16 11.35
CA ASN A 548 29.75 -11.98 11.81
C ASN A 548 29.60 -12.36 13.26
N LYS A 549 30.40 -13.30 13.73
CA LYS A 549 30.37 -13.66 15.14
C LYS A 549 31.73 -13.43 15.70
N ASN A 550 31.82 -13.15 17.00
CA ASN A 550 33.12 -12.98 17.59
C ASN A 550 33.70 -14.28 18.04
N ILE A 551 34.65 -14.78 17.26
CA ILE A 551 35.46 -15.88 17.71
C ILE A 551 36.36 -15.18 18.68
N PRO A 552 36.89 -15.92 19.69
CA PRO A 552 37.33 -15.10 20.82
C PRO A 552 38.47 -14.15 20.52
N PHE A 553 39.50 -14.65 19.86
CA PHE A 553 40.72 -13.88 19.83
C PHE A 553 40.94 -13.21 18.50
N VAL A 554 40.01 -13.35 17.56
CA VAL A 554 40.22 -12.89 16.21
C VAL A 554 40.28 -11.36 16.08
N PRO A 555 41.44 -10.79 15.63
CA PRO A 555 41.38 -9.35 15.52
C PRO A 555 40.52 -8.90 14.36
N SER A 556 40.11 -7.64 14.45
CA SER A 556 39.23 -7.06 13.49
C SER A 556 39.89 -7.01 12.13
N PHE A 557 39.13 -7.29 11.10
CA PHE A 557 39.67 -7.27 9.75
C PHE A 557 40.18 -5.91 9.41
N THR A 558 39.48 -4.88 9.83
CA THR A 558 39.85 -3.56 9.37
C THR A 558 41.16 -3.16 10.04
N LYS A 559 41.36 -3.60 11.26
CA LYS A 559 42.62 -3.37 11.92
C LYS A 559 43.70 -4.14 11.15
N LEU A 560 43.41 -5.40 10.81
CA LEU A 560 44.36 -6.22 10.06
C LEU A 560 44.72 -5.61 8.71
N TYR A 561 43.69 -5.22 7.97
CA TYR A 561 43.84 -4.72 6.61
C TYR A 561 44.69 -3.47 6.62
N SER A 562 44.49 -2.71 7.68
CA SER A 562 45.12 -1.43 7.86
C SER A 562 46.62 -1.58 7.89
N ARG A 563 47.07 -2.70 8.41
CA ARG A 563 48.50 -2.96 8.60
C ARG A 563 49.19 -3.77 7.51
N ILE A 564 48.56 -4.01 6.38
CA ILE A 564 49.16 -4.88 5.37
C ILE A 564 50.48 -4.43 4.76
N ASP A 565 50.58 -3.17 4.37
CA ASP A 565 51.76 -2.73 3.66
C ASP A 565 52.98 -2.82 4.55
N ASP A 566 52.84 -2.39 5.80
CA ASP A 566 53.96 -2.37 6.70
C ASP A 566 54.54 -3.75 7.02
N LEU A 567 53.66 -4.72 7.28
CA LEU A 567 54.08 -6.07 7.64
C LEU A 567 54.83 -6.84 6.55
N LYS A 568 54.40 -6.66 5.31
CA LYS A 568 54.98 -7.37 4.18
C LYS A 568 56.45 -7.02 4.12
N ASN A 569 56.76 -5.81 4.54
CA ASN A 569 58.14 -5.47 4.74
C ASN A 569 58.67 -6.38 5.86
N SER A 570 57.87 -6.59 6.90
CA SER A 570 58.23 -7.51 7.96
C SER A 570 58.31 -8.98 7.56
N LEU A 571 57.35 -9.43 6.75
CA LEU A 571 57.25 -10.83 6.39
C LEU A 571 56.90 -10.98 4.92
N GLY A 572 57.18 -12.14 4.36
CA GLY A 572 57.06 -12.28 2.93
C GLY A 572 55.60 -12.45 2.64
N ILE A 573 54.95 -11.30 2.58
CA ILE A 573 53.50 -11.26 2.49
C ILE A 573 52.94 -11.88 1.24
N TYR A 574 53.50 -11.60 0.08
CA TYR A 574 52.82 -12.09 -1.13
C TYR A 574 51.46 -11.38 -1.33
N TRP A 575 51.49 -10.05 -1.38
CA TRP A 575 50.31 -9.24 -1.68
C TRP A 575 50.74 -7.95 -2.39
N LYS A 576 49.79 -7.36 -3.09
CA LYS A 576 49.97 -6.05 -3.70
C LYS A 576 48.70 -5.25 -3.48
N THR A 577 48.86 -4.02 -2.99
CA THR A 577 47.72 -3.15 -2.76
C THR A 577 47.18 -2.69 -4.09
N PRO A 578 45.90 -2.31 -4.13
CA PRO A 578 45.37 -1.59 -5.27
C PRO A 578 46.01 -0.22 -5.43
N LYS A 579 46.39 0.10 -6.67
CA LYS A 579 46.87 1.42 -7.02
C LYS A 579 46.38 1.72 -8.42
N THR A 580 46.06 2.97 -8.69
CA THR A 580 45.53 3.34 -9.99
C THR A 580 45.72 4.81 -10.26
N ASN A 581 45.52 5.18 -11.53
CA ASN A 581 45.68 6.55 -11.97
C ASN A 581 44.71 7.47 -11.28
N ASP A 582 43.50 6.98 -11.06
CA ASP A 582 42.49 7.77 -10.43
C ASP A 582 42.46 7.38 -8.98
N ASP A 583 42.54 8.39 -8.11
CA ASP A 583 42.30 8.19 -6.71
C ASP A 583 40.85 7.80 -6.49
N ASN A 584 39.94 8.41 -7.23
CA ASN A 584 38.54 8.17 -7.01
C ASN A 584 38.18 6.73 -7.25
N LYS A 585 38.72 6.12 -8.30
CA LYS A 585 38.58 4.69 -8.54
C LYS A 585 39.27 3.89 -7.46
N THR A 586 40.41 4.39 -7.00
CA THR A 586 41.21 3.61 -6.06
C THR A 586 40.43 3.35 -4.80
N LYS A 587 39.74 4.35 -4.28
CA LYS A 587 38.99 4.16 -3.06
C LYS A 587 37.90 3.18 -3.39
N GLU A 588 37.26 3.38 -4.54
CA GLU A 588 36.18 2.51 -4.94
C GLU A 588 36.64 1.08 -5.07
N ILE A 589 37.78 0.90 -5.69
CA ILE A 589 38.33 -0.44 -5.84
C ILE A 589 38.70 -1.05 -4.51
N ILE A 590 39.23 -0.25 -3.61
CA ILE A 590 39.67 -0.78 -2.34
C ILE A 590 38.47 -1.35 -1.55
N ASP A 591 37.37 -0.63 -1.57
CA ASP A 591 36.15 -1.12 -0.92
C ASP A 591 35.78 -2.51 -1.45
N ALA A 592 35.75 -2.66 -2.77
CA ALA A 592 35.45 -3.96 -3.36
C ALA A 592 36.41 -5.02 -2.80
N GLN A 593 37.69 -4.68 -2.71
CA GLN A 593 38.66 -5.61 -2.22
C GLN A 593 38.40 -5.91 -0.74
N ILE A 594 38.08 -4.90 0.05
CA ILE A 594 37.85 -5.09 1.49
C ILE A 594 36.59 -5.91 1.74
N TYR A 595 35.54 -5.65 0.96
CA TYR A 595 34.29 -6.38 1.10
C TYR A 595 34.43 -7.87 0.75
N LEU A 596 35.07 -8.18 -0.38
CA LEU A 596 35.28 -9.57 -0.77
C LEU A 596 36.17 -10.32 0.19
N LEU A 597 37.26 -9.69 0.56
CA LEU A 597 38.21 -10.26 1.51
C LEU A 597 37.60 -10.38 2.89
N LYS A 598 36.82 -9.35 3.26
CA LYS A 598 36.22 -9.25 4.58
C LYS A 598 35.39 -10.49 4.74
N ASN A 599 34.77 -10.90 3.66
CA ASN A 599 33.90 -12.03 3.68
C ASN A 599 34.59 -13.36 3.92
N ILE A 600 35.76 -13.55 3.34
CA ILE A 600 36.44 -14.82 3.51
C ILE A 600 36.99 -15.02 4.92
N TYR A 601 37.50 -13.94 5.48
CA TYR A 601 38.19 -13.98 6.76
C TYR A 601 37.31 -14.48 7.88
N TYR A 602 36.13 -13.89 8.00
CA TYR A 602 35.30 -14.03 9.16
C TYR A 602 34.85 -15.45 9.14
N GLY A 603 34.84 -15.97 7.96
CA GLY A 603 34.06 -17.10 7.55
C GLY A 603 34.93 -18.26 7.18
N GLU A 604 35.32 -18.35 5.92
CA GLU A 604 35.91 -19.57 5.39
C GLU A 604 37.20 -19.86 6.04
N PHE A 605 37.90 -18.83 6.43
CA PHE A 605 39.27 -18.88 6.92
C PHE A 605 39.22 -19.19 8.38
N LEU A 606 38.36 -18.49 9.07
CA LEU A 606 38.23 -18.75 10.47
C LEU A 606 37.91 -20.20 10.70
N ASN A 607 37.08 -20.76 9.86
CA ASN A 607 36.76 -22.17 9.99
C ASN A 607 37.99 -23.01 9.82
N TYR A 608 38.78 -22.71 8.80
CA TYR A 608 39.98 -23.49 8.59
C TYR A 608 41.00 -23.25 9.69
N PHE A 609 41.22 -21.98 10.03
CA PHE A 609 42.29 -21.58 10.96
C PHE A 609 42.04 -22.06 12.38
N SER A 611 40.37 -24.49 12.79
CA SER A 611 40.16 -25.87 12.44
C SER A 611 41.25 -26.73 13.03
N ASN A 612 40.92 -27.97 13.38
CA ASN A 612 41.91 -28.89 13.87
C ASN A 612 42.93 -29.13 12.78
N ASN A 613 42.45 -29.21 11.55
CA ASN A 613 43.34 -29.39 10.45
C ASN A 613 43.81 -27.99 10.22
N GLY A 614 44.59 -27.53 11.18
CA GLY A 614 44.84 -26.12 11.35
C GLY A 614 46.18 -25.62 10.86
N ASN A 615 46.10 -24.55 10.10
CA ASN A 615 47.26 -23.82 9.67
C ASN A 615 47.93 -23.27 10.90
N PHE A 616 47.11 -22.96 11.89
CA PHE A 616 47.47 -22.06 12.96
C PHE A 616 48.68 -22.45 13.77
N PHE A 617 48.78 -23.72 14.15
CA PHE A 617 49.95 -24.16 14.89
C PHE A 617 51.22 -24.07 14.07
N GLU A 618 51.16 -24.53 12.82
CA GLU A 618 52.30 -24.48 11.93
C GLU A 618 52.77 -23.06 11.58
N ILE A 619 51.81 -22.18 11.29
CA ILE A 619 52.09 -20.78 11.00
C ILE A 619 52.63 -20.09 12.21
N SER A 620 52.08 -20.46 13.36
CA SER A 620 52.31 -19.73 14.57
C SER A 620 53.78 -19.68 14.93
N LYS A 621 54.46 -20.80 14.68
CA LYS A 621 55.92 -20.83 14.81
C LYS A 621 56.68 -19.98 13.80
N GLU A 622 56.05 -19.66 12.68
CA GLU A 622 56.71 -18.85 11.68
C GLU A 622 56.76 -17.47 12.24
N ILE A 623 55.68 -17.10 12.89
CA ILE A 623 55.65 -15.83 13.55
C ILE A 623 56.65 -15.88 14.68
N ILE A 624 56.71 -16.99 15.37
CA ILE A 624 57.69 -17.19 16.43
C ILE A 624 59.10 -17.14 15.85
N GLU A 625 59.37 -17.97 14.86
CA GLU A 625 60.70 -18.05 14.29
C GLU A 625 61.16 -16.70 13.75
N LEU A 626 60.28 -15.99 13.06
CA LEU A 626 60.68 -14.68 12.58
C LEU A 626 61.00 -13.78 13.75
N ASN A 627 60.18 -13.84 14.80
CA ASN A 627 60.42 -12.98 15.94
C ASN A 627 61.82 -13.18 16.53
N LYS A 628 62.27 -14.43 16.63
CA LYS A 628 63.64 -14.74 17.13
C LYS A 628 64.72 -14.17 16.20
N ASN A 629 64.54 -14.41 14.92
CA ASN A 629 65.35 -13.74 13.89
C ASN A 629 65.24 -12.20 14.01
N ASP A 630 64.01 -11.73 14.15
CA ASP A 630 63.69 -10.29 14.17
C ASP A 630 64.57 -9.51 15.13
N PHE A 644 60.01 -15.70 25.08
CA PHE A 644 59.92 -16.68 24.00
C PHE A 644 58.61 -17.46 24.08
N GLU A 645 57.74 -17.25 23.11
CA GLU A 645 56.38 -17.81 23.13
C GLU A 645 56.35 -19.33 23.08
N ASP A 646 55.36 -19.90 23.75
CA ASP A 646 55.29 -21.32 24.08
C ASP A 646 55.14 -22.28 22.92
N ILE A 647 55.62 -23.51 23.10
CA ILE A 647 55.45 -24.57 22.13
C ILE A 647 54.75 -25.72 22.85
N GLN A 648 53.49 -25.49 23.20
CA GLN A 648 52.72 -26.44 24.00
C GLN A 648 51.59 -27.15 23.24
N GLU A 649 51.53 -27.03 21.91
CA GLU A 649 50.51 -27.73 21.12
C GLU A 649 49.08 -27.30 21.50
N LYS A 650 48.24 -28.24 21.96
CA LYS A 650 46.82 -27.99 22.35
C LYS A 650 45.87 -27.44 21.25
N ILE A 651 45.17 -26.34 21.54
CA ILE A 651 44.18 -25.76 20.61
C ILE A 651 44.40 -24.23 20.54
N PRO A 652 43.98 -23.56 19.40
CA PRO A 652 44.47 -22.16 19.30
C PRO A 652 43.98 -21.17 20.34
N LYS A 653 42.72 -21.24 20.78
CA LYS A 653 42.22 -20.29 21.81
C LYS A 653 42.93 -20.42 23.18
N GLU A 654 43.17 -21.64 23.66
CA GLU A 654 43.90 -21.81 24.91
C GLU A 654 45.29 -21.30 24.70
N TYR A 655 45.91 -21.74 23.62
CA TYR A 655 47.28 -21.34 23.37
C TYR A 655 47.40 -19.84 23.54
N LEU A 656 46.66 -19.14 22.70
CA LEU A 656 46.80 -17.70 22.60
C LEU A 656 46.54 -17.10 23.94
N ALA A 657 45.63 -17.74 24.68
CA ALA A 657 45.33 -17.29 26.01
C ALA A 657 46.62 -17.33 26.80
N ASN A 658 47.31 -18.45 26.67
CA ASN A 658 48.53 -18.66 27.42
C ASN A 658 49.56 -17.64 27.03
N ILE A 659 49.56 -17.28 25.74
CA ILE A 659 50.43 -16.21 25.25
C ILE A 659 50.11 -14.90 25.96
N GLN A 660 48.88 -14.62 26.24
CA GLN A 660 48.49 -13.38 26.87
C GLN A 660 49.16 -13.28 28.23
N SER A 661 49.10 -14.42 28.99
CA SER A 661 49.62 -14.43 30.37
C SER A 661 51.12 -14.11 30.42
N LEU A 662 51.91 -14.80 29.59
CA LEU A 662 53.35 -14.53 29.53
C LEU A 662 53.58 -13.05 29.22
N TYR A 663 52.92 -12.54 28.19
CA TYR A 663 53.12 -11.16 27.77
C TYR A 663 52.79 -10.16 28.88
N ILE A 665 52.75 -10.42 32.11
CA ILE A 665 53.58 -10.51 33.30
C ILE A 665 54.85 -9.65 33.17
N ASN A 666 55.28 -9.35 31.95
CA ASN A 666 56.46 -8.53 31.76
C ASN A 666 56.22 -7.06 31.50
N ALA A 667 55.03 -6.67 31.07
CA ALA A 667 54.78 -5.33 30.58
C ALA A 667 55.84 -5.09 29.45
N GLY A 668 56.59 -3.99 29.45
CA GLY A 668 57.65 -3.74 28.45
C GLY A 668 57.16 -3.78 27.01
N ASP A 676 50.46 -3.92 23.76
CA ASP A 676 51.48 -3.51 22.80
C ASP A 676 52.06 -4.69 22.05
N THR A 677 53.19 -5.21 22.53
CA THR A 677 53.84 -6.31 21.85
C THR A 677 52.93 -7.53 21.77
N TYR A 678 51.93 -7.64 22.65
CA TYR A 678 51.01 -8.77 22.58
C TYR A 678 50.09 -8.66 21.39
N ILE A 679 49.59 -7.47 21.15
CA ILE A 679 48.71 -7.24 20.02
C ILE A 679 49.42 -7.58 18.70
N ASP A 680 50.67 -7.20 18.56
CA ASP A 680 51.39 -7.49 17.32
C ASP A 680 51.47 -8.98 17.07
N PHE A 681 51.93 -9.76 18.03
CA PHE A 681 52.02 -11.20 17.85
C PHE A 681 50.66 -11.72 17.35
N ILE A 682 49.60 -11.40 18.08
CA ILE A 682 48.28 -11.87 17.71
C ILE A 682 47.83 -11.28 16.39
N GLN A 683 48.12 -10.01 16.15
CA GLN A 683 47.84 -9.43 14.83
C GLN A 683 48.71 -10.10 13.77
N LYS A 684 49.97 -10.34 14.09
CA LYS A 684 50.91 -10.90 13.10
C LYS A 684 50.53 -12.31 12.73
N ILE A 685 50.06 -13.08 13.69
CA ILE A 685 49.68 -14.45 13.39
C ILE A 685 48.56 -14.51 12.37
N PHE A 686 47.57 -13.65 12.53
CA PHE A 686 46.40 -13.70 11.68
C PHE A 686 46.67 -13.21 10.27
N LEU A 687 47.45 -12.16 10.13
CA LEU A 687 47.74 -11.59 8.82
C LEU A 687 48.49 -12.60 7.95
N LYS A 688 49.58 -13.14 8.47
CA LYS A 688 50.34 -14.14 7.72
C LYS A 688 49.51 -15.41 7.58
N GLY A 689 48.69 -15.72 8.58
CA GLY A 689 47.81 -16.86 8.45
C GLY A 689 46.76 -16.72 7.36
N PHE A 690 46.22 -15.52 7.22
CA PHE A 690 45.18 -15.25 6.24
C PHE A 690 45.72 -15.25 4.81
N THR A 692 48.76 -16.55 3.54
CA THR A 692 49.23 -17.81 3.08
C THR A 692 47.95 -18.62 2.80
N TYR A 693 46.88 -18.42 3.56
CA TYR A 693 45.65 -19.10 3.28
C TYR A 693 45.12 -18.71 1.93
N LEU A 694 45.16 -17.42 1.61
CA LEU A 694 44.65 -16.96 0.34
C LEU A 694 45.43 -17.55 -0.83
N ALA A 695 46.74 -17.52 -0.72
CA ALA A 695 47.61 -17.98 -1.77
C ALA A 695 47.39 -19.45 -1.95
N ASN A 696 47.36 -20.15 -0.83
CA ASN A 696 47.34 -21.58 -0.81
C ASN A 696 46.03 -22.14 -1.32
N ASN A 697 44.92 -21.49 -0.96
CA ASN A 697 43.60 -22.00 -1.36
C ASN A 697 43.01 -21.24 -2.56
N GLY A 698 43.88 -20.49 -3.27
CA GLY A 698 43.57 -20.05 -4.62
C GLY A 698 42.60 -18.89 -4.77
N ARG A 699 42.54 -18.01 -3.78
CA ARG A 699 41.75 -16.81 -3.87
C ARG A 699 42.60 -15.65 -4.38
N LEU A 700 43.89 -15.88 -4.62
CA LEU A 700 44.87 -14.78 -4.73
C LEU A 700 44.66 -13.82 -5.88
N SER A 701 43.88 -14.23 -6.88
CA SER A 701 43.78 -13.44 -8.09
C SER A 701 43.25 -12.05 -7.78
N LEU A 702 42.64 -11.89 -6.59
CA LEU A 702 41.91 -10.68 -6.27
C LEU A 702 42.78 -9.43 -6.17
N ILE A 703 44.08 -9.60 -5.99
CA ILE A 703 44.96 -8.46 -5.93
C ILE A 703 44.76 -7.61 -7.17
N TYR A 704 44.49 -8.27 -8.29
CA TYR A 704 44.41 -7.60 -9.56
C TYR A 704 42.99 -7.13 -9.89
N ILE A 705 42.17 -6.94 -8.86
CA ILE A 705 40.77 -6.59 -9.02
C ILE A 705 40.58 -5.29 -9.77
N GLY A 706 41.38 -4.29 -9.45
CA GLY A 706 41.24 -3.02 -10.13
C GLY A 706 41.56 -3.10 -11.59
N SER A 707 42.57 -3.90 -11.86
CA SER A 707 43.79 -3.60 -12.54
C SER A 707 43.71 -3.13 -13.97
N ASP A 708 42.87 -3.76 -14.77
CA ASP A 708 42.94 -3.51 -16.21
C ASP A 708 41.88 -2.58 -16.72
N GLU A 709 42.30 -1.48 -17.33
CA GLU A 709 41.38 -0.49 -17.84
C GLU A 709 40.47 -1.10 -18.88
N GLU A 710 41.03 -1.97 -19.70
CA GLU A 710 40.24 -2.63 -20.73
C GLU A 710 38.92 -3.15 -20.18
N THR A 711 38.98 -4.04 -19.20
CA THR A 711 37.77 -4.69 -18.71
C THR A 711 36.79 -3.73 -18.09
N ASN A 712 37.30 -2.76 -17.34
CA ASN A 712 36.45 -1.86 -16.56
C ASN A 712 35.51 -1.06 -17.41
N THR A 713 35.96 -0.68 -18.58
CA THR A 713 35.11 0.10 -19.46
C THR A 713 33.88 -0.70 -19.79
N SER A 714 34.03 -2.02 -19.86
CA SER A 714 32.89 -2.92 -20.05
C SER A 714 31.91 -2.82 -18.91
N LEU A 715 32.43 -2.71 -17.71
CA LEU A 715 31.65 -2.77 -16.50
C LEU A 715 31.15 -1.40 -16.04
N ALA A 716 31.47 -0.35 -16.78
CA ALA A 716 31.23 1.02 -16.30
C ALA A 716 29.77 1.28 -16.04
N GLU A 717 28.90 0.73 -16.84
CA GLU A 717 27.50 1.00 -16.61
C GLU A 717 26.85 0.05 -15.64
N LYS A 718 27.57 -0.96 -15.17
CA LYS A 718 26.91 -1.99 -14.33
C LYS A 718 26.43 -1.58 -12.94
N LYS A 719 27.26 -0.92 -12.16
CA LYS A 719 26.84 -0.58 -10.80
C LYS A 719 25.57 0.28 -10.87
N GLN A 720 25.54 1.17 -11.84
CA GLN A 720 24.45 2.09 -11.98
C GLN A 720 23.21 1.35 -12.38
N GLU A 721 23.34 0.49 -13.33
CA GLU A 721 22.22 -0.29 -13.84
C GLU A 721 21.70 -1.27 -12.82
N PHE A 722 22.58 -1.91 -12.08
CA PHE A 722 22.15 -2.81 -11.04
C PHE A 722 21.41 -2.13 -9.92
N ASP A 723 21.85 -0.94 -9.57
CA ASP A 723 21.16 -0.15 -8.56
C ASP A 723 19.78 0.24 -9.01
N LYS A 724 19.63 0.54 -10.29
CA LYS A 724 18.35 0.97 -10.81
C LYS A 724 17.35 -0.15 -10.65
N PHE A 725 17.76 -1.38 -10.94
CA PHE A 725 16.87 -2.50 -10.80
C PHE A 725 16.45 -2.63 -9.35
N LEU A 726 17.43 -2.54 -8.47
CA LEU A 726 17.20 -2.95 -7.09
C LEU A 726 16.06 -2.17 -6.48
N LYS A 727 16.00 -0.88 -6.79
CA LYS A 727 14.88 -0.07 -6.35
C LYS A 727 13.62 -0.59 -7.01
N LYS A 728 13.74 -0.95 -8.27
CA LYS A 728 12.60 -1.48 -8.99
C LYS A 728 12.09 -2.71 -8.30
N TYR A 729 12.97 -3.62 -7.93
CA TYR A 729 12.51 -4.83 -7.30
C TYR A 729 11.99 -4.73 -5.88
N GLU A 730 12.41 -3.69 -5.18
CA GLU A 730 12.05 -3.51 -3.80
C GLU A 730 10.73 -2.79 -3.76
N GLN A 731 10.57 -1.84 -4.66
CA GLN A 731 9.32 -1.17 -4.81
C GLN A 731 8.25 -2.13 -5.25
N ASN A 732 8.59 -3.04 -6.15
CA ASN A 732 7.62 -4.02 -6.58
C ASN A 732 7.72 -5.35 -5.88
N ASN A 733 8.93 -5.92 -5.85
CA ASN A 733 9.19 -7.15 -5.14
C ASN A 733 8.79 -8.34 -5.97
N ASN A 734 8.15 -8.06 -7.10
CA ASN A 734 7.68 -9.11 -7.99
C ASN A 734 8.25 -9.04 -9.40
N ILE A 735 9.11 -8.07 -9.64
CA ILE A 735 9.51 -7.79 -10.99
C ILE A 735 10.17 -9.03 -11.52
N LYS A 736 9.98 -9.29 -12.81
CA LYS A 736 10.75 -10.31 -13.48
C LYS A 736 12.21 -9.95 -13.30
N ILE A 737 13.06 -10.94 -13.06
CA ILE A 737 14.46 -10.66 -12.80
C ILE A 737 15.26 -10.81 -14.09
N PRO A 738 16.12 -9.79 -14.47
CA PRO A 738 16.81 -10.05 -15.75
C PRO A 738 17.82 -11.16 -15.68
N TYR A 739 18.09 -11.72 -16.85
CA TYR A 739 18.95 -12.86 -16.98
C TYR A 739 20.33 -12.53 -16.44
N GLU A 740 20.83 -11.34 -16.70
CA GLU A 740 22.17 -11.01 -16.24
C GLU A 740 22.31 -11.06 -14.73
N ILE A 741 21.28 -10.64 -14.03
CA ILE A 741 21.28 -10.70 -12.59
C ILE A 741 21.19 -12.14 -12.08
N ASN A 742 20.36 -12.95 -12.72
CA ASN A 742 20.07 -14.29 -12.25
C ASN A 742 21.29 -15.19 -12.22
N GLU A 743 22.20 -14.97 -13.16
CA GLU A 743 23.39 -15.76 -13.22
C GLU A 743 24.09 -15.60 -11.92
N PHE A 744 24.06 -14.37 -11.41
CA PHE A 744 24.65 -14.05 -10.14
C PHE A 744 23.80 -14.55 -8.97
N LEU A 745 22.50 -14.30 -9.04
CA LEU A 745 21.63 -14.75 -7.96
C LEU A 745 21.72 -16.24 -7.71
N ARG A 746 21.90 -17.00 -8.77
CA ARG A 746 21.86 -18.45 -8.73
C ARG A 746 23.02 -19.08 -7.93
N GLU A 747 24.20 -18.50 -8.02
CA GLU A 747 25.39 -19.11 -7.39
C GLU A 747 25.80 -18.55 -6.04
N ILE A 748 25.01 -17.64 -5.49
CA ILE A 748 25.22 -17.13 -4.14
C ILE A 748 24.77 -18.18 -3.13
N LYS A 749 25.56 -18.43 -2.10
CA LYS A 749 25.13 -19.35 -1.07
C LYS A 749 25.17 -18.73 0.31
N LEU A 750 24.04 -18.79 1.01
CA LEU A 750 23.87 -18.05 2.24
C LEU A 750 24.21 -18.78 3.52
N GLY A 751 24.30 -20.08 3.46
CA GLY A 751 24.31 -20.85 4.67
C GLY A 751 22.85 -21.09 4.98
N ASN A 752 22.56 -21.83 6.03
CA ASN A 752 21.20 -22.32 6.20
C ASN A 752 20.17 -21.21 6.36
N ILE A 753 19.09 -21.33 5.61
CA ILE A 753 17.96 -20.43 5.71
C ILE A 753 17.18 -20.86 6.91
N LEU A 754 16.45 -19.94 7.51
CA LEU A 754 15.58 -20.29 8.61
C LEU A 754 14.47 -21.19 8.14
N LYS A 755 14.23 -22.24 8.89
CA LYS A 755 13.13 -23.10 8.59
C LYS A 755 11.94 -22.24 8.93
N TYR A 756 10.79 -22.49 8.33
CA TYR A 756 9.60 -21.79 8.78
C TYR A 756 9.14 -22.47 10.02
N THR A 757 8.91 -21.68 11.04
CA THR A 757 8.42 -22.16 12.30
C THR A 757 7.30 -21.25 12.61
N GLU A 758 6.25 -21.77 13.22
CA GLU A 758 5.15 -20.96 13.69
C GLU A 758 5.58 -20.03 14.79
N ARG A 759 6.41 -20.56 15.67
CA ARG A 759 6.97 -19.80 16.76
C ARG A 759 7.86 -18.69 16.24
N LEU A 760 8.63 -18.99 15.20
CA LEU A 760 9.48 -18.01 14.56
C LEU A 760 8.70 -16.91 13.90
N ASN A 761 7.56 -17.25 13.33
CA ASN A 761 6.74 -16.26 12.66
C ASN A 761 6.13 -15.22 13.60
N PHE A 763 7.37 -14.71 16.64
CA PHE A 763 8.48 -13.99 17.22
C PHE A 763 8.82 -12.80 16.31
N TYR A 764 8.71 -13.02 15.01
CA TYR A 764 8.95 -12.01 14.00
C TYR A 764 8.00 -10.82 14.14
N LEU A 765 6.76 -11.08 14.49
CA LEU A 765 5.77 -10.01 14.67
C LEU A 765 6.14 -9.06 15.75
N ILE A 766 6.64 -9.60 16.85
CA ILE A 766 7.08 -8.79 17.97
C ILE A 766 8.34 -7.99 17.67
N LEU A 767 9.30 -8.65 17.06
CA LEU A 767 10.60 -8.05 16.90
C LEU A 767 10.44 -6.75 16.19
N LYS A 768 9.53 -6.70 15.26
CA LYS A 768 9.33 -5.48 14.55
C LYS A 768 8.71 -4.42 15.43
N LEU A 769 7.90 -4.83 16.40
CA LEU A 769 7.33 -3.86 17.30
C LEU A 769 8.37 -3.20 18.17
N LEU A 770 9.44 -3.93 18.42
CA LEU A 770 10.48 -3.50 19.31
C LEU A 770 11.18 -2.26 18.85
N ASN A 771 11.57 -1.47 19.83
CA ASN A 771 12.35 -0.26 19.68
C ASN A 771 13.79 -0.69 19.47
N HIS A 772 14.66 0.21 19.03
CA HIS A 772 16.05 -0.13 18.71
C HIS A 772 16.94 -0.59 19.88
N LYS A 773 16.78 0.03 21.03
CA LYS A 773 17.47 -0.37 22.24
C LYS A 773 16.89 -1.61 22.87
N GLU A 774 15.60 -1.84 22.69
CA GLU A 774 15.04 -3.04 23.27
C GLU A 774 15.45 -4.28 22.46
N LEU A 775 15.65 -4.12 21.17
CA LEU A 775 16.29 -5.14 20.37
C LEU A 775 17.73 -5.44 20.83
N THR A 776 18.58 -4.41 20.98
CA THR A 776 19.96 -4.61 21.38
C THR A 776 20.01 -5.26 22.75
N ASN A 777 19.17 -4.82 23.67
CA ASN A 777 19.11 -5.46 24.97
C ASN A 777 18.54 -6.86 24.86
N LEU A 778 17.50 -7.07 24.08
CA LEU A 778 16.95 -8.42 23.94
C LEU A 778 18.01 -9.39 23.43
N LYS A 779 18.82 -8.93 22.50
CA LYS A 779 19.83 -9.80 21.84
C LYS A 779 20.90 -10.18 22.81
N GLY A 780 21.47 -9.21 23.51
CA GLY A 780 22.43 -9.50 24.57
C GLY A 780 21.87 -10.40 25.67
N SER A 781 20.55 -10.47 25.79
CA SER A 781 19.96 -11.30 26.83
C SER A 781 19.98 -12.78 26.46
N LEU A 782 19.68 -13.08 25.21
CA LEU A 782 19.71 -14.46 24.77
C LEU A 782 21.14 -14.94 24.70
N GLU A 783 22.02 -14.10 24.20
CA GLU A 783 23.41 -14.46 24.14
C GLU A 783 23.97 -14.72 25.53
N LYS A 784 23.49 -14.06 26.55
CA LYS A 784 23.83 -14.37 27.92
C LYS A 784 23.32 -15.74 28.29
N TYR A 785 22.10 -16.08 27.90
CA TYR A 785 21.56 -17.38 28.22
C TYR A 785 22.37 -18.49 27.59
N GLN A 786 22.76 -18.30 26.35
CA GLN A 786 23.57 -19.29 25.67
C GLN A 786 24.98 -19.47 26.21
N SER A 787 25.62 -18.37 26.54
CA SER A 787 26.92 -18.40 27.15
C SER A 787 26.92 -18.98 28.58
N ALA A 788 25.91 -18.65 29.35
CA ALA A 788 25.77 -19.02 30.75
C ALA A 788 25.58 -20.49 30.97
N ASN A 789 24.80 -21.12 30.11
CA ASN A 789 24.59 -22.56 30.14
C ASN A 789 24.91 -23.02 28.75
N LYS A 790 25.53 -24.19 28.58
CA LYS A 790 25.99 -24.56 27.25
C LYS A 790 24.82 -25.09 26.46
N GLU A 791 23.86 -24.23 26.24
CA GLU A 791 22.70 -24.55 25.41
C GLU A 791 22.56 -23.50 24.33
N GLU A 792 22.31 -23.93 23.11
CA GLU A 792 22.23 -23.04 21.99
C GLU A 792 20.80 -22.70 21.73
N ALA A 793 19.96 -23.03 22.69
CA ALA A 793 18.54 -22.77 22.51
C ALA A 793 18.47 -21.28 22.28
N PHE A 794 17.52 -20.84 21.50
CA PHE A 794 17.47 -19.46 21.03
C PHE A 794 18.34 -19.25 19.83
N SER A 795 18.94 -20.32 19.33
CA SER A 795 19.85 -20.20 18.19
C SER A 795 19.10 -19.68 16.98
N ASP A 796 17.89 -20.19 16.79
CA ASP A 796 17.02 -19.76 15.71
C ASP A 796 16.49 -18.33 15.87
N GLN A 797 16.12 -17.99 17.09
CA GLN A 797 15.52 -16.72 17.41
C GLN A 797 16.60 -15.63 17.30
N LEU A 798 17.83 -15.95 17.66
CA LEU A 798 18.94 -15.04 17.49
C LEU A 798 19.27 -14.76 16.05
N GLU A 799 19.12 -15.75 15.19
CA GLU A 799 19.30 -15.56 13.76
C GLU A 799 18.36 -14.54 13.16
N LEU A 800 17.09 -14.61 13.56
CA LEU A 800 16.08 -13.70 13.09
C LEU A 800 16.38 -12.27 13.52
N ILE A 801 16.81 -12.07 14.74
CA ILE A 801 17.08 -10.76 15.22
C ILE A 801 18.20 -10.19 14.39
N ASN A 802 19.21 -10.98 14.12
CA ASN A 802 20.38 -10.49 13.43
C ASN A 802 20.04 -10.06 12.01
N LEU A 803 19.07 -10.73 11.42
CA LEU A 803 18.51 -10.33 10.15
C LEU A 803 17.70 -9.05 10.25
N LEU A 804 16.79 -9.00 11.20
CA LEU A 804 15.90 -7.83 11.32
C LEU A 804 16.61 -6.62 11.87
N ASN A 805 17.53 -6.85 12.80
CA ASN A 805 18.25 -5.76 13.42
C ASN A 805 19.06 -4.98 12.41
N LEU A 806 19.23 -5.54 11.21
CA LEU A 806 19.98 -4.91 10.18
C LEU A 806 19.43 -3.55 9.77
N ASP A 807 18.12 -3.47 9.57
CA ASP A 807 17.50 -2.25 9.08
C ASP A 807 16.27 -1.82 9.84
N ASN A 808 16.08 -2.32 11.05
CA ASN A 808 14.86 -2.05 11.78
C ASN A 808 14.72 -0.57 12.09
N ASN A 809 15.82 0.06 12.50
CA ASN A 809 15.80 1.48 12.77
C ASN A 809 15.65 2.29 11.47
N ARG A 810 16.26 1.80 10.40
CA ARG A 810 16.38 2.59 9.19
C ARG A 810 15.01 2.77 8.59
N VAL A 811 14.88 3.80 7.78
CA VAL A 811 13.62 4.15 7.18
C VAL A 811 13.42 3.24 6.02
N THR A 812 12.65 2.19 6.24
CA THR A 812 12.37 1.20 5.21
C THR A 812 11.48 1.75 4.11
N GLU A 813 10.43 2.48 4.47
CA GLU A 813 9.42 2.87 3.49
C GLU A 813 9.02 4.30 3.66
N ASP A 814 8.38 4.86 2.65
CA ASP A 814 7.96 6.24 2.73
C ASP A 814 6.82 6.38 3.70
N PHE A 815 6.85 7.46 4.47
CA PHE A 815 5.90 7.71 5.51
C PHE A 815 5.60 9.18 5.47
N GLU A 816 4.53 9.58 6.11
CA GLU A 816 4.19 10.98 6.20
C GLU A 816 3.90 11.40 7.62
N LEU A 817 4.35 12.60 7.94
CA LEU A 817 4.16 13.22 9.22
C LEU A 817 3.46 14.51 8.82
N GLU A 818 2.81 15.17 9.75
CA GLU A 818 2.09 16.38 9.44
C GLU A 818 2.56 17.54 10.29
N ALA A 819 2.58 18.72 9.68
CA ALA A 819 3.15 19.91 10.29
C ALA A 819 2.54 20.19 11.64
N ASP A 820 1.24 19.92 11.76
CA ASP A 820 0.55 20.11 13.03
C ASP A 820 1.15 19.16 14.09
N GLU A 821 1.54 17.96 13.67
CA GLU A 821 2.26 17.05 14.53
C GLU A 821 3.65 17.56 14.87
N ILE A 822 4.37 18.05 13.88
CA ILE A 822 5.71 18.62 14.11
C ILE A 822 5.61 19.85 14.96
N GLY A 823 4.58 20.63 14.70
CA GLY A 823 4.50 21.94 15.25
C GLY A 823 4.58 21.96 16.74
N LYS A 824 4.16 20.88 17.36
CA LYS A 824 3.87 20.85 18.77
C LYS A 824 5.12 21.22 19.55
N PHE A 825 6.27 21.06 18.94
CA PHE A 825 7.54 21.34 19.58
C PHE A 825 8.26 22.55 19.00
N LEU A 826 7.52 23.46 18.38
CA LEU A 826 8.11 24.61 17.72
C LEU A 826 7.72 25.96 18.32
N ASP A 827 8.68 26.89 18.40
CA ASP A 827 8.40 28.24 18.83
C ASP A 827 8.44 29.14 17.63
N PHE A 828 7.29 29.29 16.99
CA PHE A 828 7.17 30.25 15.93
C PHE A 828 6.50 31.49 16.45
N ASN A 829 7.23 32.59 16.51
CA ASN A 829 6.68 33.82 17.00
C ASN A 829 5.98 33.56 18.33
N GLY A 830 6.66 32.76 19.14
CA GLY A 830 6.16 32.42 20.45
C GLY A 830 4.88 31.61 20.39
N ASN A 831 4.67 30.87 19.33
CA ASN A 831 3.49 30.02 19.23
C ASN A 831 3.80 28.76 18.46
N LYS A 832 3.01 27.72 18.71
CA LYS A 832 3.14 26.44 17.99
C LYS A 832 2.65 26.60 16.57
N VAL A 833 3.19 25.80 15.66
CA VAL A 833 2.79 25.91 14.25
C VAL A 833 1.77 24.81 13.92
N LYS A 834 0.61 25.21 13.38
CA LYS A 834 -0.43 24.24 13.06
C LYS A 834 -0.61 24.10 11.56
N ASP A 835 0.14 24.87 10.80
CA ASP A 835 -0.20 25.09 9.40
C ASP A 835 1.00 24.79 8.57
N ASN A 836 0.76 24.21 7.42
CA ASN A 836 1.81 24.01 6.44
C ASN A 836 2.35 25.34 5.99
N LYS A 837 1.46 26.32 5.93
CA LYS A 837 1.84 27.65 5.51
C LYS A 837 2.74 28.39 6.51
N GLU A 838 2.50 28.27 7.81
CA GLU A 838 3.36 28.93 8.79
C GLU A 838 4.66 28.17 8.88
N LEU A 839 4.62 26.86 8.64
CA LEU A 839 5.84 26.06 8.71
C LEU A 839 6.86 26.62 7.74
N LYS A 840 6.37 27.16 6.62
CA LYS A 840 7.24 27.87 5.69
C LYS A 840 7.86 29.12 6.31
N LYS A 841 7.06 29.93 6.97
CA LYS A 841 7.59 31.14 7.59
C LYS A 841 8.65 30.81 8.63
N PHE A 842 8.45 29.74 9.37
CA PHE A 842 9.41 29.31 10.36
C PHE A 842 10.68 28.83 9.73
N ASP A 843 10.56 28.02 8.69
CA ASP A 843 11.71 27.41 8.09
C ASP A 843 12.33 28.25 7.01
N THR A 844 13.06 29.29 7.39
CA THR A 844 13.71 30.11 6.39
C THR A 844 14.71 29.24 5.66
N ASN A 845 15.37 28.36 6.39
CA ASN A 845 16.45 27.55 5.80
C ASN A 845 16.04 26.22 5.19
N LYS A 846 14.79 25.84 5.32
CA LYS A 846 14.29 24.66 4.62
C LYS A 846 14.62 23.29 5.20
N ILE A 847 15.04 23.21 6.45
CA ILE A 847 15.24 21.90 7.06
C ILE A 847 13.97 21.07 7.30
N TYR A 848 12.92 21.67 7.84
CA TYR A 848 11.64 21.00 8.02
C TYR A 848 10.80 20.72 6.77
N PHE A 849 10.74 21.70 5.88
CA PHE A 849 9.79 21.75 4.78
C PHE A 849 10.51 22.12 3.52
N ASP A 850 10.18 21.49 2.40
CA ASP A 850 10.78 21.91 1.15
C ASP A 850 9.80 22.78 0.37
N GLY A 851 8.68 23.06 0.99
CA GLY A 851 7.67 23.87 0.35
C GLY A 851 6.46 23.09 -0.15
N GLU A 852 6.60 21.80 -0.35
CA GLU A 852 5.38 20.99 -0.60
C GLU A 852 5.22 19.78 0.30
N ASN A 853 6.33 19.10 0.55
CA ASN A 853 6.36 17.90 1.40
C ASN A 853 7.31 18.17 2.54
N ILE A 854 7.14 17.48 3.65
CA ILE A 854 8.08 17.65 4.75
C ILE A 854 9.36 16.83 4.48
N ILE A 855 10.46 17.26 5.07
CA ILE A 855 11.71 16.51 4.97
C ILE A 855 11.56 15.28 5.84
N LYS A 856 12.13 14.17 5.43
CA LYS A 856 11.85 12.91 6.08
C LYS A 856 13.08 12.23 6.64
N HIS A 857 13.60 12.82 7.70
CA HIS A 857 14.76 12.34 8.38
C HIS A 857 14.47 11.07 9.12
N ARG A 858 15.46 10.22 9.30
CA ARG A 858 15.24 9.01 10.05
C ARG A 858 14.64 9.36 11.40
N ALA A 859 15.11 10.45 11.98
CA ALA A 859 14.67 10.81 13.32
C ALA A 859 13.17 11.03 13.36
N PHE A 860 12.65 11.66 12.32
CA PHE A 860 11.21 11.84 12.17
C PHE A 860 10.49 10.52 12.01
N TYR A 861 11.10 9.63 11.25
CA TYR A 861 10.51 8.36 10.93
C TYR A 861 10.21 7.60 12.19
N ASN A 862 11.16 7.62 13.09
CA ASN A 862 11.01 6.92 14.34
C ASN A 862 10.04 7.52 15.29
N ILE A 863 9.88 8.82 15.26
CA ILE A 863 8.98 9.49 16.17
C ILE A 863 7.54 9.11 15.88
N LYS A 864 7.25 8.88 14.60
CA LYS A 864 5.90 8.48 14.20
C LYS A 864 5.56 7.11 14.74
N LYS A 865 6.51 6.19 14.62
CA LYS A 865 6.31 4.82 15.08
C LYS A 865 6.07 4.75 16.57
N TYR A 866 6.93 5.40 17.33
CA TYR A 866 6.90 5.27 18.78
C TYR A 866 6.57 6.54 19.47
N GLY A 867 6.24 7.58 18.72
CA GLY A 867 5.96 8.85 19.34
C GLY A 867 4.64 8.75 20.10
N LEU A 869 3.11 11.56 21.06
CA LEU A 869 3.34 12.96 20.87
C LEU A 869 2.49 13.82 21.76
N ASN A 870 1.30 13.37 22.06
CA ASN A 870 0.44 14.16 22.90
C ASN A 870 0.96 14.30 24.30
N LEU A 871 1.46 13.22 24.89
CA LEU A 871 2.13 13.28 26.18
C LEU A 871 3.45 14.01 26.14
N LEU A 872 4.21 13.77 25.09
CA LEU A 872 5.49 14.39 24.90
C LEU A 872 5.25 15.85 24.75
N GLU A 873 4.18 16.19 24.06
CA GLU A 873 3.85 17.57 23.77
C GLU A 873 3.63 18.26 25.07
N LYS A 874 2.91 17.59 25.96
CA LYS A 874 2.56 18.17 27.26
C LYS A 874 3.76 18.37 28.15
N ILE A 875 4.63 17.38 28.22
CA ILE A 875 5.78 17.46 29.09
C ILE A 875 6.70 18.56 28.63
N ALA A 876 6.92 18.62 27.34
CA ALA A 876 7.80 19.63 26.80
C ALA A 876 7.18 20.96 27.06
N ASP A 877 5.88 21.02 26.87
CA ASP A 877 5.18 22.28 26.87
C ASP A 877 5.41 22.90 28.22
N LYS A 878 5.37 22.09 29.26
CA LYS A 878 5.46 22.59 30.61
C LYS A 878 6.86 22.53 31.15
N ALA A 879 7.80 22.16 30.30
CA ALA A 879 9.21 22.27 30.63
C ALA A 879 9.93 23.35 29.85
N GLY A 880 9.21 24.12 29.06
CA GLY A 880 9.82 25.12 28.21
C GLY A 880 10.78 24.61 27.15
N TYR A 881 10.45 23.48 26.55
CA TYR A 881 11.24 22.86 25.50
C TYR A 881 10.54 23.08 24.17
N LYS A 882 11.17 23.80 23.27
CA LYS A 882 10.62 23.98 21.95
C LYS A 882 11.79 24.27 21.09
N ILE A 883 11.60 24.27 19.78
CA ILE A 883 12.69 24.55 18.90
C ILE A 883 12.47 25.92 18.35
N SER A 884 13.52 26.74 18.37
CA SER A 884 13.42 28.13 18.00
C SER A 884 14.24 28.50 16.77
N ILE A 885 13.84 29.60 16.16
CA ILE A 885 14.46 30.01 14.91
C ILE A 885 15.93 30.28 15.15
N GLU A 886 16.22 30.84 16.30
CA GLU A 886 17.59 31.15 16.61
C GLU A 886 18.40 29.85 16.65
N GLU A 887 17.78 28.78 17.15
CA GLU A 887 18.41 27.46 17.14
C GLU A 887 18.54 26.89 15.75
N LEU A 888 17.51 27.04 14.94
CA LEU A 888 17.61 26.63 13.56
C LEU A 888 18.73 27.38 12.80
N LYS A 889 18.88 28.66 13.08
CA LYS A 889 19.91 29.44 12.39
C LYS A 889 21.32 29.12 12.86
N LYS A 890 21.46 28.56 14.05
CA LYS A 890 22.75 28.01 14.49
C LYS A 890 23.07 26.67 13.84
N TYR A 891 22.10 25.77 13.80
CA TYR A 891 22.28 24.46 13.15
C TYR A 891 22.81 24.65 11.72
N SER A 892 22.12 25.49 10.95
CA SER A 892 22.56 25.73 9.57
C SER A 892 23.90 26.42 9.50
N ASN A 893 24.16 27.36 10.39
CA ASN A 893 25.47 27.98 10.39
C ASN A 893 26.53 26.97 10.70
N LYS A 894 26.34 26.19 11.75
CA LYS A 894 27.36 25.21 12.11
C LYS A 894 27.39 24.04 11.17
N LYS A 895 26.30 23.77 10.48
CA LYS A 895 26.34 22.71 9.49
C LYS A 895 27.42 23.00 8.44
N ASN A 896 27.71 24.25 8.18
CA ASN A 896 28.68 24.57 7.15
C ASN A 896 30.10 24.23 7.49
N GLU A 897 30.40 23.95 8.75
CA GLU A 897 31.78 23.75 9.14
C GLU A 897 32.11 22.45 9.86
N ILE A 898 31.16 21.54 9.95
CA ILE A 898 31.44 20.25 10.56
C ILE A 898 32.39 19.39 9.74
N GLU A 899 32.44 19.55 8.43
CA GLU A 899 33.40 18.76 7.67
C GLU A 899 34.83 18.95 8.22
N LYS A 900 35.20 20.21 8.48
CA LYS A 900 36.55 20.53 8.94
C LYS A 900 36.78 19.83 10.28
N ASN A 901 35.92 20.17 11.23
CA ASN A 901 36.05 19.65 12.58
C ASN A 901 36.15 18.14 12.61
N HIS A 902 35.41 17.48 11.73
CA HIS A 902 35.54 16.04 11.62
C HIS A 902 36.86 15.64 10.97
N LYS A 903 37.26 16.33 9.91
CA LYS A 903 38.55 16.03 9.30
C LYS A 903 39.66 16.28 10.31
N GLN A 905 39.44 16.08 13.67
CA GLN A 905 39.45 15.01 14.65
C GLN A 905 40.06 13.76 14.03
N GLU A 906 39.76 13.50 12.76
CA GLU A 906 40.19 12.26 12.14
C GLU A 906 41.70 12.22 12.04
N ASN A 907 42.30 13.23 11.44
CA ASN A 907 43.74 13.22 11.31
C ASN A 907 44.42 13.27 12.63
N LEU A 908 43.98 14.17 13.50
CA LEU A 908 44.64 14.28 14.79
C LEU A 908 44.65 12.96 15.51
N HIS A 909 43.56 12.22 15.47
CA HIS A 909 43.55 10.90 16.10
C HIS A 909 44.58 9.96 15.47
N ARG A 910 44.87 10.12 14.19
CA ARG A 910 45.95 9.35 13.60
C ARG A 910 47.15 9.62 14.52
N LYS A 911 47.54 10.89 14.64
CA LYS A 911 48.74 11.25 15.39
C LYS A 911 48.78 10.62 16.77
N TYR A 912 47.63 10.59 17.44
CA TYR A 912 47.58 10.04 18.78
C TYR A 912 47.74 8.54 18.75
N ALA A 913 46.92 7.88 17.95
CA ALA A 913 46.87 6.41 17.90
C ALA A 913 48.02 5.76 17.15
N ARG A 914 48.20 6.14 15.91
CA ARG A 914 49.28 5.60 15.11
C ARG A 914 50.06 6.80 14.63
N PRO A 915 51.24 7.03 15.19
CA PRO A 915 51.95 8.25 14.86
C PRO A 915 53.20 7.96 14.04
N ARG A 916 53.61 8.94 13.26
CA ARG A 916 54.76 8.84 12.37
C ARG A 916 56.02 8.86 13.22
N LYS A 917 57.14 8.50 12.61
CA LYS A 917 58.35 8.15 13.37
C LYS A 917 58.69 9.25 14.35
N ASP A 918 58.61 10.47 13.86
CA ASP A 918 58.73 11.65 14.67
C ASP A 918 57.41 12.35 14.56
N GLU A 919 56.61 12.34 15.61
CA GLU A 919 55.46 13.18 15.61
C GLU A 919 55.25 13.35 17.08
N LYS A 920 54.68 14.46 17.47
CA LYS A 920 54.39 14.67 18.85
C LYS A 920 53.02 15.28 18.89
N PHE A 921 52.34 15.12 20.00
CA PHE A 921 51.09 15.80 20.16
C PHE A 921 51.49 17.07 20.82
N THR A 922 51.64 18.11 20.01
CA THR A 922 52.00 19.38 20.56
C THR A 922 50.75 19.79 21.27
N ASP A 923 50.86 20.60 22.30
CA ASP A 923 49.69 20.96 23.08
C ASP A 923 48.70 21.57 22.14
N GLU A 924 49.22 22.26 21.13
CA GLU A 924 48.42 22.88 20.11
C GLU A 924 47.63 21.82 19.40
N ASP A 925 48.23 20.65 19.24
CA ASP A 925 47.50 19.55 18.64
C ASP A 925 46.33 19.25 19.54
N TYR A 926 46.58 19.21 20.84
CA TYR A 926 45.56 18.89 21.82
C TYR A 926 44.48 19.94 21.88
N GLU A 927 44.85 21.20 21.90
CA GLU A 927 43.87 22.26 21.94
C GLU A 927 43.06 22.25 20.66
N SER A 928 43.73 21.98 19.56
CA SER A 928 43.06 21.88 18.29
C SER A 928 42.07 20.72 18.32
N TYR A 929 42.46 19.62 18.95
CA TYR A 929 41.58 18.47 19.09
C TYR A 929 40.41 18.79 19.96
N LYS A 930 40.71 19.42 21.08
CA LYS A 930 39.72 19.72 22.08
C LYS A 930 38.65 20.54 21.46
N GLN A 931 39.09 21.54 20.70
CA GLN A 931 38.17 22.41 20.04
C GLN A 931 37.29 21.72 19.02
N ALA A 932 37.86 20.77 18.30
CA ALA A 932 37.11 20.05 17.30
C ALA A 932 35.99 19.23 17.90
N ILE A 933 36.30 18.47 18.93
CA ILE A 933 35.30 17.60 19.53
C ILE A 933 34.23 18.47 20.19
N GLU A 934 34.66 19.58 20.74
CA GLU A 934 33.75 20.55 21.34
C GLU A 934 32.85 21.24 20.35
N ASN A 935 33.35 21.55 19.17
CA ASN A 935 32.50 22.07 18.12
C ASN A 935 31.50 21.03 17.64
N ILE A 936 31.96 19.77 17.57
CA ILE A 936 31.14 18.64 17.14
C ILE A 936 30.04 18.30 18.15
N GLU A 937 30.32 18.36 19.44
CA GLU A 937 29.29 18.10 20.42
C GLU A 937 28.22 19.15 20.31
N GLU A 938 28.63 20.38 20.12
CA GLU A 938 27.68 21.46 19.98
C GLU A 938 26.79 21.28 18.77
N TYR A 939 27.38 20.96 17.64
CA TYR A 939 26.62 20.71 16.43
C TYR A 939 25.73 19.49 16.62
N THR A 940 26.27 18.45 17.20
CA THR A 940 25.49 17.26 17.43
C THR A 940 24.37 17.54 18.38
N HIS A 941 24.65 18.27 19.44
CA HIS A 941 23.63 18.54 20.42
C HIS A 941 22.53 19.34 19.81
N LEU A 942 22.89 20.35 19.05
CA LEU A 942 21.89 21.13 18.35
C LEU A 942 21.16 20.29 17.35
N LYS A 943 21.88 19.47 16.60
CA LYS A 943 21.24 18.73 15.54
C LYS A 943 20.22 17.77 16.07
N ASN A 944 20.53 17.15 17.19
CA ASN A 944 19.61 16.20 17.78
C ASN A 944 18.31 16.84 18.22
N LYS A 945 18.38 18.02 18.82
CA LYS A 945 17.16 18.72 19.24
C LYS A 945 16.35 19.10 18.05
N VAL A 946 17.00 19.60 17.02
CA VAL A 946 16.31 20.10 15.86
C VAL A 946 15.57 18.98 15.18
N GLU A 947 16.19 17.82 15.14
CA GLU A 947 15.65 16.68 14.41
C GLU A 947 14.79 15.76 15.25
N PHE A 948 14.59 16.07 16.52
CA PHE A 948 13.66 15.29 17.33
C PHE A 948 14.17 13.94 17.79
N ASN A 949 15.47 13.74 17.71
CA ASN A 949 16.16 12.63 18.36
C ASN A 949 16.16 12.72 19.87
N GLU A 950 16.24 13.93 20.38
CA GLU A 950 16.21 14.15 21.80
C GLU A 950 14.89 13.69 22.38
N LEU A 951 13.80 13.90 21.65
CA LEU A 951 12.48 13.41 22.01
C LEU A 951 12.36 11.90 21.87
N ASN A 952 12.94 11.33 20.84
CA ASN A 952 12.99 9.88 20.74
C ASN A 952 13.76 9.25 21.87
N LEU A 953 14.83 9.90 22.28
CA LEU A 953 15.58 9.37 23.42
C LEU A 953 14.71 9.36 24.68
N LEU A 954 13.96 10.44 24.88
CA LEU A 954 13.07 10.61 26.02
C LEU A 954 11.93 9.56 26.01
N GLN A 955 11.31 9.40 24.86
CA GLN A 955 10.27 8.40 24.70
C GLN A 955 10.71 7.04 25.25
N GLY A 956 11.93 6.63 24.91
CA GLY A 956 12.43 5.31 25.30
C GLY A 956 12.86 5.22 26.74
N LEU A 957 13.48 6.30 27.21
CA LEU A 957 13.83 6.39 28.61
C LEU A 957 12.61 6.20 29.49
N LEU A 958 11.49 6.76 29.07
CA LEU A 958 10.26 6.60 29.83
C LEU A 958 9.75 5.18 29.81
N LEU A 959 9.74 4.57 28.64
CA LEU A 959 9.19 3.23 28.53
C LEU A 959 10.06 2.24 29.29
N ARG A 960 11.33 2.59 29.47
CA ARG A 960 12.23 1.69 30.16
C ARG A 960 12.05 1.83 31.65
N ILE A 961 12.05 3.06 32.14
CA ILE A 961 11.78 3.30 33.53
C ILE A 961 10.49 2.60 33.91
N LEU A 962 9.47 2.75 33.07
CA LEU A 962 8.15 2.15 33.34
C LEU A 962 8.23 0.66 33.40
N HIS A 963 8.66 0.05 32.32
CA HIS A 963 8.74 -1.40 32.27
C HIS A 963 9.70 -2.03 33.24
N ARG A 964 10.74 -1.32 33.64
CA ARG A 964 11.65 -1.79 34.68
C ARG A 964 10.94 -1.92 36.00
N LEU A 965 10.04 -1.00 36.27
CA LEU A 965 9.24 -0.95 37.48
C LEU A 965 8.27 -2.12 37.61
N VAL A 966 7.79 -2.63 36.51
CA VAL A 966 6.89 -3.76 36.51
C VAL A 966 7.60 -4.94 37.12
N GLY A 967 8.88 -5.02 36.86
CA GLY A 967 9.72 -6.11 37.31
C GLY A 967 9.75 -6.21 38.80
N TYR A 968 9.68 -5.08 39.47
CA TYR A 968 9.47 -4.98 40.91
C TYR A 968 8.15 -5.49 41.38
N THR A 969 7.10 -5.23 40.63
CA THR A 969 5.79 -5.74 40.96
C THR A 969 5.83 -7.24 40.90
N SER A 970 6.69 -7.76 40.06
CA SER A 970 6.87 -9.18 39.90
C SER A 970 7.35 -9.87 41.14
N ILE A 971 8.32 -9.30 41.83
CA ILE A 971 8.77 -9.90 43.06
C ILE A 971 7.70 -9.83 44.11
N TRP A 972 7.06 -8.68 44.23
CA TRP A 972 6.10 -8.50 45.28
C TRP A 972 4.99 -9.47 45.08
N GLU A 973 4.50 -9.55 43.86
CA GLU A 973 3.46 -10.52 43.61
C GLU A 973 3.92 -11.98 43.91
N ARG A 974 5.23 -12.22 43.93
CA ARG A 974 5.75 -13.52 44.34
C ARG A 974 5.96 -13.59 45.87
N ASP A 975 6.59 -12.58 46.40
CA ASP A 975 6.81 -12.58 47.84
C ASP A 975 5.50 -12.75 48.63
N LEU A 976 4.40 -12.26 48.12
CA LEU A 976 3.14 -12.36 48.81
C LEU A 976 2.73 -13.83 48.90
N ARG A 977 2.54 -14.49 47.75
CA ARG A 977 2.20 -15.90 47.82
C ARG A 977 3.31 -16.69 48.53
N PHE A 978 4.53 -16.17 48.62
CA PHE A 978 5.50 -16.84 49.45
C PHE A 978 5.08 -16.75 50.89
N ARG A 979 5.04 -15.56 51.46
CA ARG A 979 4.72 -15.50 52.89
C ARG A 979 3.37 -16.12 53.19
N LEU A 980 2.47 -16.13 52.23
CA LEU A 980 1.19 -16.77 52.49
C LEU A 980 1.33 -18.25 52.71
N LYS A 981 1.79 -19.00 51.73
CA LYS A 981 2.02 -20.42 51.94
C LYS A 981 2.99 -20.68 53.07
N GLY A 982 3.83 -19.70 53.37
CA GLY A 982 4.68 -19.82 54.53
C GLY A 982 3.94 -19.60 55.83
N GLU A 983 3.07 -18.61 55.82
CA GLU A 983 2.25 -18.25 56.96
C GLU A 983 1.09 -19.22 57.18
N PHE A 984 0.43 -19.61 56.10
CA PHE A 984 -0.79 -20.40 56.17
C PHE A 984 -0.75 -21.58 55.20
N PRO A 985 0.06 -22.59 55.49
CA PRO A 985 0.14 -23.69 54.51
C PRO A 985 -1.21 -24.37 54.38
N GLU A 986 -1.96 -24.39 55.47
CA GLU A 986 -3.23 -25.08 55.55
C GLU A 986 -4.29 -24.56 54.60
N ASN A 987 -4.33 -23.26 54.44
CA ASN A 987 -5.37 -22.64 53.69
C ASN A 987 -5.30 -23.06 52.23
N GLN A 988 -6.29 -23.80 51.80
CA GLN A 988 -6.37 -24.27 50.40
C GLN A 988 -6.64 -23.09 49.47
N TYR A 989 -7.44 -22.17 49.97
CA TYR A 989 -7.88 -21.03 49.20
C TYR A 989 -6.81 -20.02 48.85
N ILE A 990 -5.68 -20.05 49.52
CA ILE A 990 -4.74 -18.96 49.45
C ILE A 990 -4.22 -18.82 48.03
N GLU A 991 -4.07 -19.95 47.35
CA GLU A 991 -3.60 -19.98 45.97
C GLU A 991 -4.59 -19.34 45.01
N GLU A 992 -5.85 -19.24 45.40
CA GLU A 992 -6.87 -18.66 44.54
C GLU A 992 -6.57 -17.24 44.21
N ILE A 993 -5.97 -16.56 45.17
CA ILE A 993 -5.71 -15.15 44.99
C ILE A 993 -4.89 -14.93 43.71
N PHE A 994 -3.93 -15.83 43.46
CA PHE A 994 -2.99 -15.63 42.37
C PHE A 994 -3.35 -16.32 41.08
N ASN A 995 -4.49 -16.98 41.03
CA ASN A 995 -4.88 -17.68 39.84
C ASN A 995 -5.91 -16.85 39.12
N PHE A 996 -5.64 -16.53 37.87
CA PHE A 996 -6.50 -15.64 37.11
C PHE A 996 -7.64 -16.38 36.44
N GLU A 997 -7.60 -17.70 36.52
CA GLU A 997 -8.68 -18.54 36.03
C GLU A 997 -9.78 -18.60 37.08
N ASN A 998 -10.69 -17.63 37.04
CA ASN A 998 -11.68 -17.46 38.10
C ASN A 998 -12.84 -18.47 38.14
N LYS A 999 -12.99 -19.26 37.09
CA LYS A 999 -13.93 -20.35 37.14
C LYS A 999 -13.50 -21.29 38.23
N LYS A 1000 -12.19 -21.49 38.31
CA LYS A 1000 -11.58 -22.46 39.19
C LYS A 1000 -11.61 -22.07 40.66
N ASN A 1001 -11.90 -20.81 40.97
CA ASN A 1001 -11.86 -20.36 42.34
C ASN A 1001 -13.22 -20.39 43.02
N VAL A 1002 -13.27 -21.09 44.15
CA VAL A 1002 -14.41 -21.12 45.05
C VAL A 1002 -14.65 -19.80 45.74
N LYS A 1003 -13.57 -19.21 46.23
CA LYS A 1003 -13.62 -18.00 47.00
C LYS A 1003 -12.56 -17.05 46.43
N TYR A 1004 -12.77 -15.77 46.59
CA TYR A 1004 -11.98 -14.81 45.89
C TYR A 1004 -12.14 -15.09 44.42
N LYS A 1005 -13.39 -15.25 44.02
CA LYS A 1005 -13.66 -15.73 42.65
C LYS A 1005 -13.27 -14.70 41.59
N GLY A 1006 -13.45 -13.43 41.89
CA GLY A 1006 -13.28 -12.40 40.89
C GLY A 1006 -12.33 -11.37 41.41
N GLY A 1007 -11.65 -10.66 40.52
CA GLY A 1007 -10.81 -9.56 40.93
C GLY A 1007 -9.43 -9.65 40.33
N GLN A 1008 -8.49 -8.99 40.99
CA GLN A 1008 -7.07 -9.01 40.62
C GLN A 1008 -6.35 -9.46 41.83
N ILE A 1009 -5.04 -9.64 41.75
CA ILE A 1009 -4.30 -10.14 42.88
C ILE A 1009 -4.55 -9.21 44.06
N VAL A 1010 -4.53 -7.91 43.82
CA VAL A 1010 -4.68 -6.94 44.90
C VAL A 1010 -6.03 -7.04 45.59
N GLU A 1011 -7.06 -7.13 44.79
CA GLU A 1011 -8.42 -7.13 45.29
C GLU A 1011 -8.71 -8.41 46.05
N LYS A 1012 -8.24 -9.54 45.55
CA LYS A 1012 -8.48 -10.80 46.22
C LYS A 1012 -7.77 -10.85 47.54
N TYR A 1013 -6.56 -10.29 47.60
CA TYR A 1013 -5.83 -10.27 48.86
C TYR A 1013 -6.50 -9.41 49.92
N ILE A 1014 -7.03 -8.28 49.51
CA ILE A 1014 -7.70 -7.40 50.47
C ILE A 1014 -8.91 -8.08 51.07
N LYS A 1015 -9.66 -8.78 50.24
CA LYS A 1015 -10.78 -9.58 50.71
C LYS A 1015 -10.29 -10.66 51.67
N PHE A 1016 -9.16 -11.27 51.33
CA PHE A 1016 -8.52 -12.25 52.19
C PHE A 1016 -8.06 -11.61 53.48
N TYR A 1017 -7.48 -10.44 53.35
CA TYR A 1017 -6.94 -9.73 54.50
C TYR A 1017 -8.04 -9.29 55.44
N LYS A 1018 -9.14 -8.81 54.88
CA LYS A 1018 -10.26 -8.35 55.68
C LYS A 1018 -10.91 -9.49 56.42
N GLU A 1019 -11.10 -10.62 55.77
CA GLU A 1019 -11.59 -11.79 56.46
C GLU A 1019 -10.56 -12.36 57.44
N LEU A 1020 -9.28 -12.22 57.12
CA LEU A 1020 -8.26 -12.84 57.91
C LEU A 1020 -8.29 -12.34 59.31
N HIS A 1021 -8.59 -11.06 59.50
CA HIS A 1021 -8.90 -10.60 60.85
C HIS A 1021 -10.11 -9.73 61.03
N GLN A 1022 -11.27 -10.34 60.90
CA GLN A 1022 -12.50 -9.70 61.37
C GLN A 1022 -12.52 -9.70 62.88
N ASN A 1023 -12.12 -10.81 63.48
CA ASN A 1023 -12.01 -10.88 64.92
C ASN A 1023 -10.66 -10.33 65.27
N ASP A 1024 -10.62 -9.23 65.99
CA ASP A 1024 -9.34 -8.65 66.36
C ASP A 1024 -9.38 -7.99 67.70
N GLU A 1025 -8.25 -8.03 68.39
CA GLU A 1025 -8.14 -7.31 69.65
C GLU A 1025 -8.81 -5.92 69.52
N VAL A 1026 -8.48 -5.18 68.46
CA VAL A 1026 -9.21 -3.97 68.14
C VAL A 1026 -9.08 -3.54 66.69
N LYS A 1027 -10.13 -2.95 66.13
CA LYS A 1027 -10.49 -3.24 64.78
C LYS A 1027 -9.27 -3.07 63.92
N ILE A 1028 -8.95 -4.16 63.27
CA ILE A 1028 -7.78 -4.28 62.43
C ILE A 1028 -7.84 -3.49 61.16
N ASN A 1029 -9.03 -3.43 60.59
CA ASN A 1029 -9.15 -3.13 59.18
C ASN A 1029 -8.93 -1.70 58.78
N LYS A 1030 -7.92 -1.56 57.93
CA LYS A 1030 -7.62 -0.35 57.21
C LYS A 1030 -8.26 -0.32 55.83
N TYR A 1031 -8.54 -1.48 55.25
CA TYR A 1031 -9.21 -1.52 53.95
C TYR A 1031 -10.72 -1.33 54.13
N SER A 1032 -11.11 -0.20 54.70
CA SER A 1032 -12.50 0.21 54.74
C SER A 1032 -12.85 0.83 53.43
N SER A 1033 -14.12 0.79 53.08
CA SER A 1033 -14.59 1.30 51.80
C SER A 1033 -14.29 2.76 51.67
N ALA A 1034 -14.42 3.51 52.76
CA ALA A 1034 -14.00 4.90 52.77
C ALA A 1034 -12.50 5.05 52.54
N ASN A 1035 -11.71 4.24 53.20
CA ASN A 1035 -10.26 4.28 53.01
C ASN A 1035 -9.75 3.71 51.70
N ILE A 1036 -10.35 2.61 51.26
CA ILE A 1036 -9.93 1.97 50.04
C ILE A 1036 -10.14 2.96 48.92
N LYS A 1037 -11.19 3.75 48.99
CA LYS A 1037 -11.48 4.74 47.96
C LYS A 1037 -10.38 5.78 47.86
N VAL A 1038 -9.84 6.17 49.01
CA VAL A 1038 -8.74 7.10 49.03
C VAL A 1038 -7.53 6.47 48.39
N LEU A 1039 -7.27 5.22 48.74
CA LEU A 1039 -6.09 4.53 48.24
C LEU A 1039 -6.07 4.42 46.71
N LYS A 1040 -7.20 4.02 46.14
CA LYS A 1040 -7.24 3.75 44.73
C LYS A 1040 -6.93 5.01 43.94
N GLN A 1041 -7.45 6.14 44.38
CA GLN A 1041 -7.19 7.39 43.69
C GLN A 1041 -5.75 7.85 43.78
N GLU A 1042 -5.14 7.66 44.93
CA GLU A 1042 -3.79 8.15 45.13
C GLU A 1042 -2.72 7.15 44.75
N LYS A 1043 -3.10 5.94 44.41
CA LYS A 1043 -2.11 4.93 44.10
C LYS A 1043 -1.17 4.68 45.27
N LYS A 1044 -1.76 4.47 46.44
CA LYS A 1044 -1.00 4.23 47.65
C LYS A 1044 -1.27 2.83 48.18
N ASP A 1045 -0.36 2.31 48.96
CA ASP A 1045 -0.38 0.93 49.43
C ASP A 1045 -0.41 0.01 48.25
N LEU A 1046 -1.26 -1.00 48.28
CA LEU A 1046 -1.24 -2.01 47.27
C LEU A 1046 -1.50 -1.48 45.89
N TYR A 1047 -2.40 -0.52 45.79
CA TYR A 1047 -2.89 -0.19 44.50
C TYR A 1047 -1.83 0.32 43.53
N ILE A 1048 -0.65 0.70 44.04
CA ILE A 1048 0.43 1.12 43.18
C ILE A 1048 0.84 0.00 42.22
N ALA A 1049 0.75 -1.23 42.67
CA ALA A 1049 1.14 -2.33 41.86
C ALA A 1049 0.29 -2.39 40.59
N ASN A 1050 -0.99 -2.04 40.69
CA ASN A 1050 -1.80 -1.98 39.49
C ASN A 1050 -1.41 -0.84 38.56
N TYR A 1051 -1.18 0.34 39.11
CA TYR A 1051 -0.70 1.45 38.32
C TYR A 1051 0.54 1.05 37.54
N ILE A 1052 1.45 0.35 38.22
CA ILE A 1052 2.72 0.05 37.61
C ILE A 1052 2.63 -1.06 36.56
N ALA A 1053 2.05 -2.19 36.94
CA ALA A 1053 2.05 -3.34 36.07
C ALA A 1053 1.16 -3.18 34.87
N ALA A 1054 0.13 -2.36 35.01
CA ALA A 1054 -0.86 -2.18 33.96
C ALA A 1054 -0.51 -1.01 33.09
N PHE A 1055 0.59 -0.33 33.41
CA PHE A 1055 1.07 0.83 32.65
C PHE A 1055 0.05 1.96 32.62
N ASN A 1056 -0.61 2.19 33.74
CA ASN A 1056 -1.59 3.26 33.84
C ASN A 1056 -1.00 4.63 33.85
N TYR A 1057 0.31 4.75 34.06
CA TYR A 1057 0.94 6.06 34.03
C TYR A 1057 0.67 6.71 32.71
N ILE A 1058 0.79 5.92 31.66
CA ILE A 1058 0.37 6.34 30.34
C ILE A 1058 -1.16 6.19 30.23
N PRO A 1059 -1.88 7.11 29.50
CA PRO A 1059 -1.20 8.27 28.94
C PRO A 1059 -1.33 9.56 29.74
N HIS A 1060 -2.06 9.55 30.85
CA HIS A 1060 -2.29 10.80 31.55
C HIS A 1060 -1.24 11.32 32.53
N ALA A 1061 -0.53 10.46 33.24
CA ALA A 1061 0.37 10.87 34.32
C ALA A 1061 -0.31 11.54 35.51
N GLU A 1062 -1.42 10.94 35.93
CA GLU A 1062 -2.14 11.42 37.10
C GLU A 1062 -1.20 11.63 38.28
N ILE A 1063 -0.30 10.71 38.46
CA ILE A 1063 0.62 10.72 39.55
C ILE A 1063 1.98 10.87 38.87
N SER A 1064 2.97 11.31 39.60
CA SER A 1064 4.28 11.45 39.00
C SER A 1064 5.14 10.23 39.08
N LEU A 1065 6.17 10.20 38.26
CA LEU A 1065 7.15 9.13 38.34
C LEU A 1065 7.81 9.16 39.67
N LEU A 1066 8.07 10.37 40.15
CA LEU A 1066 8.66 10.55 41.45
C LEU A 1066 7.75 10.05 42.55
N GLU A 1067 6.47 10.27 42.35
CA GLU A 1067 5.48 9.73 43.27
C GLU A 1067 5.36 8.21 43.18
N VAL A 1068 5.43 7.68 41.96
CA VAL A 1068 5.31 6.28 41.77
C VAL A 1068 6.43 5.65 42.56
N LEU A 1069 7.62 6.18 42.35
CA LEU A 1069 8.78 5.64 43.01
C LEU A 1069 8.57 5.75 44.48
N GLU A 1070 7.95 6.83 44.92
CA GLU A 1070 7.70 7.05 46.33
C GLU A 1070 6.85 5.96 46.96
N ASN A 1071 5.79 5.56 46.30
CA ASN A 1071 4.98 4.49 46.89
C ASN A 1071 5.21 3.09 46.35
N LEU A 1072 6.06 2.93 45.33
CA LEU A 1072 6.58 1.60 44.99
C LEU A 1072 7.49 1.12 46.09
N ARG A 1073 8.30 2.03 46.61
CA ARG A 1073 9.20 1.74 47.73
C ARG A 1073 8.41 1.49 48.97
N LYS A 1074 7.43 2.33 49.24
CA LYS A 1074 6.58 2.02 50.37
C LYS A 1074 6.07 0.59 50.19
N LEU A 1075 5.69 0.23 48.97
CA LEU A 1075 5.11 -1.10 48.77
C LEU A 1075 6.09 -2.20 49.05
N LEU A 1076 7.37 -1.97 48.80
CA LEU A 1076 8.42 -3.00 49.01
C LEU A 1076 9.10 -2.88 50.35
N SER A 1077 8.53 -2.14 51.29
CA SER A 1077 9.23 -1.91 52.54
C SER A 1077 9.40 -3.15 53.40
N TYR A 1078 8.76 -4.27 53.01
CA TYR A 1078 8.86 -5.53 53.73
C TYR A 1078 10.25 -6.18 53.63
N ASP A 1079 10.80 -6.20 52.41
CA ASP A 1079 12.14 -6.69 52.20
C ASP A 1079 13.02 -5.47 52.06
N ARG A 1080 14.01 -5.35 52.94
CA ARG A 1080 14.95 -4.24 52.85
C ARG A 1080 15.62 -4.21 51.47
N LYS A 1081 16.34 -5.27 51.13
CA LYS A 1081 17.17 -5.29 49.92
C LYS A 1081 16.40 -4.77 48.72
N LEU A 1082 15.13 -5.12 48.66
CA LEU A 1082 14.28 -4.69 47.54
C LEU A 1082 13.92 -3.23 47.67
N LYS A 1083 13.58 -2.80 48.88
CA LYS A 1083 13.11 -1.45 49.03
C LYS A 1083 14.18 -0.45 48.66
N ASN A 1084 15.41 -0.75 48.96
CA ASN A 1084 16.49 0.16 48.61
C ASN A 1084 17.31 -0.25 47.41
N ALA A 1085 16.72 -1.06 46.54
CA ALA A 1085 17.24 -1.26 45.20
C ALA A 1085 16.50 -0.45 44.13
N VAL A 1086 15.30 0.00 44.43
CA VAL A 1086 14.52 0.75 43.45
C VAL A 1086 15.34 1.90 42.88
N LYS A 1088 18.46 2.51 42.95
CA LYS A 1088 19.62 2.06 42.19
C LYS A 1088 19.27 1.77 40.75
N SER A 1089 18.19 1.05 40.51
CA SER A 1089 17.78 0.72 39.16
C SER A 1089 17.41 1.98 38.37
N VAL A 1090 16.98 3.04 39.06
CA VAL A 1090 16.70 4.28 38.39
C VAL A 1090 17.96 5.11 38.16
N VAL A 1091 18.88 5.13 39.11
CA VAL A 1091 20.11 5.85 38.88
C VAL A 1091 20.91 5.20 37.74
N ASP A 1092 20.87 3.89 37.70
CA ASP A 1092 21.59 3.09 36.70
C ASP A 1092 20.98 3.07 35.31
N ILE A 1093 19.66 3.19 35.25
CA ILE A 1093 18.96 3.31 33.97
C ILE A 1093 19.24 4.66 33.36
N LEU A 1094 19.43 5.68 34.18
CA LEU A 1094 19.77 6.98 33.65
C LEU A 1094 21.19 7.02 33.10
N LYS A 1095 22.12 6.37 33.81
CA LYS A 1095 23.52 6.34 33.39
C LYS A 1095 23.66 5.64 32.04
N GLU A 1096 22.89 4.59 31.82
CA GLU A 1096 22.87 3.97 30.51
C GLU A 1096 22.55 4.99 29.45
N TYR A 1097 21.49 5.75 29.66
CA TYR A 1097 21.02 6.74 28.70
C TYR A 1097 21.86 7.99 28.67
N GLY A 1098 22.79 8.14 29.62
CA GLY A 1098 23.73 9.26 29.59
C GLY A 1098 23.47 10.41 30.54
N PHE A 1099 22.68 10.17 31.57
CA PHE A 1099 22.42 11.18 32.56
C PHE A 1099 22.97 10.77 33.90
N VAL A 1100 23.41 11.76 34.67
CA VAL A 1100 23.87 11.56 36.02
C VAL A 1100 22.81 12.26 36.85
N ALA A 1101 22.22 11.56 37.81
CA ALA A 1101 21.17 12.16 38.58
C ALA A 1101 21.50 12.20 40.01
N THR A 1102 21.06 13.27 40.67
CA THR A 1102 21.12 13.39 42.10
C THR A 1102 19.71 13.58 42.61
N PHE A 1103 19.27 12.74 43.54
CA PHE A 1103 17.94 12.86 44.12
C PHE A 1103 18.08 13.16 45.59
N LYS A 1104 17.03 13.65 46.22
CA LYS A 1104 17.01 13.77 47.68
C LYS A 1104 15.74 13.11 48.17
N ILE A 1105 15.85 12.37 49.25
CA ILE A 1105 14.69 11.75 49.85
C ILE A 1105 14.51 12.37 51.21
N GLY A 1106 13.30 12.91 51.42
CA GLY A 1106 13.03 13.70 52.62
C GLY A 1106 12.68 12.90 53.84
N ALA A 1107 12.59 13.59 54.96
CA ALA A 1107 12.06 13.02 56.17
C ALA A 1107 10.63 12.61 55.86
N ASP A 1108 9.96 13.43 55.06
CA ASP A 1108 8.63 13.06 54.58
C ASP A 1108 8.65 11.85 53.68
N LYS A 1109 9.85 11.45 53.28
CA LYS A 1109 10.09 10.40 52.31
C LYS A 1109 9.40 10.60 50.97
N LYS A 1110 9.50 11.81 50.45
CA LYS A 1110 8.98 12.13 49.13
C LYS A 1110 10.19 12.45 48.30
N ILE A 1111 10.30 11.79 47.15
CA ILE A 1111 11.49 11.93 46.32
C ILE A 1111 11.44 13.24 45.54
N GLY A 1112 12.61 13.86 45.35
CA GLY A 1112 12.72 15.04 44.50
C GLY A 1112 14.03 14.94 43.75
N ILE A 1113 14.17 15.66 42.66
CA ILE A 1113 15.44 15.67 41.93
C ILE A 1113 16.16 16.96 42.23
N GLN A 1114 17.42 16.89 42.59
CA GLN A 1114 18.21 18.09 42.80
C GLN A 1114 19.01 18.55 41.61
N THR A 1115 19.55 17.59 40.87
CA THR A 1115 20.25 17.87 39.62
C THR A 1115 20.11 16.72 38.64
N LEU A 1116 20.27 17.04 37.37
CA LEU A 1116 20.35 16.02 36.34
C LEU A 1116 21.37 16.60 35.41
N GLU A 1117 22.31 15.80 34.98
CA GLU A 1117 23.37 16.34 34.10
C GLU A 1117 23.88 15.22 33.24
N SER A 1118 24.54 15.59 32.17
CA SER A 1118 25.00 14.59 31.22
C SER A 1118 26.16 13.80 31.82
N GLU A 1119 26.25 12.54 31.42
CA GLU A 1119 27.40 11.72 31.66
C GLU A 1119 28.40 12.25 30.72
N LYS A 1120 29.66 11.89 30.94
CA LYS A 1120 30.72 12.41 30.09
C LYS A 1120 31.42 11.35 29.27
N ILE A 1121 32.11 11.79 28.23
CA ILE A 1121 32.96 10.92 27.45
C ILE A 1121 34.41 11.33 27.70
N VAL A 1122 35.25 10.38 28.06
CA VAL A 1122 36.68 10.61 28.15
C VAL A 1122 37.31 10.37 26.78
N HIS A 1123 37.84 11.44 26.19
CA HIS A 1123 38.57 11.34 24.91
C HIS A 1123 40.06 11.22 25.12
N LEU A 1124 40.76 10.65 24.15
CA LEU A 1124 42.21 10.64 24.20
C LEU A 1124 42.60 10.11 25.54
N LYS A 1125 42.09 8.93 25.85
CA LYS A 1125 42.11 8.46 27.21
C LYS A 1125 43.49 8.45 27.83
N ASN A 1126 44.55 8.31 27.04
CA ASN A 1126 45.88 8.10 27.65
C ASN A 1126 46.85 9.12 27.19
N LEU A 1127 46.65 10.33 27.68
CA LEU A 1127 47.53 11.41 27.41
C LEU A 1127 47.93 11.89 28.79
N LYS A 1128 49.16 12.36 28.91
CA LYS A 1128 49.63 12.96 30.15
C LYS A 1128 48.87 14.26 30.39
N LYS A 1129 48.16 14.73 29.37
CA LYS A 1129 47.35 15.93 29.51
C LYS A 1129 46.01 15.74 30.24
N LYS A 1130 45.42 16.88 30.59
CA LYS A 1130 44.21 16.93 31.40
C LYS A 1130 43.05 16.21 30.71
N LYS A 1131 42.21 15.52 31.49
CA LYS A 1131 41.08 14.79 30.97
C LYS A 1131 40.25 15.69 30.09
N LEU A 1132 39.99 15.26 28.88
CA LEU A 1132 39.31 16.03 27.90
C LEU A 1132 38.02 15.28 27.68
N THR A 1134 33.47 15.63 26.79
CA THR A 1134 32.30 16.32 26.30
C THR A 1134 31.12 15.61 26.88
N ASP A 1135 30.03 16.33 27.09
CA ASP A 1135 28.83 15.74 27.67
C ASP A 1135 28.11 14.86 26.67
N ARG A 1136 27.49 13.79 27.16
CA ARG A 1136 26.70 12.92 26.32
C ARG A 1136 25.38 13.46 25.80
N ASN A 1137 24.67 14.24 26.60
CA ASN A 1137 23.40 14.80 26.21
C ASN A 1137 23.38 16.27 26.53
N SER A 1138 22.59 17.03 25.79
CA SER A 1138 22.52 18.49 25.97
C SER A 1138 21.76 18.89 27.21
N GLU A 1139 22.14 20.02 27.78
CA GLU A 1139 21.54 20.51 29.00
C GLU A 1139 20.05 20.72 28.80
N GLU A 1140 19.65 21.03 27.59
CA GLU A 1140 18.23 21.22 27.28
C GLU A 1140 17.48 19.93 27.47
N LEU A 1141 18.10 18.83 27.10
CA LEU A 1141 17.55 17.51 27.31
C LEU A 1141 17.57 17.10 28.77
N CYS A 1142 18.65 17.36 29.47
CA CYS A 1142 18.73 17.01 30.86
C CYS A 1142 17.69 17.79 31.57
N LYS A 1143 17.47 19.03 31.16
CA LYS A 1143 16.41 19.76 31.78
C LYS A 1143 15.04 19.13 31.52
N LEU A 1144 14.90 18.44 30.40
CA LEU A 1144 13.65 17.77 30.04
C LEU A 1144 13.49 16.42 30.69
N VAL A 1145 14.56 15.72 30.98
CA VAL A 1145 14.40 14.51 31.75
C VAL A 1145 14.05 14.88 33.19
N LYS A 1146 14.58 15.99 33.71
CA LYS A 1146 14.20 16.43 35.07
C LYS A 1146 12.68 16.64 35.18
N ILE A 1147 12.11 17.46 34.29
CA ILE A 1147 10.70 17.78 34.39
C ILE A 1147 9.84 16.54 34.17
N PHE A 1149 10.28 13.64 35.12
CA PHE A 1149 10.13 12.95 36.41
C PHE A 1149 9.12 13.61 37.35
N GLU A 1150 9.14 14.93 37.39
CA GLU A 1150 8.25 15.67 38.25
C GLU A 1150 6.96 16.05 37.53
N TYR A 1151 6.77 15.61 36.30
CA TYR A 1151 5.59 15.98 35.54
C TYR A 1151 4.37 15.28 36.14
N LYS A 1152 3.43 16.07 36.66
CA LYS A 1152 2.12 15.58 37.09
C LYS A 1152 1.11 16.11 36.10
N GLU A 1154 -1.93 18.31 34.86
CA GLU A 1154 -2.15 19.71 35.22
C GLU A 1154 -0.99 20.39 35.95
N SER F 1 -50.61 16.51 -27.46
CA SER F 1 -49.21 16.29 -27.93
C SER F 1 -48.94 16.92 -29.30
N LYS F 3 -46.91 18.91 -32.32
CA LYS F 3 -45.57 18.87 -32.83
C LYS F 3 -45.33 20.10 -33.68
N VAL F 4 -45.04 21.21 -33.04
CA VAL F 4 -44.91 22.44 -33.82
C VAL F 4 -43.67 22.35 -34.71
N THR F 5 -42.64 21.69 -34.24
CA THR F 5 -41.41 21.63 -34.98
C THR F 5 -41.00 20.23 -35.30
N LYS F 6 -40.13 20.11 -36.28
CA LYS F 6 -39.59 18.84 -36.71
C LYS F 6 -40.55 18.16 -37.63
N VAL F 7 -41.68 18.81 -37.92
CA VAL F 7 -42.63 18.24 -38.85
C VAL F 7 -42.44 18.79 -40.24
N GLY F 8 -42.40 20.10 -40.33
CA GLY F 8 -42.13 20.78 -41.58
C GLY F 8 -40.64 20.95 -41.52
N GLY F 9 -40.11 21.92 -42.24
CA GLY F 9 -38.70 22.24 -42.11
C GLY F 9 -38.43 22.75 -40.72
N ILE F 10 -39.50 23.13 -40.02
CA ILE F 10 -39.44 23.98 -38.85
C ILE F 10 -38.68 23.49 -37.63
N SER F 11 -37.97 24.43 -37.02
CA SER F 11 -37.23 24.23 -35.79
C SER F 11 -37.22 25.56 -35.11
N HIS F 12 -36.94 25.61 -33.83
CA HIS F 12 -36.81 26.88 -33.15
C HIS F 12 -35.33 27.15 -32.94
N LYS F 13 -34.86 28.27 -33.45
CA LYS F 13 -33.49 28.70 -33.26
C LYS F 13 -33.55 30.07 -32.64
N LYS F 14 -32.74 30.31 -31.62
CA LYS F 14 -32.85 31.57 -30.88
C LYS F 14 -31.77 32.61 -31.22
N TYR F 15 -32.24 33.84 -31.31
CA TYR F 15 -31.55 34.96 -31.92
C TYR F 15 -31.61 36.10 -30.94
N THR F 16 -30.89 37.17 -31.21
CA THR F 16 -30.73 38.21 -30.22
C THR F 16 -32.01 38.92 -29.79
N SER F 17 -32.83 39.30 -30.76
CA SER F 17 -34.07 40.04 -30.46
C SER F 17 -35.13 39.20 -29.80
N GLU F 18 -35.28 37.98 -30.26
CA GLU F 18 -36.36 37.11 -29.87
C GLU F 18 -35.97 35.70 -30.27
N GLY F 19 -36.76 34.71 -29.88
CA GLY F 19 -36.54 33.35 -30.33
C GLY F 19 -37.65 33.04 -31.31
N ARG F 20 -37.32 32.47 -32.46
CA ARG F 20 -38.36 32.25 -33.47
C ARG F 20 -38.21 30.92 -34.14
N LEU F 21 -39.33 30.41 -34.65
CA LEU F 21 -39.32 29.25 -35.51
C LEU F 21 -38.86 29.65 -36.88
N VAL F 22 -37.97 28.85 -37.44
CA VAL F 22 -37.26 29.12 -38.67
C VAL F 22 -37.30 27.85 -39.50
N LYS F 23 -37.11 27.95 -40.80
CA LYS F 23 -37.00 26.77 -41.62
C LYS F 23 -35.82 26.94 -42.52
N SER F 24 -35.16 25.83 -42.89
CA SER F 24 -34.21 25.82 -44.02
C SER F 24 -32.99 26.74 -43.90
N GLU F 25 -32.53 27.00 -42.70
CA GLU F 25 -31.27 27.72 -42.51
C GLU F 25 -31.46 29.23 -42.79
N SER F 26 -32.67 29.61 -43.16
CA SER F 26 -32.96 30.99 -43.50
C SER F 26 -33.57 31.58 -42.27
N GLU F 27 -33.12 32.73 -41.84
CA GLU F 27 -33.52 33.18 -40.51
C GLU F 27 -34.93 33.72 -40.52
N GLU F 28 -35.55 33.77 -41.69
CA GLU F 28 -36.82 34.44 -41.74
C GLU F 28 -37.78 33.89 -40.69
N ASN F 29 -38.49 34.78 -40.01
CA ASN F 29 -39.37 34.35 -38.93
C ASN F 29 -40.65 33.75 -39.47
N ARG F 30 -40.85 32.49 -39.12
CA ARG F 30 -42.03 31.73 -39.50
C ARG F 30 -42.98 31.34 -38.37
N THR F 31 -42.82 31.90 -37.18
CA THR F 31 -43.66 31.46 -36.07
C THR F 31 -45.16 31.54 -36.33
N ASP F 32 -45.60 32.69 -36.79
CA ASP F 32 -47.02 32.89 -37.05
C ASP F 32 -47.52 32.03 -38.17
N GLU F 33 -46.67 31.83 -39.17
CA GLU F 33 -47.03 31.00 -40.30
C GLU F 33 -47.27 29.57 -39.86
N ARG F 34 -46.36 29.00 -39.08
CA ARG F 34 -46.50 27.63 -38.55
C ARG F 34 -47.61 27.39 -37.55
N LEU F 35 -47.79 28.33 -36.64
CA LEU F 35 -48.80 28.17 -35.61
C LEU F 35 -50.20 28.24 -36.21
N SER F 36 -50.35 29.07 -37.23
CA SER F 36 -51.63 29.20 -37.92
C SER F 36 -52.09 27.90 -38.57
N ALA F 37 -51.13 27.13 -39.03
CA ALA F 37 -51.43 25.85 -39.64
C ALA F 37 -52.14 24.89 -38.67
N LEU F 38 -51.76 24.98 -37.39
CA LEU F 38 -52.09 23.98 -36.38
C LEU F 38 -53.40 24.25 -35.67
N LEU F 39 -54.18 25.18 -36.21
CA LEU F 39 -55.53 25.42 -35.73
C LEU F 39 -56.56 24.47 -36.34
N ASN F 40 -56.10 23.53 -37.16
CA ASN F 40 -56.92 22.41 -37.56
C ASN F 40 -57.41 21.78 -36.27
N ARG F 42 -58.52 18.11 -35.98
CA ARG F 42 -58.78 16.93 -36.79
C ARG F 42 -60.02 16.28 -36.17
N LEU F 43 -60.91 15.82 -37.03
CA LEU F 43 -62.09 15.11 -36.55
C LEU F 43 -61.68 13.72 -36.07
N ASP F 44 -60.50 13.31 -36.43
CA ASP F 44 -60.09 12.06 -35.91
C ASP F 44 -60.21 12.05 -34.41
N TYR F 46 -62.07 13.02 -32.56
CA TYR F 46 -63.43 12.91 -32.05
C TYR F 46 -63.96 11.52 -31.75
N ILE F 47 -63.54 10.50 -32.49
CA ILE F 47 -63.89 9.14 -32.14
C ILE F 47 -62.64 8.37 -31.82
N LYS F 48 -62.60 7.73 -30.66
CA LYS F 48 -61.47 6.91 -30.25
C LYS F 48 -61.97 5.51 -29.96
N ASN F 49 -61.27 4.51 -30.49
CA ASN F 49 -61.55 3.15 -30.13
C ASN F 49 -60.27 2.52 -29.63
N PRO F 50 -59.81 2.94 -28.42
CA PRO F 50 -58.54 2.31 -27.99
C PRO F 50 -58.62 0.83 -27.58
N SER F 51 -59.66 0.48 -26.82
CA SER F 51 -59.61 -0.64 -25.88
C SER F 51 -60.08 -2.01 -26.37
N SER F 52 -60.08 -2.97 -25.43
CA SER F 52 -60.66 -4.31 -25.61
C SER F 52 -62.15 -4.31 -25.35
N THR F 53 -62.71 -3.13 -25.08
CA THR F 53 -64.15 -2.90 -24.96
C THR F 53 -64.98 -3.18 -26.23
N GLU F 54 -64.44 -2.86 -27.40
CA GLU F 54 -65.10 -3.08 -28.69
C GLU F 54 -64.94 -4.49 -29.30
N THR F 55 -65.78 -4.77 -30.29
CA THR F 55 -65.76 -6.05 -31.03
C THR F 55 -65.18 -5.81 -32.41
N LYS F 56 -65.34 -6.73 -33.30
CA LYS F 56 -64.56 -6.78 -34.52
C LYS F 56 -65.52 -6.10 -35.47
N GLU F 57 -66.81 -6.40 -35.32
CA GLU F 57 -67.89 -5.71 -36.03
C GLU F 57 -67.94 -4.24 -35.61
N ASN F 58 -67.75 -4.00 -34.33
CA ASN F 58 -67.63 -2.65 -33.81
C ASN F 58 -66.26 -2.04 -34.13
N GLN F 59 -65.20 -2.83 -33.92
CA GLN F 59 -63.82 -2.34 -34.01
C GLN F 59 -63.35 -2.12 -35.44
N LYS F 60 -63.77 -3.00 -36.35
CA LYS F 60 -63.52 -2.81 -37.75
C LYS F 60 -64.26 -1.57 -38.23
N ARG F 61 -65.47 -1.38 -37.71
CA ARG F 61 -66.31 -0.23 -38.05
C ARG F 61 -65.68 1.09 -37.55
N ILE F 62 -65.26 1.11 -36.30
CA ILE F 62 -64.55 2.25 -35.73
C ILE F 62 -63.23 2.47 -36.43
N GLY F 63 -62.55 1.39 -36.77
CA GLY F 63 -61.24 1.50 -37.39
C GLY F 63 -61.28 2.22 -38.71
N LYS F 64 -62.29 1.91 -39.52
CA LYS F 64 -62.46 2.58 -40.80
C LYS F 64 -62.76 4.06 -40.63
N LEU F 65 -63.60 4.35 -39.65
CA LEU F 65 -64.19 5.66 -39.49
C LEU F 65 -63.14 6.73 -39.25
N LYS F 66 -62.11 6.38 -38.50
CA LYS F 66 -61.09 7.36 -38.22
C LYS F 66 -60.12 7.68 -39.35
N LYS F 67 -60.12 6.85 -40.38
CA LYS F 67 -59.34 7.19 -41.56
C LYS F 67 -60.15 8.18 -42.34
N PHE F 68 -61.44 7.89 -42.48
CA PHE F 68 -62.36 8.84 -43.09
C PHE F 68 -62.36 10.04 -42.19
N PHE F 69 -62.31 9.77 -40.89
CA PHE F 69 -62.27 10.80 -39.88
C PHE F 69 -60.99 11.60 -40.00
N SER F 70 -59.89 10.93 -40.30
CA SER F 70 -58.60 11.56 -40.26
C SER F 70 -58.45 12.73 -41.22
N ASN F 71 -59.00 12.59 -42.41
CA ASN F 71 -58.86 13.58 -43.47
C ASN F 71 -59.44 14.98 -43.24
N LYS F 72 -60.60 15.06 -42.60
CA LYS F 72 -61.27 16.35 -42.39
C LYS F 72 -60.61 17.25 -41.35
N VAL F 74 -61.25 21.29 -39.11
CA VAL F 74 -62.10 22.44 -38.83
C VAL F 74 -61.27 23.60 -38.34
N TYR F 75 -61.60 24.78 -38.81
CA TYR F 75 -60.83 25.97 -38.50
C TYR F 75 -61.76 27.15 -38.53
N LEU F 76 -61.29 28.32 -38.18
CA LEU F 76 -62.20 29.39 -38.36
C LEU F 76 -61.52 30.59 -38.95
N LYS F 77 -62.01 31.00 -40.10
CA LYS F 77 -61.49 32.19 -40.71
C LYS F 77 -62.68 33.03 -40.72
N ASP F 78 -62.56 34.24 -40.23
CA ASP F 78 -63.71 35.13 -40.23
C ASP F 78 -64.84 34.44 -39.51
N ASN F 79 -64.63 34.04 -38.29
CA ASN F 79 -65.77 33.54 -37.56
C ASN F 79 -66.75 32.76 -38.41
N THR F 80 -66.23 31.90 -39.26
CA THR F 80 -67.06 30.95 -39.91
C THR F 80 -66.32 29.63 -39.85
N LEU F 81 -66.94 28.63 -39.26
CA LEU F 81 -66.28 27.34 -39.13
C LEU F 81 -66.32 26.55 -40.45
N SER F 82 -65.40 26.90 -41.35
CA SER F 82 -65.26 26.18 -42.63
C SER F 82 -64.51 24.90 -42.40
N LEU F 83 -64.47 24.01 -43.38
CA LEU F 83 -63.73 22.74 -43.25
C LEU F 83 -62.61 22.57 -44.23
N LYS F 84 -61.37 22.46 -43.78
CA LYS F 84 -60.30 21.98 -44.64
C LYS F 84 -60.58 20.51 -44.82
N ASN F 85 -60.16 19.93 -45.93
CA ASN F 85 -60.12 18.47 -46.02
C ASN F 85 -58.69 18.09 -46.40
N GLY F 86 -58.09 17.17 -45.66
CA GLY F 86 -56.65 17.00 -45.72
C GLY F 86 -56.07 16.57 -47.06
N LYS F 87 -56.70 15.60 -47.73
CA LYS F 87 -56.10 15.04 -48.94
C LYS F 87 -57.15 14.51 -49.87
N LYS F 88 -56.73 14.15 -51.07
CA LYS F 88 -57.68 13.69 -52.08
C LYS F 88 -58.49 12.49 -51.61
N GLU F 89 -59.75 12.38 -52.06
CA GLU F 89 -60.64 11.31 -51.64
C GLU F 89 -61.16 10.53 -52.83
N ASN F 90 -61.77 9.41 -52.55
CA ASN F 90 -62.51 8.67 -53.55
C ASN F 90 -64.01 8.94 -53.47
N ILE F 91 -64.56 9.59 -54.48
CA ILE F 91 -66.00 9.85 -54.54
C ILE F 91 -66.73 8.54 -54.81
N ASP F 92 -68.03 8.50 -54.50
CA ASP F 92 -68.88 7.33 -54.73
C ASP F 92 -68.77 6.26 -53.62
N ARG F 93 -68.31 6.68 -52.44
CA ARG F 93 -68.18 5.77 -51.29
C ARG F 93 -69.30 5.86 -50.24
N SER F 103 -70.30 5.79 -35.01
CA SER F 103 -71.78 5.87 -35.08
C SER F 103 -72.39 5.83 -33.67
N ASP F 104 -71.76 5.07 -32.81
CA ASP F 104 -72.21 4.95 -31.43
C ASP F 104 -71.05 5.19 -30.52
N VAL F 105 -71.32 5.74 -29.35
CA VAL F 105 -70.28 5.95 -28.36
C VAL F 105 -69.05 6.67 -28.95
N ARG F 106 -69.25 7.69 -29.78
CA ARG F 106 -68.10 8.36 -30.39
C ARG F 106 -67.59 9.57 -29.60
N ASP F 107 -68.49 10.48 -29.26
CA ASP F 107 -68.16 11.66 -28.45
C ASP F 107 -69.46 12.25 -27.90
N LYS F 108 -69.37 13.11 -26.89
CA LYS F 108 -70.59 13.57 -26.25
C LYS F 108 -71.22 14.73 -26.99
N LYS F 109 -72.31 14.43 -27.70
CA LYS F 109 -72.98 15.40 -28.56
C LYS F 109 -72.25 15.64 -29.89
N ASN F 110 -71.07 15.04 -30.07
CA ASN F 110 -70.27 15.21 -31.28
C ASN F 110 -70.88 14.60 -32.56
N PHE F 111 -71.54 13.46 -32.38
CA PHE F 111 -72.10 12.66 -33.47
C PHE F 111 -72.95 13.44 -34.48
N ALA F 112 -73.76 14.38 -34.01
CA ALA F 112 -74.80 14.98 -34.87
C ALA F 112 -74.31 15.58 -36.21
N VAL F 113 -73.30 16.42 -36.15
CA VAL F 113 -72.73 17.02 -37.37
C VAL F 113 -71.73 16.10 -38.03
N LEU F 114 -71.14 15.23 -37.25
CA LEU F 114 -70.09 14.34 -37.75
C LEU F 114 -70.57 13.40 -38.86
N LYS F 115 -71.79 12.89 -38.73
CA LYS F 115 -72.36 11.98 -39.73
C LYS F 115 -72.55 12.65 -41.09
N LYS F 116 -73.04 13.89 -41.06
CA LYS F 116 -73.39 14.59 -42.30
C LYS F 116 -72.17 14.58 -43.20
N ILE F 117 -71.02 14.83 -42.58
CA ILE F 117 -69.77 14.85 -43.28
C ILE F 117 -69.46 13.50 -43.89
N TYR F 118 -69.76 12.44 -43.14
CA TYR F 118 -69.64 11.08 -43.65
C TYR F 118 -70.61 10.85 -44.81
N LEU F 119 -71.78 11.45 -44.70
CA LEU F 119 -72.81 11.34 -45.72
C LEU F 119 -72.61 12.36 -46.84
N ASN F 120 -71.74 13.34 -46.62
CA ASN F 120 -71.50 14.37 -47.60
C ASN F 120 -72.70 15.28 -47.67
N GLU F 121 -73.54 15.25 -46.64
CA GLU F 121 -74.83 15.92 -46.72
C GLU F 121 -74.67 17.43 -46.95
N ASN F 122 -73.78 18.06 -46.19
CA ASN F 122 -73.72 19.52 -46.17
C ASN F 122 -72.60 20.00 -45.28
N VAL F 123 -72.39 21.30 -45.33
CA VAL F 123 -71.49 22.00 -44.42
C VAL F 123 -72.17 23.30 -43.99
N ASN F 124 -72.27 23.55 -42.70
CA ASN F 124 -72.79 24.83 -42.21
C ASN F 124 -72.11 25.31 -40.95
N SER F 125 -71.85 26.61 -40.85
CA SER F 125 -71.14 27.17 -39.71
C SER F 125 -71.87 27.00 -38.38
N GLU F 126 -73.18 27.22 -38.37
CA GLU F 126 -73.93 27.03 -37.16
C GLU F 126 -73.77 25.58 -36.79
N GLU F 127 -73.84 24.72 -37.79
CA GLU F 127 -73.60 23.29 -37.61
C GLU F 127 -72.18 23.05 -37.16
N LEU F 128 -71.24 23.81 -37.72
CA LEU F 128 -69.83 23.65 -37.39
C LEU F 128 -69.45 24.47 -36.18
N GLU F 129 -70.40 25.24 -35.67
CA GLU F 129 -70.16 26.11 -34.52
C GLU F 129 -69.92 25.27 -33.29
N VAL F 130 -70.24 24.01 -33.38
CA VAL F 130 -70.18 23.13 -32.24
C VAL F 130 -68.77 23.14 -31.69
N PHE F 131 -67.81 23.18 -32.60
CA PHE F 131 -66.41 23.02 -32.22
C PHE F 131 -65.79 24.33 -31.82
N ARG F 132 -66.58 25.38 -31.77
CA ARG F 132 -66.02 26.70 -31.59
C ARG F 132 -65.22 26.83 -30.30
N ASN F 133 -65.71 26.24 -29.22
CA ASN F 133 -64.98 26.25 -27.96
C ASN F 133 -63.65 25.50 -28.02
N ASP F 134 -63.64 24.39 -28.74
CA ASP F 134 -62.47 23.55 -28.89
C ASP F 134 -61.36 24.32 -29.55
N ILE F 135 -61.70 25.20 -30.48
CA ILE F 135 -60.68 25.94 -31.18
C ILE F 135 -60.18 27.11 -30.32
N LYS F 136 -61.08 27.91 -29.77
CA LYS F 136 -60.64 29.00 -28.92
C LYS F 136 -59.72 28.50 -27.80
N LYS F 137 -59.73 27.20 -27.51
CA LYS F 137 -58.73 26.62 -26.61
C LYS F 137 -57.39 26.39 -27.30
N LYS F 138 -57.40 25.73 -28.45
CA LYS F 138 -56.20 25.66 -29.32
C LYS F 138 -55.57 27.03 -29.55
N LEU F 139 -56.38 28.02 -29.92
CA LEU F 139 -55.86 29.36 -30.12
C LEU F 139 -55.21 29.89 -28.87
N ASN F 140 -55.73 29.48 -27.73
CA ASN F 140 -55.15 29.86 -26.46
C ASN F 140 -53.79 29.22 -26.29
N LYS F 141 -53.72 27.92 -26.57
CA LYS F 141 -52.49 27.16 -26.40
C LYS F 141 -51.41 27.71 -27.28
N ILE F 142 -51.76 27.96 -28.54
CA ILE F 142 -50.81 28.52 -29.48
C ILE F 142 -50.31 29.92 -29.10
N ASN F 143 -51.20 30.75 -28.61
CA ASN F 143 -50.79 32.07 -28.19
C ASN F 143 -49.84 31.98 -27.01
N SER F 144 -50.11 31.04 -26.11
CA SER F 144 -49.21 30.76 -25.02
C SER F 144 -47.88 30.25 -25.53
N LEU F 145 -47.92 29.37 -26.50
CA LEU F 145 -46.69 28.85 -27.07
C LEU F 145 -45.88 29.94 -27.76
N LYS F 146 -46.54 30.73 -28.61
CA LYS F 146 -45.84 31.69 -29.44
C LYS F 146 -44.99 32.51 -28.52
N TYR F 147 -45.50 32.79 -27.34
CA TYR F 147 -44.73 33.51 -26.38
C TYR F 147 -43.58 32.69 -25.90
N SER F 148 -43.82 31.39 -25.70
CA SER F 148 -42.78 30.55 -25.15
C SER F 148 -41.60 30.61 -26.10
N PHE F 149 -41.87 30.58 -27.40
CA PHE F 149 -40.82 30.71 -28.36
C PHE F 149 -40.22 32.08 -28.29
N GLU F 150 -41.05 33.11 -28.15
CA GLU F 150 -40.59 34.46 -28.30
C GLU F 150 -39.55 34.77 -27.25
N LYS F 151 -39.85 34.36 -26.03
CA LYS F 151 -39.01 34.68 -24.89
C LYS F 151 -37.74 33.87 -24.78
N ASN F 152 -37.66 32.72 -25.44
CA ASN F 152 -36.50 31.86 -25.38
C ASN F 152 -35.45 32.33 -26.36
N LYS F 153 -34.66 33.30 -25.95
CA LYS F 153 -33.80 34.05 -26.83
C LYS F 153 -32.40 34.08 -26.29
N ALA F 154 -31.43 34.43 -27.12
CA ALA F 154 -30.05 34.28 -26.72
C ALA F 154 -29.83 35.08 -25.47
N ASN F 155 -29.22 34.44 -24.49
CA ASN F 155 -29.14 34.94 -23.15
C ASN F 155 -27.79 35.51 -22.81
N TYR F 156 -26.75 34.75 -23.13
CA TYR F 156 -25.41 35.04 -22.69
C TYR F 156 -24.75 36.15 -23.47
N GLN F 157 -24.14 37.08 -22.76
CA GLN F 157 -23.52 38.20 -23.39
C GLN F 157 -22.14 38.38 -22.82
N LYS F 158 -21.27 39.00 -23.59
CA LYS F 158 -19.94 39.29 -23.16
C LYS F 158 -19.80 40.78 -23.01
N ILE F 159 -19.30 41.19 -21.87
CA ILE F 159 -19.23 42.60 -21.56
C ILE F 159 -17.82 42.81 -21.09
N ASN F 160 -17.32 44.03 -21.21
CA ASN F 160 -16.05 44.36 -20.64
C ASN F 160 -16.27 45.10 -19.36
N GLU F 161 -15.63 44.64 -18.29
CA GLU F 161 -15.72 45.27 -17.00
C GLU F 161 -14.32 45.48 -16.52
N ASN F 162 -13.97 46.70 -16.12
CA ASN F 162 -12.74 46.92 -15.38
C ASN F 162 -11.55 46.38 -16.14
N ASN F 163 -11.59 46.54 -17.46
CA ASN F 163 -10.54 46.00 -18.30
C ASN F 163 -10.36 44.52 -17.99
N ILE F 164 -11.46 43.90 -17.63
CA ILE F 164 -11.53 42.46 -17.46
C ILE F 164 -12.76 41.98 -18.22
N GLU F 165 -12.58 40.91 -18.99
CA GLU F 165 -13.67 40.37 -19.79
C GLU F 165 -14.59 39.58 -18.87
N LYS F 166 -15.86 39.53 -19.21
CA LYS F 166 -16.86 38.85 -18.39
C LYS F 166 -17.98 38.34 -19.26
N VAL F 167 -18.59 37.24 -18.85
CA VAL F 167 -19.77 36.76 -19.54
C VAL F 167 -20.84 36.52 -18.51
N GLU F 168 -22.04 36.99 -18.80
CA GLU F 168 -23.15 36.78 -17.91
C GLU F 168 -24.42 36.65 -18.68
N GLY F 169 -25.36 35.93 -18.09
CA GLY F 169 -26.61 35.67 -18.74
C GLY F 169 -27.58 36.76 -18.38
N LYS F 170 -28.41 37.16 -19.34
CA LYS F 170 -29.37 38.20 -19.13
C LYS F 170 -30.78 37.69 -18.91
N SER F 171 -30.98 36.39 -18.91
CA SER F 171 -32.31 35.84 -18.72
C SER F 171 -32.70 36.05 -17.27
N LYS F 172 -34.00 36.04 -17.01
CA LYS F 172 -34.46 36.24 -15.66
C LYS F 172 -33.91 35.09 -14.85
N ARG F 173 -33.97 33.88 -15.40
CA ARG F 173 -33.35 32.75 -14.74
C ARG F 173 -31.90 33.02 -14.43
N ASN F 174 -31.15 33.51 -15.40
CA ASN F 174 -29.73 33.75 -15.23
C ASN F 174 -29.47 34.97 -14.34
N ILE F 175 -30.35 35.96 -14.31
CA ILE F 175 -30.11 37.10 -13.43
C ILE F 175 -30.02 36.62 -11.99
N ILE F 176 -30.69 35.51 -11.68
CA ILE F 176 -30.62 34.90 -10.36
C ILE F 176 -29.36 34.09 -10.18
N TYR F 177 -28.91 33.42 -11.23
CA TYR F 177 -27.70 32.67 -11.11
C TYR F 177 -26.53 33.60 -10.79
N ASP F 178 -26.31 34.61 -11.61
CA ASP F 178 -25.20 35.55 -11.36
C ASP F 178 -25.16 36.10 -9.98
N TYR F 179 -26.30 36.25 -9.35
CA TYR F 179 -26.31 36.60 -7.95
C TYR F 179 -25.55 35.57 -7.15
N TYR F 180 -25.82 34.29 -7.43
CA TYR F 180 -25.20 33.16 -6.72
C TYR F 180 -24.12 32.45 -7.51
N ARG F 181 -23.50 33.21 -8.40
CA ARG F 181 -22.41 32.75 -9.23
C ARG F 181 -21.19 32.40 -8.39
N GLU F 182 -20.87 33.25 -7.43
CA GLU F 182 -19.58 33.15 -6.72
C GLU F 182 -19.67 32.06 -5.66
N SER F 183 -18.54 31.46 -5.35
CA SER F 183 -18.57 30.31 -4.46
C SER F 183 -19.08 30.62 -3.08
N ALA F 184 -18.74 31.78 -2.57
CA ALA F 184 -19.13 32.11 -1.21
C ALA F 184 -20.63 32.03 -0.99
N LYS F 185 -21.40 32.32 -2.04
CA LYS F 185 -22.85 32.41 -1.91
C LYS F 185 -23.62 31.11 -2.03
N ARG F 186 -22.92 30.00 -2.29
CA ARG F 186 -23.58 28.74 -2.53
C ARG F 186 -24.49 28.39 -1.37
N ASP F 187 -24.00 28.49 -0.15
CA ASP F 187 -24.78 28.01 0.97
C ASP F 187 -26.05 28.79 1.16
N ALA F 188 -25.98 30.08 0.82
CA ALA F 188 -27.15 30.92 0.76
C ALA F 188 -28.15 30.43 -0.27
N TYR F 189 -27.63 29.95 -1.40
CA TYR F 189 -28.50 29.44 -2.44
C TYR F 189 -29.25 28.20 -1.97
N VAL F 190 -28.56 27.31 -1.30
CA VAL F 190 -29.16 26.07 -0.90
C VAL F 190 -30.24 26.28 0.16
N SER F 191 -29.99 27.15 1.12
CA SER F 191 -30.97 27.40 2.15
C SER F 191 -32.20 28.04 1.55
N ASN F 192 -31.96 28.96 0.65
CA ASN F 192 -33.04 29.67 -0.03
C ASN F 192 -33.89 28.70 -0.81
N VAL F 193 -33.28 27.65 -1.35
CA VAL F 193 -34.05 26.62 -2.01
C VAL F 193 -34.82 25.80 -0.96
N LYS F 194 -34.27 25.62 0.22
CA LYS F 194 -34.97 24.82 1.19
C LYS F 194 -36.15 25.54 1.83
N GLU F 195 -36.03 26.87 1.96
CA GLU F 195 -37.19 27.69 2.35
C GLU F 195 -38.37 27.44 1.40
N ALA F 196 -38.11 27.70 0.11
CA ALA F 196 -39.13 27.60 -0.88
C ALA F 196 -39.74 26.22 -0.84
N PHE F 197 -38.91 25.19 -0.84
CA PHE F 197 -39.47 23.85 -0.83
C PHE F 197 -40.33 23.65 0.40
N ASP F 198 -39.98 24.30 1.49
CA ASP F 198 -40.78 24.15 2.69
C ASP F 198 -42.04 25.01 2.70
N LYS F 199 -41.99 26.17 2.07
CA LYS F 199 -43.19 26.99 1.94
C LYS F 199 -44.23 26.32 1.05
N LEU F 200 -43.78 25.52 0.09
CA LEU F 200 -44.70 24.85 -0.81
C LEU F 200 -45.17 23.49 -0.32
N TYR F 201 -44.23 22.65 0.10
CA TYR F 201 -44.51 21.24 0.28
C TYR F 201 -44.30 20.81 1.73
N LYS F 202 -45.34 20.17 2.28
CA LYS F 202 -45.48 20.00 3.74
C LYS F 202 -45.20 18.63 4.31
N GLU F 203 -44.86 17.66 3.47
CA GLU F 203 -44.34 16.38 3.98
C GLU F 203 -45.44 15.44 4.43
N GLU F 204 -46.66 15.92 4.54
CA GLU F 204 -47.77 15.08 4.87
C GLU F 204 -48.58 14.91 3.63
N ASP F 205 -48.83 16.03 2.97
CA ASP F 205 -49.49 16.00 1.68
C ASP F 205 -48.62 15.30 0.65
N ILE F 206 -47.31 15.56 0.73
CA ILE F 206 -46.42 14.93 -0.20
C ILE F 206 -46.56 13.44 -0.05
N ALA F 207 -46.67 13.01 1.19
CA ALA F 207 -46.86 11.61 1.42
C ALA F 207 -48.19 11.16 0.84
N LYS F 208 -49.21 11.99 0.95
CA LYS F 208 -50.50 11.62 0.41
C LYS F 208 -50.40 11.55 -1.10
N LEU F 209 -49.64 12.46 -1.69
CA LEU F 209 -49.48 12.47 -3.15
C LEU F 209 -48.94 11.14 -3.58
N VAL F 210 -47.91 10.71 -2.87
CA VAL F 210 -47.15 9.54 -3.22
C VAL F 210 -47.99 8.28 -3.18
N LEU F 211 -48.79 8.18 -2.12
CA LEU F 211 -49.52 6.96 -1.89
C LEU F 211 -50.36 6.68 -3.09
N GLU F 212 -51.00 7.73 -3.56
CA GLU F 212 -51.90 7.55 -4.67
C GLU F 212 -51.28 7.74 -6.05
N ILE F 213 -50.05 8.22 -6.10
CA ILE F 213 -49.26 8.06 -7.31
C ILE F 213 -49.15 6.58 -7.54
N GLU F 214 -48.99 5.85 -6.45
CA GLU F 214 -48.85 4.41 -6.55
C GLU F 214 -50.05 3.79 -7.21
N ASN F 215 -51.24 4.25 -6.88
CA ASN F 215 -52.46 3.64 -7.41
C ASN F 215 -53.22 4.47 -8.43
N LEU F 216 -53.30 3.96 -9.65
CA LEU F 216 -54.08 4.59 -10.74
C LEU F 216 -54.31 3.58 -11.84
N THR F 217 -55.46 3.64 -12.51
CA THR F 217 -55.70 2.72 -13.64
C THR F 217 -56.19 3.35 -14.95
N LYS F 218 -57.18 4.24 -14.88
CA LYS F 218 -57.74 4.87 -16.07
C LYS F 218 -57.79 6.37 -15.95
N LEU F 219 -56.66 7.00 -16.24
CA LEU F 219 -56.49 8.42 -16.07
C LEU F 219 -56.91 8.75 -14.65
N GLU F 220 -56.49 7.90 -13.72
CA GLU F 220 -56.48 8.28 -12.33
C GLU F 220 -55.44 9.38 -12.13
N LYS F 221 -54.61 9.59 -13.15
CA LYS F 221 -53.65 10.66 -13.16
C LYS F 221 -54.37 11.97 -12.98
N TYR F 222 -55.62 12.03 -13.44
CA TYR F 222 -56.43 13.20 -13.16
C TYR F 222 -56.58 13.41 -11.67
N LYS F 223 -56.65 12.34 -10.91
CA LYS F 223 -56.74 12.47 -9.48
C LYS F 223 -55.50 13.19 -8.95
N ILE F 224 -54.33 12.82 -9.44
CA ILE F 224 -53.10 13.38 -8.93
C ILE F 224 -53.06 14.85 -9.29
N ARG F 225 -53.48 15.20 -10.48
CA ARG F 225 -53.51 16.61 -10.86
C ARG F 225 -54.45 17.43 -9.98
N GLU F 226 -55.66 16.94 -9.80
CA GLU F 226 -56.61 17.61 -8.90
C GLU F 226 -55.97 17.89 -7.57
N PHE F 227 -55.20 16.91 -7.09
CA PHE F 227 -54.61 17.03 -5.75
C PHE F 227 -53.36 17.89 -5.70
N TYR F 228 -52.52 17.80 -6.71
CA TYR F 228 -51.43 18.74 -6.80
C TYR F 228 -52.00 20.16 -6.85
N HIS F 229 -53.07 20.34 -7.62
CA HIS F 229 -53.73 21.62 -7.68
C HIS F 229 -54.32 21.98 -6.30
N GLU F 230 -54.59 21.00 -5.45
CA GLU F 230 -55.02 21.29 -4.10
C GLU F 230 -53.83 21.74 -3.25
N ILE F 231 -52.73 20.99 -3.29
CA ILE F 231 -51.53 21.32 -2.52
C ILE F 231 -50.97 22.66 -2.88
N ILE F 232 -50.96 22.95 -4.18
CA ILE F 232 -50.31 24.12 -4.64
C ILE F 232 -51.21 25.33 -4.47
N GLY F 233 -52.43 25.10 -3.99
CA GLY F 233 -53.37 26.17 -3.72
C GLY F 233 -53.80 26.95 -4.94
N ARG F 234 -54.10 26.26 -6.03
CA ARG F 234 -54.48 26.91 -7.27
C ARG F 234 -55.74 27.77 -7.12
N LYS F 235 -56.73 27.23 -6.42
CA LYS F 235 -58.04 27.88 -6.38
C LYS F 235 -57.95 29.23 -5.71
N ASN F 236 -57.19 29.34 -4.64
CA ASN F 236 -57.10 30.62 -3.97
C ASN F 236 -56.56 31.66 -4.90
N ASP F 237 -55.53 31.28 -5.64
CA ASP F 237 -54.89 32.23 -6.53
C ASP F 237 -55.81 32.73 -7.61
N LYS F 238 -56.48 31.80 -8.26
CA LYS F 238 -57.34 32.10 -9.40
C LYS F 238 -58.56 32.95 -9.06
N GLU F 239 -59.21 32.63 -7.95
CA GLU F 239 -60.44 33.31 -7.52
C GLU F 239 -60.21 34.47 -6.57
N ASN F 240 -59.41 34.25 -5.55
CA ASN F 240 -59.14 35.30 -4.57
C ASN F 240 -58.17 36.38 -5.03
N PHE F 241 -57.10 36.03 -5.73
CA PHE F 241 -56.03 37.01 -5.97
C PHE F 241 -55.70 37.40 -7.41
N ALA F 242 -56.16 36.66 -8.39
CA ALA F 242 -55.64 36.85 -9.72
C ALA F 242 -56.02 38.18 -10.37
N LYS F 243 -57.27 38.60 -10.28
CA LYS F 243 -57.70 39.80 -10.99
C LYS F 243 -57.22 41.08 -10.36
N ILE F 244 -57.31 41.17 -9.04
CA ILE F 244 -56.84 42.38 -8.36
C ILE F 244 -55.35 42.46 -8.56
N ILE F 245 -54.71 41.31 -8.47
CA ILE F 245 -53.27 41.27 -8.56
C ILE F 245 -52.83 41.86 -9.88
N TYR F 246 -53.59 41.63 -10.95
CA TYR F 246 -53.16 42.16 -12.23
C TYR F 246 -53.29 43.66 -12.21
N GLU F 247 -54.50 44.17 -12.08
CA GLU F 247 -54.71 45.59 -12.21
C GLU F 247 -53.85 46.35 -11.21
N GLU F 248 -53.71 45.80 -10.00
CA GLU F 248 -52.86 46.42 -9.02
C GLU F 248 -51.41 46.44 -9.52
N ILE F 249 -51.07 45.48 -10.35
CA ILE F 249 -49.75 45.49 -10.96
C ILE F 249 -49.57 46.77 -11.76
N GLN F 250 -50.62 47.19 -12.42
CA GLN F 250 -50.60 48.44 -13.16
C GLN F 250 -50.45 49.63 -12.21
N ASN F 251 -51.17 49.56 -11.09
CA ASN F 251 -51.21 50.66 -10.14
C ASN F 251 -49.84 50.91 -9.52
N VAL F 252 -49.14 49.87 -9.13
CA VAL F 252 -47.88 50.07 -8.45
C VAL F 252 -46.74 49.62 -9.29
N ASN F 253 -45.77 50.52 -9.44
CA ASN F 253 -44.67 50.27 -10.33
C ASN F 253 -43.83 49.07 -9.91
N ASN F 254 -43.61 48.89 -8.62
CA ASN F 254 -42.66 47.84 -8.19
C ASN F 254 -43.16 46.90 -7.07
N LYS F 256 -41.98 45.83 -4.16
CA LYS F 256 -41.98 46.25 -2.78
C LYS F 256 -43.28 46.97 -2.51
N GLU F 257 -43.69 47.81 -3.45
CA GLU F 257 -44.95 48.51 -3.34
C GLU F 257 -46.14 47.58 -3.40
N LEU F 258 -46.08 46.62 -4.32
CA LEU F 258 -47.24 45.81 -4.63
C LEU F 258 -47.71 45.06 -3.40
N ILE F 259 -46.77 44.60 -2.60
CA ILE F 259 -47.12 43.77 -1.46
C ILE F 259 -48.03 44.53 -0.53
N GLU F 260 -47.78 45.81 -0.36
CA GLU F 260 -48.60 46.62 0.53
C GLU F 260 -50.02 46.65 -0.01
N LYS F 261 -50.15 46.87 -1.31
CA LYS F 261 -51.44 46.87 -1.97
C LYS F 261 -52.11 45.50 -1.85
N VAL F 262 -51.33 44.45 -2.00
CA VAL F 262 -51.87 43.11 -1.92
C VAL F 262 -51.09 42.26 -0.95
N PRO F 263 -51.11 42.64 0.37
CA PRO F 263 -50.55 41.63 1.28
C PRO F 263 -51.55 40.47 1.33
N ASP F 264 -51.16 39.36 1.93
CA ASP F 264 -52.01 38.16 1.94
C ASP F 264 -51.95 37.49 0.57
N SER F 266 -50.66 34.81 -1.86
CA SER F 266 -50.17 33.44 -1.78
C SER F 266 -48.66 33.43 -1.94
N GLU F 267 -48.01 32.54 -1.22
CA GLU F 267 -46.58 32.49 -1.26
C GLU F 267 -46.02 32.16 -2.64
N LEU F 268 -46.60 31.16 -3.30
CA LEU F 268 -46.21 30.78 -4.67
C LEU F 268 -46.58 31.84 -5.69
N LYS F 269 -47.82 32.33 -5.62
CA LYS F 269 -48.25 33.42 -6.47
C LYS F 269 -47.31 34.64 -6.39
N LYS F 270 -46.78 34.91 -5.20
CA LYS F 270 -45.84 36.00 -5.07
C LYS F 270 -44.66 35.76 -5.99
N SER F 271 -44.22 34.50 -6.02
CA SER F 271 -43.03 34.15 -6.78
C SER F 271 -43.25 34.14 -8.27
N GLN F 272 -44.34 33.50 -8.67
CA GLN F 272 -44.74 33.51 -10.04
C GLN F 272 -44.85 34.94 -10.52
N VAL F 273 -45.39 35.81 -9.68
CA VAL F 273 -45.51 37.22 -10.05
C VAL F 273 -44.16 37.88 -10.11
N PHE F 274 -43.37 37.74 -9.06
CA PHE F 274 -42.07 38.37 -9.05
C PHE F 274 -41.27 37.95 -10.27
N TYR F 275 -41.33 36.70 -10.65
CA TYR F 275 -40.54 36.26 -11.78
C TYR F 275 -40.94 36.96 -13.07
N LYS F 276 -42.23 36.99 -13.38
CA LYS F 276 -42.66 37.52 -14.67
C LYS F 276 -42.51 39.03 -14.83
N TYR F 277 -42.88 39.78 -13.81
CA TYR F 277 -43.02 41.23 -13.95
C TYR F 277 -41.92 42.07 -13.32
N TYR F 278 -41.34 41.65 -12.21
CA TYR F 278 -40.40 42.52 -11.48
C TYR F 278 -38.96 42.05 -11.42
N LEU F 279 -38.72 40.76 -11.55
CA LEU F 279 -37.37 40.24 -11.40
C LEU F 279 -36.51 40.86 -12.46
N ASP F 280 -37.09 40.95 -13.65
CA ASP F 280 -36.31 41.22 -14.81
C ASP F 280 -35.56 42.51 -14.64
N LYS F 281 -36.24 43.51 -14.08
CA LYS F 281 -35.54 44.71 -13.68
C LYS F 281 -36.10 45.26 -12.40
N GLU F 282 -35.37 45.00 -11.33
CA GLU F 282 -35.50 45.69 -10.08
C GLU F 282 -34.21 45.45 -9.38
N GLU F 283 -33.82 46.36 -8.52
CA GLU F 283 -32.58 46.18 -7.78
C GLU F 283 -32.68 44.85 -7.08
N LEU F 284 -31.60 44.08 -7.12
CA LEU F 284 -31.62 42.75 -6.54
C LEU F 284 -30.90 42.73 -5.24
N ASN F 285 -31.56 42.21 -4.22
CA ASN F 285 -30.95 42.08 -2.92
C ASN F 285 -31.49 40.87 -2.17
N ASP F 286 -30.87 40.56 -1.05
CA ASP F 286 -31.27 39.38 -0.28
C ASP F 286 -32.71 39.42 0.16
N LYS F 287 -33.23 40.62 0.41
CA LYS F 287 -34.62 40.76 0.76
C LYS F 287 -35.58 40.23 -0.31
N ASN F 288 -35.30 40.57 -1.55
CA ASN F 288 -36.23 40.23 -2.61
C ASN F 288 -35.86 38.97 -3.37
N ILE F 289 -34.64 38.54 -3.33
CA ILE F 289 -34.21 37.41 -4.16
C ILE F 289 -34.93 36.13 -3.75
N LYS F 290 -35.35 36.05 -2.50
CA LYS F 290 -36.05 34.89 -1.99
C LYS F 290 -37.37 34.68 -2.74
N TYR F 291 -37.93 35.76 -3.25
CA TYR F 291 -39.20 35.68 -3.97
C TYR F 291 -39.15 34.80 -5.20
N ALA F 292 -38.03 34.83 -5.90
CA ALA F 292 -37.88 34.04 -7.10
C ALA F 292 -37.97 32.54 -6.87
N PHE F 293 -37.54 32.08 -5.70
CA PHE F 293 -37.28 30.65 -5.49
C PHE F 293 -38.45 29.69 -5.59
N CYS F 294 -39.60 30.06 -5.03
CA CYS F 294 -40.72 29.12 -5.00
C CYS F 294 -41.05 28.63 -6.40
N HIS F 295 -41.01 29.57 -7.33
CA HIS F 295 -41.29 29.29 -8.72
C HIS F 295 -40.27 28.31 -9.28
N PHE F 296 -39.02 28.50 -8.85
CA PHE F 296 -37.93 27.65 -9.29
C PHE F 296 -38.11 26.23 -8.81
N VAL F 297 -38.47 26.10 -7.55
CA VAL F 297 -38.71 24.79 -6.96
C VAL F 297 -39.98 24.19 -7.53
N GLU F 298 -40.98 25.01 -7.73
CA GLU F 298 -42.23 24.56 -8.27
C GLU F 298 -42.09 24.00 -9.67
N ILE F 299 -41.28 24.64 -10.48
CA ILE F 299 -41.05 24.18 -11.82
C ILE F 299 -40.40 22.82 -11.82
N GLU F 300 -39.45 22.61 -10.92
CA GLU F 300 -38.79 21.33 -10.85
C GLU F 300 -39.69 20.18 -10.43
N SER F 302 -43.09 20.20 -10.94
CA SER F 302 -44.01 20.04 -12.07
C SER F 302 -43.36 19.31 -13.23
N GLN F 303 -42.07 19.55 -13.41
CA GLN F 303 -41.31 18.85 -14.42
C GLN F 303 -41.17 17.35 -14.11
N LEU F 304 -41.08 17.01 -12.84
CA LEU F 304 -41.00 15.60 -12.46
C LEU F 304 -42.28 14.84 -12.73
N LEU F 305 -43.40 15.43 -12.34
CA LEU F 305 -44.68 14.79 -12.54
C LEU F 305 -44.94 14.58 -14.01
N LYS F 306 -44.50 15.53 -14.83
CA LYS F 306 -44.68 15.40 -16.26
C LYS F 306 -44.07 14.12 -16.78
N ASN F 307 -42.85 13.84 -16.40
CA ASN F 307 -42.18 12.67 -16.94
C ASN F 307 -42.58 11.43 -16.20
N TYR F 308 -42.39 11.42 -14.90
CA TYR F 308 -42.63 10.21 -14.14
C TYR F 308 -44.11 9.97 -13.90
N VAL F 309 -44.97 10.96 -14.11
CA VAL F 309 -46.40 10.71 -13.99
C VAL F 309 -47.23 10.83 -15.27
N TYR F 310 -47.53 12.05 -15.71
CA TYR F 310 -48.39 12.25 -16.90
C TYR F 310 -47.76 11.81 -18.21
N LYS F 311 -46.50 12.17 -18.42
CA LYS F 311 -45.82 11.90 -19.69
C LYS F 311 -45.43 10.47 -19.90
N ARG F 312 -45.00 9.80 -18.84
CA ARG F 312 -44.58 8.42 -18.93
C ARG F 312 -45.54 7.54 -18.15
N ASN F 318 -41.62 1.37 -10.81
CA ASN F 318 -42.72 0.87 -9.99
C ASN F 318 -42.44 1.07 -8.50
N ASP F 319 -41.58 0.23 -7.97
CA ASP F 319 -41.11 0.39 -6.57
C ASP F 319 -40.28 1.66 -6.54
N LYS F 320 -39.46 1.78 -7.58
CA LYS F 320 -38.51 2.89 -7.69
C LYS F 320 -39.17 4.23 -7.95
N ILE F 321 -40.29 4.22 -8.66
CA ILE F 321 -40.89 5.44 -9.16
C ILE F 321 -41.15 6.40 -8.01
N LYS F 322 -41.77 5.90 -6.96
CA LYS F 322 -42.15 6.73 -5.85
C LYS F 322 -41.06 6.67 -4.79
N ARG F 323 -40.02 5.86 -5.01
CA ARG F 323 -38.93 5.82 -4.09
C ARG F 323 -38.33 7.18 -4.05
N ILE F 324 -38.32 7.86 -5.20
CA ILE F 324 -37.72 9.18 -5.28
C ILE F 324 -38.76 10.28 -5.44
N PHE F 325 -39.98 9.98 -5.03
CA PHE F 325 -40.98 11.01 -4.76
C PHE F 325 -41.14 11.20 -3.27
N GLU F 326 -40.48 10.37 -2.46
CA GLU F 326 -40.56 10.49 -1.02
C GLU F 326 -40.05 11.84 -0.53
N TYR F 327 -40.74 12.38 0.46
CA TYR F 327 -40.49 13.75 0.91
C TYR F 327 -39.01 14.03 1.08
N GLN F 328 -38.31 13.15 1.78
CA GLN F 328 -36.93 13.45 2.11
C GLN F 328 -36.04 13.36 0.88
N ASN F 329 -36.29 12.37 0.01
CA ASN F 329 -35.52 12.28 -1.22
C ASN F 329 -35.89 13.36 -2.21
N LEU F 330 -37.18 13.62 -2.36
CA LEU F 330 -37.59 14.70 -3.24
C LEU F 330 -36.91 16.01 -2.89
N LYS F 331 -36.70 16.25 -1.62
CA LYS F 331 -36.14 17.52 -1.20
C LYS F 331 -34.69 17.65 -1.65
N LYS F 332 -33.91 16.61 -1.42
CA LYS F 332 -32.54 16.65 -1.87
C LYS F 332 -32.49 16.68 -3.40
N LEU F 333 -33.39 15.94 -4.04
CA LEU F 333 -33.40 15.81 -5.49
C LEU F 333 -33.57 17.16 -6.17
N ILE F 334 -34.40 18.03 -5.60
CA ILE F 334 -34.58 19.37 -6.14
C ILE F 334 -33.40 20.26 -5.79
N GLU F 335 -32.94 20.21 -4.56
CA GLU F 335 -31.87 21.09 -4.17
C GLU F 335 -30.69 20.82 -5.06
N ASN F 336 -30.41 19.55 -5.30
CA ASN F 336 -29.30 19.14 -6.16
C ASN F 336 -29.46 19.56 -7.62
N LYS F 337 -30.69 19.49 -8.10
CA LYS F 337 -31.02 19.84 -9.48
C LYS F 337 -30.76 21.30 -9.77
N LEU F 338 -31.16 22.15 -8.84
CA LEU F 338 -30.92 23.56 -8.96
C LEU F 338 -29.43 23.90 -8.91
N LEU F 339 -28.68 23.19 -8.07
CA LEU F 339 -27.24 23.39 -8.03
C LEU F 339 -26.61 23.00 -9.36
N ASN F 340 -27.06 21.86 -9.88
CA ASN F 340 -26.59 21.40 -11.16
C ASN F 340 -26.87 22.43 -12.20
N LYS F 341 -28.11 22.92 -12.21
CA LYS F 341 -28.50 23.90 -13.18
C LYS F 341 -27.68 25.15 -12.94
N LEU F 342 -27.39 25.45 -11.68
CA LEU F 342 -26.57 26.59 -11.37
C LEU F 342 -25.15 26.38 -11.78
N ASP F 343 -24.65 25.19 -11.52
CA ASP F 343 -23.27 24.88 -11.79
C ASP F 343 -22.97 25.01 -13.27
N THR F 344 -23.92 24.58 -14.10
CA THR F 344 -23.70 24.62 -15.55
C THR F 344 -23.64 26.05 -16.08
N TYR F 345 -24.39 26.94 -15.47
CA TYR F 345 -24.41 28.31 -15.96
C TYR F 345 -23.00 28.91 -15.85
N VAL F 346 -22.36 28.67 -14.72
CA VAL F 346 -21.06 29.26 -14.48
C VAL F 346 -20.07 28.69 -15.48
N ARG F 347 -20.20 27.40 -15.73
CA ARG F 347 -19.41 26.75 -16.76
C ARG F 347 -19.70 27.37 -18.10
N ASN F 348 -20.97 27.63 -18.38
CA ASN F 348 -21.32 28.25 -19.64
C ASN F 348 -20.71 29.60 -19.78
N CYS F 349 -20.60 30.28 -18.65
CA CYS F 349 -19.96 31.59 -18.62
C CYS F 349 -18.48 31.53 -18.96
N GLY F 350 -17.81 30.51 -18.46
CA GLY F 350 -16.44 30.26 -18.90
C GLY F 350 -16.36 29.93 -20.38
N LYS F 351 -17.25 29.07 -20.87
CA LYS F 351 -17.18 28.58 -22.23
C LYS F 351 -17.23 29.70 -23.25
N TYR F 352 -18.20 30.56 -23.09
CA TYR F 352 -18.39 31.71 -23.99
C TYR F 352 -17.34 32.80 -23.88
N ASN F 353 -16.81 32.96 -22.68
CA ASN F 353 -15.78 33.94 -22.48
C ASN F 353 -14.59 33.70 -23.38
N TYR F 354 -14.30 32.42 -23.61
CA TYR F 354 -13.29 32.06 -24.58
C TYR F 354 -13.71 32.37 -26.01
N TYR F 355 -14.97 32.12 -26.34
CA TYR F 355 -15.41 32.26 -27.73
C TYR F 355 -16.01 33.59 -28.10
N LEU F 356 -16.20 34.51 -27.16
CA LEU F 356 -16.93 35.72 -27.47
C LEU F 356 -16.08 36.95 -27.46
N GLN F 357 -16.15 37.70 -28.55
CA GLN F 357 -15.57 39.03 -28.62
C GLN F 357 -16.46 39.94 -27.84
N ASP F 358 -15.95 41.07 -27.39
CA ASP F 358 -16.74 41.94 -26.53
C ASP F 358 -17.95 42.43 -27.29
N GLY F 359 -19.04 42.60 -26.57
CA GLY F 359 -20.33 42.92 -27.15
C GLY F 359 -20.92 41.89 -28.07
N GLU F 360 -20.79 40.62 -27.71
CA GLU F 360 -21.40 39.55 -28.46
C GLU F 360 -22.31 38.72 -27.57
N ILE F 361 -23.39 38.22 -28.14
CA ILE F 361 -24.34 37.45 -27.42
C ILE F 361 -24.19 36.12 -28.06
N ALA F 362 -24.55 35.05 -27.39
CA ALA F 362 -24.41 33.72 -28.01
C ALA F 362 -25.71 33.28 -28.62
N THR F 363 -25.79 33.15 -29.93
CA THR F 363 -26.99 32.65 -30.62
C THR F 363 -26.95 31.16 -30.95
N SER F 364 -28.10 30.62 -31.35
CA SER F 364 -28.20 29.19 -31.60
C SER F 364 -27.33 28.75 -32.76
N ASP F 365 -27.02 29.68 -33.65
CA ASP F 365 -26.13 29.36 -34.74
C ASP F 365 -24.71 29.07 -34.24
N PHE F 366 -24.22 29.91 -33.34
CA PHE F 366 -22.88 29.73 -32.79
C PHE F 366 -22.77 28.45 -31.96
N ILE F 367 -23.77 28.23 -31.13
CA ILE F 367 -23.71 27.15 -30.13
C ILE F 367 -23.73 25.75 -30.71
N ALA F 368 -24.50 25.52 -31.78
CA ALA F 368 -24.59 24.18 -32.36
C ALA F 368 -23.26 23.72 -32.95
N ARG F 369 -22.51 24.65 -33.51
CA ARG F 369 -21.30 24.30 -34.20
C ARG F 369 -20.28 23.70 -33.25
N ASN F 370 -20.28 24.17 -32.00
CA ASN F 370 -19.38 23.56 -31.03
C ASN F 370 -19.72 22.11 -30.80
N ARG F 371 -21.00 21.81 -30.62
CA ARG F 371 -21.41 20.46 -30.32
C ARG F 371 -21.11 19.51 -31.45
N GLN F 372 -21.40 19.92 -32.66
CA GLN F 372 -21.09 19.07 -33.80
C GLN F 372 -19.60 18.87 -33.95
N ASN F 373 -18.80 19.91 -33.68
CA ASN F 373 -17.37 19.78 -33.82
C ASN F 373 -16.80 18.82 -32.76
N GLU F 374 -16.94 19.21 -31.50
CA GLU F 374 -16.45 18.42 -30.39
C GLU F 374 -16.85 16.96 -30.53
N ALA F 375 -18.11 16.74 -30.85
CA ALA F 375 -18.66 15.41 -30.83
C ALA F 375 -18.05 14.55 -31.92
N PHE F 376 -17.89 15.12 -33.10
CA PHE F 376 -17.23 14.40 -34.18
C PHE F 376 -15.82 14.07 -33.75
N LEU F 377 -15.03 15.07 -33.35
CA LEU F 377 -13.65 14.85 -32.98
C LEU F 377 -13.44 13.73 -32.00
N ARG F 378 -14.41 13.48 -31.11
CA ARG F 378 -14.26 12.37 -30.19
C ARG F 378 -14.27 11.01 -30.86
N ASN F 379 -15.07 10.84 -31.91
CA ASN F 379 -15.17 9.56 -32.59
C ASN F 379 -13.87 9.07 -33.09
N ILE F 380 -12.96 10.01 -33.30
CA ILE F 380 -11.64 9.69 -33.75
C ILE F 380 -10.73 9.26 -32.61
N ILE F 381 -11.19 9.38 -31.37
CA ILE F 381 -10.42 8.90 -30.23
C ILE F 381 -10.17 7.40 -30.35
N GLY F 382 -11.11 6.68 -30.95
CA GLY F 382 -10.95 5.25 -31.16
C GLY F 382 -9.78 4.89 -32.06
N VAL F 383 -9.57 5.70 -33.07
CA VAL F 383 -8.51 5.46 -34.04
C VAL F 383 -7.12 5.52 -33.42
N SER F 384 -6.84 6.57 -32.68
CA SER F 384 -5.51 6.73 -32.10
C SER F 384 -5.29 5.69 -31.02
N SER F 385 -6.31 5.44 -30.22
CA SER F 385 -6.15 4.53 -29.11
C SER F 385 -5.92 3.11 -29.58
N VAL F 386 -6.72 2.67 -30.54
CA VAL F 386 -6.57 1.32 -31.05
C VAL F 386 -5.25 1.15 -31.78
N ALA F 387 -4.85 2.20 -32.47
CA ALA F 387 -3.56 2.22 -33.16
C ALA F 387 -2.37 2.24 -32.22
N TYR F 388 -2.46 3.02 -31.15
CA TYR F 388 -1.42 3.03 -30.13
C TYR F 388 -1.23 1.62 -29.60
N PHE F 389 -2.33 0.90 -29.36
CA PHE F 389 -2.23 -0.40 -28.80
C PHE F 389 -1.56 -1.36 -29.74
N SER F 390 -1.87 -1.28 -31.02
CA SER F 390 -1.23 -2.16 -31.99
C SER F 390 0.26 -1.84 -32.12
N LEU F 391 0.61 -0.57 -32.06
CA LEU F 391 2.02 -0.18 -32.02
C LEU F 391 2.72 -0.87 -30.82
N ARG F 392 2.14 -0.79 -29.63
CA ARG F 392 2.65 -1.53 -28.46
C ARG F 392 2.79 -3.01 -28.68
N ASN F 393 1.92 -3.57 -29.50
CA ASN F 393 2.07 -4.97 -29.85
C ASN F 393 3.19 -5.27 -30.81
N ILE F 394 3.45 -4.38 -31.76
CA ILE F 394 4.48 -4.65 -32.75
C ILE F 394 5.81 -4.77 -32.05
N LEU F 395 6.07 -3.92 -31.07
CA LEU F 395 7.25 -4.09 -30.26
C LEU F 395 6.76 -4.69 -28.99
N GLU F 396 7.27 -5.87 -28.66
CA GLU F 396 6.68 -6.60 -27.57
C GLU F 396 7.30 -5.94 -26.37
N THR F 397 6.91 -4.69 -26.20
CA THR F 397 7.48 -3.82 -25.20
C THR F 397 7.20 -4.28 -23.79
N GLU F 398 8.22 -4.17 -22.96
CA GLU F 398 8.14 -4.62 -21.59
C GLU F 398 7.90 -3.44 -20.69
N ASN F 399 7.44 -2.34 -21.28
CA ASN F 399 6.96 -1.19 -20.54
C ASN F 399 5.61 -1.44 -19.87
N GLU F 400 5.41 -0.87 -18.68
CA GLU F 400 4.14 -0.94 -17.99
C GLU F 400 3.53 0.45 -17.97
N ASN F 401 4.02 1.32 -18.84
CA ASN F 401 3.44 2.65 -18.97
C ASN F 401 3.38 3.27 -20.35
N ASP F 402 2.72 4.40 -20.38
CA ASP F 402 2.50 5.18 -21.57
C ASP F 402 3.83 5.45 -22.25
N ILE F 403 3.87 5.26 -23.56
CA ILE F 403 5.05 5.45 -24.37
C ILE F 403 4.58 6.23 -25.58
N THR F 404 3.53 7.01 -25.48
CA THR F 404 3.14 7.57 -26.76
C THR F 404 4.25 8.40 -26.17
N GLY F 405 5.13 8.87 -27.03
CA GLY F 405 6.19 9.71 -26.60
C GLY F 405 7.47 9.17 -27.15
N ARG F 406 8.09 8.05 -26.75
CA ARG F 406 9.48 8.27 -27.04
C ARG F 406 10.03 7.07 -27.72
N ARG F 408 12.97 7.34 -29.54
CA ARG F 408 14.35 7.61 -29.80
C ARG F 408 15.05 7.92 -28.50
N GLY F 409 16.35 7.72 -28.51
CA GLY F 409 17.14 7.94 -27.34
C GLY F 409 17.09 9.39 -27.01
N LYS F 410 17.12 9.69 -25.74
CA LYS F 410 17.26 11.05 -25.31
C LYS F 410 18.62 11.11 -24.69
N THR F 411 19.40 12.10 -25.12
CA THR F 411 20.69 12.30 -24.55
C THR F 411 20.46 13.42 -23.57
N VAL F 412 20.69 13.15 -22.30
CA VAL F 412 20.50 14.17 -21.30
C VAL F 412 21.56 13.98 -20.26
N LYS F 413 21.83 15.00 -19.48
CA LYS F 413 22.87 14.92 -18.47
C LYS F 413 22.35 15.00 -17.04
N ASN F 414 22.61 13.95 -16.28
CA ASN F 414 22.27 13.89 -14.87
C ASN F 414 23.20 14.76 -14.06
N ASN F 415 22.69 15.35 -12.99
CA ASN F 415 23.54 16.06 -12.04
C ASN F 415 24.31 15.04 -11.24
N LYS F 416 25.54 15.34 -10.88
CA LYS F 416 26.27 14.45 -10.00
C LYS F 416 26.30 13.02 -10.55
N GLY F 417 26.65 12.86 -11.82
CA GLY F 417 27.14 13.95 -12.66
C GLY F 417 27.03 13.78 -14.15
N GLU F 418 27.12 14.91 -14.82
CA GLU F 418 27.31 14.99 -16.26
C GLU F 418 26.27 14.35 -17.14
N GLU F 419 26.69 13.59 -18.13
CA GLU F 419 25.77 13.33 -19.26
C GLU F 419 25.66 11.87 -19.76
N LYS F 420 24.43 11.37 -19.88
CA LYS F 420 24.20 9.98 -20.26
C LYS F 420 23.13 9.84 -21.34
N TYR F 421 23.19 8.75 -22.11
CA TYR F 421 22.27 8.50 -23.22
C TYR F 421 21.35 7.39 -22.80
N VAL F 422 20.05 7.59 -22.93
CA VAL F 422 19.12 6.63 -22.39
C VAL F 422 18.00 6.04 -23.25
N SER F 423 18.04 4.73 -23.39
CA SER F 423 16.88 3.86 -23.41
C SER F 423 15.74 4.16 -24.38
N GLY F 424 16.03 4.36 -25.66
CA GLY F 424 14.96 4.56 -26.64
C GLY F 424 14.10 3.32 -26.76
N GLU F 425 12.81 3.50 -27.01
CA GLU F 425 11.94 2.34 -27.21
C GLU F 425 12.37 1.57 -28.45
N VAL F 426 12.81 2.31 -29.46
CA VAL F 426 13.32 1.66 -30.67
C VAL F 426 14.60 0.88 -30.36
N ASP F 427 15.48 1.45 -29.55
CA ASP F 427 16.77 0.80 -29.28
C ASP F 427 16.58 -0.55 -28.61
N LYS F 428 15.58 -0.63 -27.74
CA LYS F 428 15.38 -1.84 -26.98
C LYS F 428 15.13 -2.99 -27.90
N ILE F 429 14.73 -2.70 -29.13
CA ILE F 429 14.55 -3.73 -30.12
C ILE F 429 15.84 -4.52 -30.31
N TYR F 430 16.95 -3.80 -30.42
CA TYR F 430 18.26 -4.37 -30.65
C TYR F 430 18.97 -4.80 -29.37
N ASN F 431 18.75 -4.05 -28.28
CA ASN F 431 19.30 -4.38 -26.95
C ASN F 431 18.65 -5.57 -26.25
N GLU F 432 17.43 -5.89 -26.63
CA GLU F 432 16.71 -7.05 -26.08
C GLU F 432 16.67 -8.26 -26.99
N ASN F 433 17.46 -8.26 -28.07
CA ASN F 433 17.48 -9.36 -29.06
C ASN F 433 16.10 -9.70 -29.60
N LYS F 434 15.39 -8.67 -30.05
CA LYS F 434 14.04 -8.81 -30.58
C LYS F 434 13.96 -8.53 -32.06
N LYS F 435 15.07 -8.27 -32.74
CA LYS F 435 14.99 -7.85 -34.14
C LYS F 435 14.16 -8.84 -34.95
N ASN F 436 14.35 -10.13 -34.69
CA ASN F 436 13.64 -11.14 -35.42
C ASN F 436 12.14 -11.14 -35.23
N GLU F 437 11.70 -10.92 -34.00
CA GLU F 437 10.27 -10.88 -33.70
C GLU F 437 9.58 -9.62 -34.22
N VAL F 438 10.22 -8.47 -34.02
CA VAL F 438 9.65 -7.23 -34.46
C VAL F 438 9.66 -7.22 -35.98
N LYS F 439 10.68 -7.77 -36.63
CA LYS F 439 10.67 -7.93 -38.09
C LYS F 439 9.41 -8.62 -38.52
N GLU F 440 9.12 -9.81 -37.97
CA GLU F 440 7.93 -10.55 -38.35
C GLU F 440 6.68 -9.88 -37.87
N ASN F 441 6.71 -9.28 -36.68
CA ASN F 441 5.59 -8.50 -36.20
C ASN F 441 5.25 -7.32 -37.07
N LEU F 442 6.27 -6.59 -37.51
CA LEU F 442 6.07 -5.44 -38.41
C LEU F 442 5.54 -5.85 -39.77
N LYS F 443 6.01 -6.98 -40.27
CA LYS F 443 5.66 -7.49 -41.59
C LYS F 443 4.19 -7.80 -41.69
N PHE F 445 1.61 -6.37 -40.13
CA PHE F 445 0.83 -5.15 -40.33
C PHE F 445 1.12 -4.47 -41.66
N TYR F 446 2.39 -4.35 -41.98
CA TYR F 446 2.80 -3.58 -43.13
C TYR F 446 3.55 -4.54 -44.02
N SER F 447 3.29 -4.53 -45.32
CA SER F 447 4.04 -5.39 -46.22
C SER F 447 5.20 -4.61 -46.86
N TYR F 448 6.36 -4.72 -46.24
CA TYR F 448 7.57 -4.07 -46.73
C TYR F 448 8.73 -4.94 -46.32
N ASP F 449 9.82 -4.84 -47.08
CA ASP F 449 11.00 -5.61 -46.82
C ASP F 449 11.88 -4.89 -45.81
N PHE F 450 11.42 -4.85 -44.56
CA PHE F 450 12.19 -4.17 -43.54
C PHE F 450 13.56 -4.84 -43.41
N ASN F 451 14.58 -4.03 -43.16
CA ASN F 451 15.94 -4.52 -43.05
C ASN F 451 16.37 -4.91 -41.63
N ASP F 453 18.74 -3.54 -40.19
CA ASP F 453 20.14 -3.19 -40.21
C ASP F 453 20.34 -1.72 -40.32
N ASN F 454 19.44 -1.05 -41.01
CA ASN F 454 19.45 0.37 -41.06
C ASN F 454 18.71 0.83 -39.84
N LYS F 455 19.37 0.79 -38.70
CA LYS F 455 18.71 1.10 -37.44
C LYS F 455 18.12 2.50 -37.57
N ASN F 456 18.82 3.39 -38.27
CA ASN F 456 18.26 4.72 -38.55
C ASN F 456 17.03 4.72 -39.44
N GLU F 457 17.02 3.91 -40.48
CA GLU F 457 15.85 3.86 -41.36
C GLU F 457 14.63 3.38 -40.60
N ILE F 458 14.83 2.35 -39.80
CA ILE F 458 13.75 1.79 -39.03
C ILE F 458 13.36 2.80 -37.96
N GLU F 459 14.34 3.38 -37.29
CA GLU F 459 14.07 4.23 -36.14
C GLU F 459 13.22 5.40 -36.55
N ASP F 460 13.56 5.95 -37.71
CA ASP F 460 12.79 7.05 -38.25
C ASP F 460 11.38 6.64 -38.58
N PHE F 461 11.21 5.42 -39.06
CA PHE F 461 9.90 4.91 -39.41
C PHE F 461 9.02 4.77 -38.19
N PHE F 462 9.52 4.07 -37.18
CA PHE F 462 8.70 3.77 -36.01
C PHE F 462 8.33 5.05 -35.36
N ALA F 463 9.20 6.04 -35.48
CA ALA F 463 8.87 7.34 -34.97
C ALA F 463 7.66 7.90 -35.71
N ASN F 464 7.54 7.65 -37.00
CA ASN F 464 6.42 8.18 -37.77
C ASN F 464 5.09 7.73 -37.24
N ILE F 465 4.98 6.46 -36.88
CA ILE F 465 3.76 5.94 -36.35
C ILE F 465 3.46 6.59 -34.98
N ASP F 466 4.47 6.76 -34.15
CA ASP F 466 4.30 7.39 -32.86
C ASP F 466 3.88 8.81 -32.99
N GLU F 467 4.53 9.55 -33.86
CA GLU F 467 4.23 10.96 -34.08
C GLU F 467 2.90 11.16 -34.76
N ALA F 468 2.56 10.28 -35.67
CA ALA F 468 1.28 10.37 -36.35
C ALA F 468 0.14 10.25 -35.38
N ILE F 469 0.20 9.21 -34.55
CA ILE F 469 -0.87 8.98 -33.58
C ILE F 469 -1.00 10.15 -32.60
N SER F 470 0.13 10.70 -32.18
CA SER F 470 0.15 11.77 -31.21
C SER F 470 -0.55 12.98 -31.75
N SER F 471 -0.35 13.27 -33.03
CA SER F 471 -0.98 14.42 -33.65
C SER F 471 -2.46 14.28 -33.46
N ILE F 472 -2.98 13.07 -33.67
CA ILE F 472 -4.37 12.80 -33.44
C ILE F 472 -4.72 12.72 -31.95
N ARG F 473 -3.89 12.05 -31.16
CA ARG F 473 -4.24 11.79 -29.79
C ARG F 473 -4.41 13.10 -29.05
N HIS F 474 -3.46 13.99 -29.30
CA HIS F 474 -3.35 15.22 -28.54
C HIS F 474 -4.46 16.20 -28.82
N GLY F 475 -5.00 16.18 -30.02
CA GLY F 475 -6.12 17.05 -30.32
C GLY F 475 -7.40 16.64 -29.65
N ILE F 476 -7.67 15.34 -29.52
CA ILE F 476 -9.00 14.90 -29.10
C ILE F 476 -9.01 14.42 -27.65
N VAL F 477 -7.97 13.73 -27.20
CA VAL F 477 -7.97 13.21 -25.83
C VAL F 477 -8.01 14.34 -24.83
N HIS F 478 -7.36 15.44 -25.16
CA HIS F 478 -7.27 16.57 -24.30
C HIS F 478 -7.99 17.64 -25.01
N PHE F 479 -8.77 18.43 -24.29
CA PHE F 479 -9.48 19.50 -24.95
C PHE F 479 -8.54 20.53 -25.58
N ASN F 480 -8.77 20.83 -26.85
CA ASN F 480 -8.06 21.88 -27.53
C ASN F 480 -9.13 22.82 -28.05
N LEU F 481 -9.03 24.07 -27.67
CA LEU F 481 -10.06 25.04 -27.98
C LEU F 481 -10.26 25.30 -29.47
N GLU F 482 -9.15 25.40 -30.19
CA GLU F 482 -9.18 25.94 -31.54
C GLU F 482 -9.26 24.89 -32.65
N LEU F 483 -9.40 23.60 -32.31
CA LEU F 483 -9.26 22.55 -33.28
C LEU F 483 -10.53 22.24 -34.05
N GLU F 484 -10.48 22.42 -35.37
CA GLU F 484 -11.65 22.24 -36.21
C GLU F 484 -11.59 20.86 -36.86
N GLY F 485 -12.75 20.28 -37.06
CA GLY F 485 -12.87 18.90 -37.45
C GLY F 485 -12.03 18.48 -38.60
N LYS F 486 -12.03 19.29 -39.63
CA LYS F 486 -11.40 18.88 -40.87
C LYS F 486 -9.90 18.70 -40.76
N ASP F 487 -9.30 19.20 -39.71
CA ASP F 487 -7.84 19.23 -39.61
C ASP F 487 -7.20 18.19 -38.68
N ILE F 488 -7.93 17.16 -38.27
CA ILE F 488 -7.33 16.11 -37.43
C ILE F 488 -6.30 15.33 -38.22
N PHE F 489 -6.57 15.12 -39.50
CA PHE F 489 -5.71 14.30 -40.30
C PHE F 489 -4.74 15.14 -41.10
N ALA F 490 -4.51 16.36 -40.65
CA ALA F 490 -3.45 17.21 -41.17
C ALA F 490 -2.07 16.64 -40.90
N PHE F 491 -1.86 16.03 -39.73
CA PHE F 491 -0.57 15.41 -39.46
C PHE F 491 0.56 16.39 -39.67
N LYS F 492 0.38 17.57 -39.11
CA LYS F 492 1.23 18.71 -39.47
C LYS F 492 2.63 18.47 -38.95
N ASN F 493 3.65 18.84 -39.72
CA ASN F 493 5.01 18.84 -39.21
C ASN F 493 5.52 17.49 -38.84
N ILE F 494 5.01 16.47 -39.50
CA ILE F 494 5.60 15.15 -39.48
C ILE F 494 6.07 14.92 -40.89
N ALA F 495 7.29 14.45 -41.06
CA ALA F 495 7.83 14.23 -42.38
C ALA F 495 8.01 12.75 -42.66
N PRO F 496 7.36 12.23 -43.74
CA PRO F 496 7.57 10.81 -43.94
C PRO F 496 9.02 10.44 -44.22
N SER F 497 9.43 9.33 -43.64
CA SER F 497 10.76 8.80 -43.81
C SER F 497 10.78 8.02 -45.09
N GLU F 498 11.91 7.40 -45.38
CA GLU F 498 12.03 6.61 -46.59
C GLU F 498 11.07 5.44 -46.64
N ILE F 499 10.99 4.70 -45.55
CA ILE F 499 10.18 3.49 -45.55
C ILE F 499 8.70 3.80 -45.77
N SER F 500 8.20 4.80 -45.07
CA SER F 500 6.80 5.11 -45.19
C SER F 500 6.59 5.68 -46.55
N LYS F 501 7.56 6.44 -47.02
CA LYS F 501 7.45 7.07 -48.33
C LYS F 501 7.53 6.03 -49.43
N LYS F 502 8.49 5.13 -49.29
CA LYS F 502 8.73 4.10 -50.27
C LYS F 502 7.61 3.08 -50.35
N PHE F 504 4.33 3.44 -49.18
CA PHE F 504 3.05 4.01 -49.56
C PHE F 504 2.98 4.14 -51.06
N GLN F 505 4.08 4.58 -51.65
CA GLN F 505 4.10 4.73 -53.09
C GLN F 505 4.00 3.35 -53.71
N ASN F 506 4.58 2.35 -53.06
CA ASN F 506 4.46 0.99 -53.58
C ASN F 506 3.04 0.50 -53.66
N GLU F 507 2.26 0.78 -52.62
CA GLU F 507 0.89 0.26 -52.52
C GLU F 507 -0.15 0.89 -53.44
N ILE F 508 -0.03 2.19 -53.67
CA ILE F 508 -0.97 2.88 -54.53
C ILE F 508 -0.54 2.90 -55.98
N ASN F 509 0.44 2.06 -56.28
CA ASN F 509 1.08 2.07 -57.60
C ASN F 509 0.02 1.71 -58.60
N GLU F 510 0.04 2.37 -59.75
CA GLU F 510 -0.94 2.11 -60.80
C GLU F 510 -0.98 0.66 -61.24
N LYS F 511 0.20 0.08 -61.41
CA LYS F 511 0.31 -1.30 -61.85
C LYS F 511 -0.32 -2.29 -60.85
N LYS F 512 -0.07 -2.08 -59.56
CA LYS F 512 -0.56 -3.00 -58.55
C LYS F 512 -2.06 -2.94 -58.53
N LEU F 513 -2.59 -1.73 -58.57
CA LEU F 513 -4.02 -1.54 -58.66
C LEU F 513 -4.58 -2.28 -59.84
N LYS F 514 -4.14 -1.94 -61.04
CA LYS F 514 -4.60 -2.66 -62.22
C LYS F 514 -4.40 -4.16 -62.05
N LEU F 515 -3.34 -4.54 -61.38
CA LEU F 515 -3.09 -5.94 -61.14
C LEU F 515 -4.06 -6.58 -60.15
N LYS F 516 -4.86 -5.78 -59.43
CA LYS F 516 -5.94 -6.30 -58.60
C LYS F 516 -7.22 -6.49 -59.38
N ILE F 517 -7.45 -5.65 -60.37
CA ILE F 517 -8.57 -5.83 -61.27
C ILE F 517 -8.34 -7.08 -62.12
N PHE F 518 -7.12 -7.24 -62.63
CA PHE F 518 -6.79 -8.43 -63.38
C PHE F 518 -7.12 -9.65 -62.53
N ARG F 519 -6.57 -9.72 -61.32
CA ARG F 519 -6.77 -10.92 -60.50
C ARG F 519 -8.25 -11.16 -60.24
N GLN F 520 -9.02 -10.07 -60.17
CA GLN F 520 -10.46 -10.19 -60.04
C GLN F 520 -11.08 -10.87 -61.27
N LEU F 521 -10.75 -10.32 -62.45
CA LEU F 521 -11.24 -10.85 -63.71
C LEU F 521 -10.91 -12.31 -63.86
N ASN F 522 -9.63 -12.64 -63.73
CA ASN F 522 -9.22 -14.01 -63.89
C ASN F 522 -9.96 -14.94 -62.94
N SER F 523 -10.09 -14.50 -61.68
CA SER F 523 -10.75 -15.31 -60.66
C SER F 523 -12.25 -15.44 -60.88
N ALA F 524 -12.83 -14.56 -61.68
CA ALA F 524 -14.24 -14.63 -62.01
C ALA F 524 -14.53 -15.52 -63.19
N ASN F 525 -13.50 -16.18 -63.70
CA ASN F 525 -13.62 -17.06 -64.85
C ASN F 525 -13.65 -16.32 -66.17
N VAL F 526 -13.37 -15.03 -66.13
CA VAL F 526 -13.51 -14.20 -67.32
C VAL F 526 -12.47 -14.55 -68.37
N PHE F 527 -11.26 -14.82 -67.92
CA PHE F 527 -10.18 -15.19 -68.84
C PHE F 527 -10.31 -16.57 -69.49
N ARG F 528 -10.91 -17.53 -68.82
CA ARG F 528 -10.98 -18.86 -69.40
C ARG F 528 -12.22 -19.10 -70.19
N TYR F 529 -13.15 -18.15 -70.19
CA TYR F 529 -14.32 -18.29 -71.06
C TYR F 529 -14.54 -17.10 -71.96
N LEU F 530 -13.53 -16.26 -72.14
CA LEU F 530 -13.67 -15.17 -73.10
C LEU F 530 -12.45 -14.92 -73.97
N GLU F 531 -12.73 -14.59 -75.24
CA GLU F 531 -11.70 -14.35 -76.24
C GLU F 531 -10.96 -13.05 -76.01
N LYS F 532 -9.68 -13.05 -76.35
CA LYS F 532 -8.82 -11.93 -76.03
C LYS F 532 -9.26 -10.61 -76.63
N TYR F 533 -9.68 -10.61 -77.89
CA TYR F 533 -10.05 -9.34 -78.53
C TYR F 533 -11.27 -8.67 -77.90
N LYS F 534 -12.30 -9.47 -77.57
CA LYS F 534 -13.50 -8.90 -76.95
C LYS F 534 -13.19 -8.30 -75.60
N ILE F 535 -12.36 -9.00 -74.85
CA ILE F 535 -12.00 -8.56 -73.52
C ILE F 535 -11.39 -7.19 -73.68
N LEU F 536 -10.59 -7.05 -74.72
CA LEU F 536 -9.99 -5.77 -74.99
C LEU F 536 -11.05 -4.70 -75.19
N ASN F 537 -12.13 -5.04 -75.87
CA ASN F 537 -13.19 -4.06 -76.08
C ASN F 537 -13.83 -3.65 -74.76
N TYR F 538 -14.09 -4.62 -73.91
CA TYR F 538 -14.74 -4.37 -72.63
C TYR F 538 -13.86 -3.41 -71.87
N LEU F 539 -12.56 -3.67 -71.94
CA LEU F 539 -11.62 -2.84 -71.22
C LEU F 539 -11.57 -1.42 -71.78
N LYS F 540 -11.67 -1.30 -73.09
CA LYS F 540 -11.73 0.04 -73.69
C LYS F 540 -12.99 0.79 -73.28
N ARG F 541 -14.12 0.09 -73.29
CA ARG F 541 -15.40 0.66 -72.92
C ARG F 541 -15.60 1.10 -71.47
N THR F 542 -15.10 0.33 -70.50
CA THR F 542 -15.47 0.57 -69.07
C THR F 542 -14.26 0.68 -68.13
N ARG F 543 -14.40 1.52 -67.09
CA ARG F 543 -13.31 1.72 -66.13
C ARG F 543 -13.72 1.29 -64.73
N PHE F 544 -12.84 0.59 -64.04
CA PHE F 544 -13.20 -0.07 -62.77
C PHE F 544 -13.14 0.82 -61.52
N GLU F 545 -13.97 0.48 -60.55
CA GLU F 545 -13.87 1.05 -59.21
C GLU F 545 -13.79 -0.13 -58.23
N PHE F 546 -12.91 0.00 -57.24
CA PHE F 546 -12.71 -1.08 -56.25
C PHE F 546 -13.87 -1.31 -55.28
N VAL F 547 -14.64 -0.26 -54.98
CA VAL F 547 -15.74 -0.33 -54.06
C VAL F 547 -16.91 0.42 -54.69
N ASN F 548 -18.11 -0.17 -54.69
CA ASN F 548 -19.27 0.49 -55.32
C ASN F 548 -19.79 1.62 -54.46
N LYS F 549 -20.42 2.58 -55.11
CA LYS F 549 -20.94 3.77 -54.40
C LYS F 549 -22.35 3.54 -53.91
N ASN F 550 -22.79 4.39 -52.98
CA ASN F 550 -24.16 4.34 -52.49
C ASN F 550 -25.04 5.35 -53.19
N ILE F 551 -26.07 4.88 -53.89
CA ILE F 551 -26.93 5.75 -54.67
C ILE F 551 -28.37 5.62 -54.16
N PRO F 552 -29.19 6.69 -54.28
CA PRO F 552 -30.29 6.70 -53.32
C PRO F 552 -31.31 5.56 -53.41
N PHE F 553 -31.78 5.25 -54.60
CA PHE F 553 -32.83 4.24 -54.72
C PHE F 553 -32.38 3.01 -55.47
N VAL F 554 -31.14 3.04 -55.92
CA VAL F 554 -30.72 2.08 -56.89
C VAL F 554 -30.86 0.70 -56.28
N PRO F 555 -31.55 -0.25 -56.97
CA PRO F 555 -31.53 -1.57 -56.36
C PRO F 555 -30.18 -2.24 -56.53
N SER F 556 -29.94 -3.25 -55.68
CA SER F 556 -28.71 -4.01 -55.72
C SER F 556 -28.65 -4.78 -57.02
N PHE F 557 -27.47 -4.90 -57.61
CA PHE F 557 -27.37 -5.56 -58.89
C PHE F 557 -27.78 -6.99 -58.75
N THR F 558 -27.30 -7.61 -57.68
CA THR F 558 -27.57 -9.01 -57.49
C THR F 558 -28.95 -9.11 -56.95
N LYS F 559 -29.46 -10.33 -56.83
CA LYS F 559 -30.85 -10.53 -56.49
C LYS F 559 -31.69 -10.18 -57.69
N LEU F 560 -31.52 -8.97 -58.21
CA LEU F 560 -32.22 -8.54 -59.40
C LEU F 560 -31.85 -9.45 -60.57
N TYR F 561 -30.56 -9.75 -60.67
CA TYR F 561 -30.07 -10.84 -61.48
C TYR F 561 -30.88 -12.12 -61.38
N SER F 562 -31.25 -12.49 -60.16
CA SER F 562 -31.99 -13.72 -59.93
C SER F 562 -33.34 -13.74 -60.66
N ARG F 563 -34.00 -12.60 -60.66
CA ARG F 563 -35.38 -12.47 -61.16
C ARG F 563 -35.41 -11.99 -62.62
N ILE F 564 -34.25 -12.00 -63.26
CA ILE F 564 -34.09 -11.37 -64.58
C ILE F 564 -34.93 -12.05 -65.65
N ASP F 565 -34.93 -13.37 -65.68
CA ASP F 565 -35.69 -14.09 -66.71
C ASP F 565 -37.21 -13.91 -66.56
N ASP F 566 -37.69 -13.85 -65.33
CA ASP F 566 -39.12 -13.81 -65.07
C ASP F 566 -39.73 -12.54 -65.64
N LEU F 567 -39.06 -11.42 -65.38
CA LEU F 567 -39.46 -10.14 -65.97
C LEU F 567 -39.29 -10.17 -67.51
N LYS F 568 -38.47 -11.07 -68.03
CA LYS F 568 -38.33 -11.28 -69.47
C LYS F 568 -39.67 -11.57 -70.13
N ASN F 569 -40.49 -12.38 -69.46
CA ASN F 569 -41.84 -12.55 -69.92
C ASN F 569 -42.46 -11.16 -69.88
N SER F 570 -42.16 -10.43 -68.83
CA SER F 570 -42.71 -9.10 -68.59
C SER F 570 -42.36 -8.04 -69.64
N LEU F 571 -41.12 -8.02 -70.11
CA LEU F 571 -40.73 -7.06 -71.09
C LEU F 571 -39.97 -6.86 -72.41
N GLY F 572 -39.28 -7.89 -72.87
CA GLY F 572 -38.61 -7.84 -74.15
C GLY F 572 -37.18 -7.89 -73.66
N ILE F 573 -36.97 -8.70 -72.63
CA ILE F 573 -35.64 -8.83 -72.06
C ILE F 573 -34.71 -9.44 -73.09
N TYR F 574 -35.19 -10.44 -73.82
CA TYR F 574 -34.39 -11.08 -74.86
C TYR F 574 -33.07 -11.51 -74.23
N TRP F 575 -33.18 -12.15 -73.08
CA TRP F 575 -32.03 -12.51 -72.24
C TRP F 575 -32.08 -14.01 -72.03
N LYS F 576 -30.94 -14.69 -72.19
CA LYS F 576 -30.88 -16.15 -72.06
C LYS F 576 -29.93 -16.53 -70.92
N THR F 577 -30.45 -17.25 -69.93
CA THR F 577 -29.62 -17.76 -68.85
C THR F 577 -28.70 -18.82 -69.41
N PRO F 578 -27.38 -18.81 -69.04
CA PRO F 578 -26.55 -19.89 -69.59
C PRO F 578 -26.92 -21.26 -69.06
N LYS F 579 -26.90 -22.27 -69.92
CA LYS F 579 -27.04 -23.65 -69.48
C LYS F 579 -26.15 -24.54 -70.35
N THR F 580 -25.54 -25.52 -69.72
CA THR F 580 -24.58 -26.38 -70.39
C THR F 580 -24.39 -27.62 -69.54
N ASN F 581 -23.69 -28.61 -70.09
CA ASN F 581 -23.52 -29.91 -69.44
C ASN F 581 -22.83 -29.97 -68.09
N ASP F 582 -21.78 -29.19 -67.89
CA ASP F 582 -20.99 -29.33 -66.68
C ASP F 582 -21.57 -28.45 -65.60
N ASP F 583 -21.76 -29.01 -64.42
CA ASP F 583 -22.29 -28.23 -63.31
C ASP F 583 -21.33 -27.11 -63.05
N ASN F 584 -20.04 -27.43 -63.04
CA ASN F 584 -19.02 -26.42 -62.92
C ASN F 584 -18.93 -25.54 -64.15
N LYS F 585 -18.84 -26.15 -65.32
CA LYS F 585 -18.54 -25.40 -66.53
C LYS F 585 -19.54 -24.28 -66.72
N THR F 586 -20.80 -24.48 -66.34
CA THR F 586 -21.79 -23.44 -66.46
C THR F 586 -21.70 -22.47 -65.30
N LYS F 587 -21.64 -23.02 -64.09
CA LYS F 587 -21.59 -22.16 -62.90
C LYS F 587 -20.38 -21.25 -62.94
N GLU F 588 -19.25 -21.79 -63.33
CA GLU F 588 -18.07 -20.99 -63.52
C GLU F 588 -18.33 -19.85 -64.52
N ILE F 589 -19.14 -20.13 -65.53
CA ILE F 589 -19.50 -19.15 -66.55
C ILE F 589 -20.37 -18.00 -66.05
N ILE F 590 -21.38 -18.32 -65.28
CA ILE F 590 -22.33 -17.34 -64.84
C ILE F 590 -21.59 -16.32 -64.02
N ASP F 591 -20.65 -16.80 -63.22
CA ASP F 591 -19.86 -15.94 -62.36
C ASP F 591 -19.09 -14.95 -63.18
N ALA F 592 -18.58 -15.39 -64.31
CA ALA F 592 -17.94 -14.47 -65.25
C ALA F 592 -18.93 -13.42 -65.74
N GLN F 593 -20.12 -13.85 -66.13
CA GLN F 593 -21.08 -12.93 -66.67
C GLN F 593 -21.43 -11.88 -65.65
N ILE F 594 -21.63 -12.35 -64.42
CA ILE F 594 -22.06 -11.47 -63.34
C ILE F 594 -21.02 -10.43 -63.07
N TYR F 595 -19.78 -10.86 -63.00
CA TYR F 595 -18.73 -9.94 -62.65
C TYR F 595 -18.69 -8.89 -63.70
N LEU F 596 -18.74 -9.31 -64.96
CA LEU F 596 -18.68 -8.37 -66.06
C LEU F 596 -19.88 -7.47 -66.13
N LEU F 597 -21.04 -8.05 -65.93
CA LEU F 597 -22.28 -7.29 -65.95
C LEU F 597 -22.33 -6.28 -64.80
N LYS F 598 -21.76 -6.68 -63.68
CA LYS F 598 -21.77 -5.87 -62.48
C LYS F 598 -21.04 -4.58 -62.69
N ASN F 599 -19.91 -4.63 -63.36
CA ASN F 599 -19.03 -3.48 -63.40
C ASN F 599 -19.65 -2.25 -64.06
N ILE F 600 -20.30 -2.43 -65.19
CA ILE F 600 -20.94 -1.31 -65.87
C ILE F 600 -22.11 -0.74 -65.08
N TYR F 601 -22.89 -1.65 -64.52
CA TYR F 601 -24.18 -1.31 -63.97
C TYR F 601 -24.02 -0.33 -62.84
N TYR F 602 -23.02 -0.55 -62.00
CA TYR F 602 -22.82 0.30 -60.84
C TYR F 602 -22.43 1.73 -61.12
N GLY F 603 -21.56 1.93 -62.10
CA GLY F 603 -21.15 3.27 -62.42
C GLY F 603 -21.54 3.76 -63.79
N GLU F 604 -21.13 3.03 -64.83
CA GLU F 604 -21.37 3.51 -66.18
C GLU F 604 -22.85 3.57 -66.54
N PHE F 605 -23.57 2.53 -66.21
CA PHE F 605 -24.99 2.52 -66.46
C PHE F 605 -25.64 3.59 -65.62
N LEU F 606 -25.21 3.68 -64.38
CA LEU F 606 -25.84 4.60 -63.44
C LEU F 606 -25.65 6.00 -63.96
N ASN F 607 -24.47 6.27 -64.51
CA ASN F 607 -24.23 7.56 -65.11
C ASN F 607 -25.15 7.79 -66.28
N TYR F 608 -25.37 6.77 -67.09
CA TYR F 608 -26.33 6.89 -68.18
C TYR F 608 -27.77 6.97 -67.68
N PHE F 609 -28.12 6.12 -66.73
CA PHE F 609 -29.47 6.12 -66.17
C PHE F 609 -29.83 7.33 -65.32
N SER F 611 -28.32 10.59 -64.88
CA SER F 611 -27.93 11.99 -65.01
C SER F 611 -28.35 12.69 -66.30
N ASN F 612 -28.99 13.84 -66.11
CA ASN F 612 -29.49 14.63 -67.21
C ASN F 612 -30.58 13.85 -67.91
N ASN F 613 -31.13 12.87 -67.21
CA ASN F 613 -32.33 12.22 -67.68
C ASN F 613 -32.19 11.71 -69.11
N GLY F 614 -31.06 11.08 -69.43
CA GLY F 614 -30.90 10.57 -70.77
C GLY F 614 -31.97 9.52 -71.00
N ASN F 615 -32.14 8.62 -70.04
CA ASN F 615 -33.21 7.64 -70.14
C ASN F 615 -33.99 7.44 -68.87
N PHE F 616 -33.76 8.28 -67.86
CA PHE F 616 -34.38 8.00 -66.55
C PHE F 616 -35.90 8.13 -66.53
N PHE F 617 -36.43 9.24 -67.02
CA PHE F 617 -37.88 9.40 -67.03
C PHE F 617 -38.71 8.67 -68.10
N GLU F 618 -38.18 8.52 -69.31
CA GLU F 618 -38.83 7.78 -70.33
C GLU F 618 -38.66 6.26 -70.29
N ILE F 619 -37.58 5.86 -69.63
CA ILE F 619 -37.24 4.45 -69.56
C ILE F 619 -37.96 3.99 -68.30
N SER F 620 -38.03 4.88 -67.32
CA SER F 620 -39.05 4.79 -66.30
C SER F 620 -40.40 4.89 -66.97
N LYS F 621 -40.52 5.86 -67.87
CA LYS F 621 -41.77 6.15 -68.55
C LYS F 621 -42.26 4.95 -69.37
N GLU F 622 -41.34 4.29 -70.05
CA GLU F 622 -41.67 3.06 -70.77
C GLU F 622 -42.10 2.02 -69.75
N ILE F 623 -41.39 2.01 -68.63
CA ILE F 623 -41.66 1.10 -67.53
C ILE F 623 -42.99 1.40 -66.87
N ILE F 624 -43.31 2.68 -66.75
CA ILE F 624 -44.54 3.11 -66.09
C ILE F 624 -45.81 2.74 -66.85
N GLU F 625 -45.83 3.04 -68.14
CA GLU F 625 -47.04 2.81 -68.95
C GLU F 625 -47.41 1.34 -69.02
N LEU F 626 -46.41 0.50 -69.14
CA LEU F 626 -46.65 -0.90 -69.33
C LEU F 626 -47.42 -1.45 -68.14
N ASN F 627 -47.06 -1.03 -66.95
CA ASN F 627 -47.67 -1.59 -65.77
C ASN F 627 -49.14 -1.28 -65.54
N LYS F 628 -49.64 -0.17 -66.08
CA LYS F 628 -51.09 0.03 -66.11
C LYS F 628 -51.69 -1.04 -67.02
N ASN F 629 -51.19 -1.14 -68.25
CA ASN F 629 -51.56 -2.22 -69.16
C ASN F 629 -51.23 -3.61 -68.62
N ASP F 630 -50.27 -3.70 -67.71
CA ASP F 630 -50.05 -4.93 -66.94
C ASP F 630 -51.04 -5.03 -65.77
N LYS F 631 -51.13 -4.00 -64.94
CA LYS F 631 -52.12 -3.96 -63.83
C LYS F 631 -53.55 -4.07 -64.32
N ARG F 632 -53.77 -3.83 -65.61
CA ARG F 632 -55.01 -4.24 -66.24
C ARG F 632 -55.22 -5.77 -66.20
N ASN F 633 -54.21 -6.45 -65.65
CA ASN F 633 -54.17 -7.89 -65.53
C ASN F 633 -54.50 -8.35 -64.11
N PRO F 652 -34.82 10.46 -61.35
CA PRO F 652 -33.92 10.89 -60.31
C PRO F 652 -34.55 10.57 -58.95
N LYS F 653 -33.93 11.07 -57.89
CA LYS F 653 -34.42 10.82 -56.54
C LYS F 653 -35.85 11.29 -56.40
N GLU F 654 -36.09 12.58 -56.62
CA GLU F 654 -37.37 13.19 -56.28
C GLU F 654 -38.49 12.53 -57.04
N TYR F 655 -38.39 12.48 -58.37
CA TYR F 655 -39.42 11.82 -59.18
C TYR F 655 -39.62 10.37 -58.76
N LEU F 656 -38.56 9.73 -58.27
CA LEU F 656 -38.65 8.38 -57.76
C LEU F 656 -39.06 8.28 -56.30
N ALA F 657 -38.68 9.27 -55.51
CA ALA F 657 -39.01 9.29 -54.09
C ALA F 657 -40.52 9.27 -53.89
N ASN F 658 -41.21 10.10 -54.66
CA ASN F 658 -42.66 10.24 -54.55
C ASN F 658 -43.44 9.00 -54.94
N ILE F 659 -43.01 8.35 -56.04
CA ILE F 659 -43.61 7.10 -56.45
C ILE F 659 -43.59 6.11 -55.28
N GLN F 660 -42.49 6.14 -54.51
CA GLN F 660 -42.40 5.39 -53.27
C GLN F 660 -43.47 5.85 -52.29
N SER F 661 -43.63 7.17 -52.16
CA SER F 661 -44.60 7.73 -51.23
C SER F 661 -46.01 7.35 -51.60
N LEU F 662 -46.35 7.42 -52.89
CA LEU F 662 -47.69 7.08 -53.32
C LEU F 662 -48.02 5.64 -52.95
N TYR F 663 -47.16 4.71 -53.37
CA TYR F 663 -47.48 3.29 -53.23
C TYR F 663 -47.67 2.88 -51.77
N ILE F 665 -49.02 5.01 -49.18
CA ILE F 665 -50.33 5.50 -48.74
C ILE F 665 -51.46 4.62 -49.28
N ASN F 666 -51.36 4.27 -50.55
CA ASN F 666 -52.38 3.42 -51.19
C ASN F 666 -52.50 2.05 -50.54
N ALA F 667 -51.40 1.52 -50.05
CA ALA F 667 -51.40 0.19 -49.43
C ALA F 667 -52.19 0.20 -48.11
N ASP F 676 -43.93 -4.22 -51.62
CA ASP F 676 -44.60 -5.34 -52.29
C ASP F 676 -44.77 -5.02 -53.77
N THR F 677 -45.76 -4.20 -54.10
CA THR F 677 -45.82 -3.60 -55.42
C THR F 677 -44.58 -2.72 -55.63
N TYR F 678 -44.15 -2.02 -54.58
CA TYR F 678 -43.21 -0.92 -54.75
C TYR F 678 -41.85 -1.31 -55.31
N ILE F 679 -41.25 -2.34 -54.75
CA ILE F 679 -39.95 -2.75 -55.27
C ILE F 679 -39.90 -3.50 -56.61
N ASP F 680 -41.04 -3.90 -57.11
CA ASP F 680 -41.06 -4.48 -58.44
C ASP F 680 -41.29 -3.52 -59.50
N PHE F 681 -41.92 -2.42 -59.21
CA PHE F 681 -41.96 -1.27 -60.10
C PHE F 681 -40.60 -0.65 -60.07
N ILE F 682 -40.09 -0.42 -58.86
CA ILE F 682 -38.73 0.11 -58.72
C ILE F 682 -37.68 -0.91 -59.17
N GLN F 683 -37.90 -2.17 -58.88
CA GLN F 683 -37.06 -3.18 -59.47
C GLN F 683 -37.26 -3.24 -60.99
N LYS F 684 -38.50 -3.10 -61.44
CA LYS F 684 -38.82 -3.25 -62.84
C LYS F 684 -38.14 -2.17 -63.64
N ILE F 685 -38.16 -0.95 -63.14
CA ILE F 685 -37.60 0.15 -63.88
C ILE F 685 -36.13 -0.04 -64.14
N PHE F 686 -35.42 -0.57 -63.15
CA PHE F 686 -33.98 -0.73 -63.25
C PHE F 686 -33.53 -1.88 -64.12
N LEU F 687 -34.22 -3.01 -64.10
CA LEU F 687 -33.86 -4.09 -65.00
C LEU F 687 -34.08 -3.69 -66.48
N LYS F 688 -35.29 -3.24 -66.78
CA LYS F 688 -35.62 -2.89 -68.15
C LYS F 688 -34.72 -1.77 -68.57
N GLY F 689 -34.47 -0.83 -67.67
CA GLY F 689 -33.56 0.25 -67.99
C GLY F 689 -32.19 -0.24 -68.35
N PHE F 690 -31.71 -1.24 -67.62
CA PHE F 690 -30.38 -1.77 -67.83
C PHE F 690 -30.27 -2.41 -69.21
N THR F 692 -31.81 -1.56 -71.72
CA THR F 692 -31.68 -0.46 -72.69
C THR F 692 -30.24 -0.01 -72.89
N TYR F 693 -29.49 0.13 -71.80
CA TYR F 693 -28.06 0.23 -71.92
C TYR F 693 -27.59 -1.10 -72.46
N LEU F 694 -28.15 -2.17 -71.93
CA LEU F 694 -27.76 -3.52 -72.30
C LEU F 694 -28.11 -3.92 -73.72
N ALA F 695 -29.26 -3.50 -74.22
CA ALA F 695 -29.67 -3.79 -75.59
C ALA F 695 -28.67 -3.17 -76.52
N ASN F 696 -28.36 -1.93 -76.15
CA ASN F 696 -27.66 -0.90 -76.89
C ASN F 696 -26.20 -0.94 -76.53
N ASN F 697 -25.51 0.16 -76.81
CA ASN F 697 -24.41 0.63 -76.03
C ASN F 697 -23.35 -0.42 -75.87
N GLY F 698 -23.11 -1.14 -76.94
CA GLY F 698 -22.06 -2.15 -76.92
C GLY F 698 -22.49 -3.49 -76.41
N ARG F 699 -22.31 -3.69 -75.12
CA ARG F 699 -22.22 -5.02 -74.59
C ARG F 699 -23.59 -5.64 -74.46
N LEU F 700 -24.20 -5.90 -75.60
CA LEU F 700 -25.38 -6.74 -75.70
C LEU F 700 -24.93 -8.15 -76.00
N SER F 701 -23.64 -8.26 -76.25
CA SER F 701 -23.01 -9.44 -76.84
C SER F 701 -22.77 -10.51 -75.81
N LEU F 702 -22.62 -10.03 -74.59
CA LEU F 702 -22.15 -10.78 -73.44
C LEU F 702 -22.91 -12.04 -73.10
N ILE F 703 -24.18 -12.14 -73.45
CA ILE F 703 -24.90 -13.38 -73.18
C ILE F 703 -24.15 -14.54 -73.82
N TYR F 704 -23.52 -14.27 -74.95
CA TYR F 704 -22.86 -15.30 -75.69
C TYR F 704 -21.46 -15.52 -75.17
N ILE F 705 -21.39 -16.09 -73.97
CA ILE F 705 -20.13 -16.52 -73.37
C ILE F 705 -20.17 -17.99 -73.15
N GLY F 706 -18.99 -18.61 -73.06
CA GLY F 706 -18.87 -20.05 -73.00
C GLY F 706 -19.75 -20.67 -74.03
N SER F 707 -20.01 -19.92 -75.07
CA SER F 707 -21.04 -20.25 -76.02
C SER F 707 -20.59 -21.39 -76.85
N ASP F 708 -19.55 -21.12 -77.63
CA ASP F 708 -18.99 -22.09 -78.53
C ASP F 708 -17.78 -22.62 -77.87
N GLU F 709 -17.82 -23.89 -77.54
CA GLU F 709 -16.72 -24.49 -76.82
C GLU F 709 -15.41 -24.42 -77.59
N GLU F 710 -15.49 -24.40 -78.91
CA GLU F 710 -14.31 -24.63 -79.70
C GLU F 710 -13.28 -23.58 -79.35
N THR F 711 -13.70 -22.34 -79.19
CA THR F 711 -12.83 -21.27 -78.75
C THR F 711 -12.38 -21.47 -77.34
N ASN F 712 -13.31 -21.83 -76.49
CA ASN F 712 -13.04 -21.87 -75.06
C ASN F 712 -12.41 -23.16 -74.59
N THR F 713 -12.17 -24.07 -75.53
CA THR F 713 -11.15 -25.07 -75.39
C THR F 713 -9.77 -24.44 -75.41
N SER F 714 -9.61 -23.40 -76.22
CA SER F 714 -8.36 -22.66 -76.31
C SER F 714 -7.99 -22.03 -74.98
N LEU F 715 -9.02 -21.56 -74.28
CA LEU F 715 -8.83 -20.78 -73.08
C LEU F 715 -8.74 -21.64 -71.84
N ALA F 716 -8.88 -22.94 -72.01
CA ALA F 716 -9.12 -23.83 -70.89
C ALA F 716 -8.00 -23.79 -69.88
N GLU F 717 -6.78 -23.67 -70.38
CA GLU F 717 -5.61 -23.59 -69.52
C GLU F 717 -5.16 -22.16 -69.20
N LYS F 718 -5.92 -21.18 -69.68
CA LYS F 718 -5.60 -19.78 -69.53
C LYS F 718 -5.79 -19.28 -68.10
N LYS F 719 -6.86 -19.71 -67.42
CA LYS F 719 -7.10 -19.28 -66.05
C LYS F 719 -5.99 -19.71 -65.12
N GLN F 720 -5.57 -20.93 -65.26
CA GLN F 720 -4.62 -21.54 -64.34
C GLN F 720 -3.33 -20.78 -64.44
N GLU F 721 -2.90 -20.50 -65.66
CA GLU F 721 -1.60 -19.91 -65.87
C GLU F 721 -1.53 -18.53 -65.28
N PHE F 722 -2.63 -17.80 -65.39
CA PHE F 722 -2.70 -16.48 -64.80
C PHE F 722 -2.66 -16.46 -63.30
N ASP F 723 -3.28 -17.47 -62.68
CA ASP F 723 -3.22 -17.59 -61.24
C ASP F 723 -1.82 -17.88 -60.77
N LYS F 724 -1.05 -18.63 -61.55
CA LYS F 724 0.32 -18.95 -61.18
C LYS F 724 1.20 -17.72 -61.12
N PHE F 725 1.06 -16.87 -62.13
CA PHE F 725 1.84 -15.65 -62.18
C PHE F 725 1.46 -14.78 -61.01
N LEU F 726 0.18 -14.74 -60.70
CA LEU F 726 -0.28 -13.82 -59.71
C LEU F 726 0.36 -14.09 -58.35
N LYS F 727 0.40 -15.33 -57.92
CA LYS F 727 1.08 -15.64 -56.69
C LYS F 727 2.54 -15.31 -56.84
N LYS F 728 3.08 -15.62 -58.00
CA LYS F 728 4.49 -15.35 -58.22
C LYS F 728 4.68 -13.87 -58.11
N TYR F 729 3.74 -13.11 -58.65
CA TYR F 729 3.93 -11.69 -58.70
C TYR F 729 4.03 -11.15 -57.31
N GLU F 730 3.12 -11.58 -56.46
CA GLU F 730 3.02 -11.01 -55.13
C GLU F 730 4.22 -11.29 -54.26
N GLN F 731 4.79 -12.47 -54.40
CA GLN F 731 5.96 -12.80 -53.62
C GLN F 731 7.12 -11.88 -53.94
N ASN F 732 7.35 -11.59 -55.22
CA ASN F 732 8.38 -10.63 -55.57
C ASN F 732 7.87 -9.24 -55.88
N ASN F 733 6.87 -9.15 -56.74
CA ASN F 733 6.22 -7.88 -57.02
C ASN F 733 7.06 -7.07 -57.98
N ASN F 734 8.24 -7.59 -58.31
CA ASN F 734 9.13 -6.89 -59.22
C ASN F 734 9.39 -7.64 -60.51
N ILE F 735 8.77 -8.80 -60.69
CA ILE F 735 9.08 -9.59 -61.88
C ILE F 735 8.50 -8.87 -63.06
N LYS F 736 9.24 -8.77 -64.15
CA LYS F 736 8.69 -8.15 -65.34
C LYS F 736 7.48 -8.96 -65.72
N ILE F 737 6.43 -8.29 -66.15
CA ILE F 737 5.19 -8.99 -66.46
C ILE F 737 5.32 -9.66 -67.82
N PRO F 738 4.70 -10.88 -68.01
CA PRO F 738 4.76 -11.39 -69.38
C PRO F 738 3.93 -10.53 -70.32
N TYR F 739 4.28 -10.57 -71.58
CA TYR F 739 3.68 -9.67 -72.57
C TYR F 739 2.17 -9.84 -72.68
N GLU F 740 1.69 -11.08 -72.72
CA GLU F 740 0.25 -11.28 -72.96
C GLU F 740 -0.61 -10.71 -71.83
N ILE F 741 -0.18 -10.85 -70.59
CA ILE F 741 -0.92 -10.27 -69.48
C ILE F 741 -0.89 -8.76 -69.60
N ASN F 742 0.24 -8.21 -70.02
CA ASN F 742 0.36 -6.77 -70.15
C ASN F 742 -0.62 -6.17 -71.16
N GLU F 743 -0.83 -6.90 -72.25
CA GLU F 743 -1.73 -6.41 -73.29
C GLU F 743 -3.07 -6.19 -72.64
N PHE F 744 -3.44 -7.11 -71.77
CA PHE F 744 -4.65 -6.98 -71.00
C PHE F 744 -4.55 -5.82 -70.04
N LEU F 745 -3.40 -5.70 -69.41
CA LEU F 745 -3.17 -4.64 -68.41
C LEU F 745 -3.27 -3.23 -68.93
N ARG F 746 -2.71 -3.01 -70.11
CA ARG F 746 -2.58 -1.66 -70.63
C ARG F 746 -3.91 -0.96 -70.86
N GLU F 747 -4.92 -1.71 -71.29
CA GLU F 747 -6.19 -1.11 -71.60
C GLU F 747 -7.17 -1.12 -70.42
N ILE F 748 -6.71 -1.57 -69.25
CA ILE F 748 -7.53 -1.49 -68.04
C ILE F 748 -7.57 -0.05 -67.54
N LYS F 749 -8.74 0.44 -67.11
CA LYS F 749 -8.81 1.81 -66.60
C LYS F 749 -9.38 1.88 -65.20
N LEU F 750 -8.80 2.72 -64.36
CA LEU F 750 -9.32 2.94 -63.03
C LEU F 750 -9.80 4.37 -62.90
N GLY F 751 -10.97 4.53 -62.32
CA GLY F 751 -11.67 5.80 -62.34
C GLY F 751 -10.89 7.01 -61.86
N ASN F 752 -10.37 6.91 -60.64
CA ASN F 752 -9.59 7.98 -60.08
C ASN F 752 -8.35 7.39 -59.43
N ILE F 753 -7.22 8.04 -59.67
CA ILE F 753 -5.99 7.50 -59.19
C ILE F 753 -5.47 8.30 -58.02
N LEU F 754 -5.07 7.59 -56.96
CA LEU F 754 -4.71 8.25 -55.73
C LEU F 754 -3.49 9.10 -56.02
N LYS F 755 -3.37 10.18 -55.29
CA LYS F 755 -2.30 11.14 -55.49
C LYS F 755 -1.48 11.08 -54.23
N TYR F 756 -0.16 11.11 -54.34
CA TYR F 756 0.65 11.10 -53.14
C TYR F 756 0.44 12.41 -52.37
N THR F 757 0.39 12.31 -51.06
CA THR F 757 0.34 13.45 -50.18
C THR F 757 1.05 13.02 -48.92
N GLU F 758 1.75 13.94 -48.28
CA GLU F 758 2.44 13.56 -47.09
C GLU F 758 1.42 13.11 -46.07
N ARG F 759 0.37 13.88 -45.91
CA ARG F 759 -0.69 13.50 -44.96
C ARG F 759 -1.29 12.14 -45.26
N LEU F 760 -1.52 11.87 -46.52
CA LEU F 760 -2.07 10.58 -46.93
C LEU F 760 -1.16 9.44 -46.57
N ASN F 761 0.11 9.65 -46.75
CA ASN F 761 1.08 8.62 -46.50
C ASN F 761 1.03 8.25 -45.05
N PHE F 763 -1.62 8.92 -43.01
CA PHE F 763 -2.94 8.35 -42.73
C PHE F 763 -2.91 6.86 -43.00
N TYR F 764 -2.17 6.49 -44.02
CA TYR F 764 -1.98 5.11 -44.42
C TYR F 764 -1.34 4.31 -43.30
N LEU F 765 -0.37 4.89 -42.62
CA LEU F 765 0.33 4.20 -41.55
C LEU F 765 -0.60 3.79 -40.44
N ILE F 766 -1.46 4.71 -40.07
CA ILE F 766 -2.42 4.47 -39.01
C ILE F 766 -3.47 3.48 -39.44
N LEU F 767 -3.94 3.55 -40.66
CA LEU F 767 -5.06 2.71 -41.08
C LEU F 767 -4.76 1.23 -40.97
N LYS F 768 -3.51 0.88 -41.17
CA LYS F 768 -3.09 -0.51 -41.12
C LYS F 768 -2.90 -1.05 -39.71
N LEU F 769 -2.71 -0.16 -38.73
CA LEU F 769 -2.76 -0.51 -37.32
C LEU F 769 -4.17 -0.76 -36.83
N LEU F 770 -5.14 -0.16 -37.51
CA LEU F 770 -6.49 -0.23 -37.05
C LEU F 770 -7.07 -1.62 -37.10
N ASN F 771 -7.90 -1.89 -36.12
CA ASN F 771 -8.62 -3.15 -35.96
C ASN F 771 -9.77 -3.13 -36.95
N HIS F 772 -10.35 -4.28 -37.25
CA HIS F 772 -11.36 -4.33 -38.32
C HIS F 772 -12.64 -3.50 -38.05
N LYS F 773 -13.12 -3.50 -36.81
CA LYS F 773 -14.26 -2.70 -36.39
C LYS F 773 -13.98 -1.22 -36.27
N GLU F 774 -12.77 -0.86 -35.89
CA GLU F 774 -12.43 0.54 -35.78
C GLU F 774 -12.34 1.17 -37.17
N LEU F 775 -11.95 0.39 -38.16
CA LEU F 775 -12.04 0.82 -39.56
C LEU F 775 -13.47 1.05 -40.03
N THR F 776 -14.38 0.12 -39.71
CA THR F 776 -15.76 0.25 -40.15
C THR F 776 -16.44 1.46 -39.50
N ASN F 777 -16.12 1.71 -38.24
CA ASN F 777 -16.64 2.88 -37.56
C ASN F 777 -15.98 4.17 -38.02
N LEU F 778 -14.66 4.14 -38.24
CA LEU F 778 -13.96 5.31 -38.76
C LEU F 778 -14.50 5.73 -40.13
N LYS F 779 -14.86 4.73 -40.93
CA LYS F 779 -15.42 5.00 -42.24
C LYS F 779 -16.79 5.64 -42.10
N GLY F 780 -17.70 4.93 -41.45
CA GLY F 780 -19.02 5.50 -41.18
C GLY F 780 -18.96 6.86 -40.50
N SER F 781 -17.90 7.13 -39.75
CA SER F 781 -17.80 8.41 -39.09
C SER F 781 -17.42 9.53 -40.06
N LEU F 782 -16.61 9.21 -41.08
CA LEU F 782 -16.32 10.19 -42.11
C LEU F 782 -17.50 10.39 -43.07
N GLU F 783 -18.07 9.32 -43.57
CA GLU F 783 -19.30 9.40 -44.34
C GLU F 783 -20.33 10.29 -43.63
N LYS F 784 -20.56 10.06 -42.35
CA LYS F 784 -21.45 10.92 -41.61
C LYS F 784 -21.01 12.38 -41.76
N TYR F 785 -19.71 12.64 -41.59
CA TYR F 785 -19.23 14.00 -41.69
C TYR F 785 -19.45 14.64 -43.05
N GLN F 786 -19.24 13.90 -44.11
CA GLN F 786 -19.49 14.47 -45.42
C GLN F 786 -20.97 14.72 -45.61
N SER F 787 -21.78 13.76 -45.21
CA SER F 787 -23.20 13.87 -45.44
C SER F 787 -23.78 15.04 -44.69
N ALA F 788 -23.38 15.17 -43.44
CA ALA F 788 -23.87 16.22 -42.58
C ALA F 788 -23.47 17.64 -42.97
N ASN F 789 -22.24 17.81 -43.38
CA ASN F 789 -21.75 19.14 -43.71
C ASN F 789 -21.94 19.48 -45.16
N LYS F 790 -22.45 18.55 -45.94
CA LYS F 790 -22.66 18.80 -47.34
C LYS F 790 -21.33 19.20 -47.94
N GLU F 791 -20.29 18.48 -47.51
CA GLU F 791 -18.92 18.74 -47.93
C GLU F 791 -18.23 17.43 -48.24
N GLU F 792 -17.13 17.50 -48.95
CA GLU F 792 -16.39 16.33 -49.37
C GLU F 792 -14.99 16.36 -48.82
N ALA F 793 -14.86 16.80 -47.59
CA ALA F 793 -13.57 17.04 -46.95
C ALA F 793 -12.68 15.82 -46.80
N PHE F 794 -13.27 14.67 -46.55
CA PHE F 794 -12.51 13.48 -46.23
C PHE F 794 -12.37 12.51 -47.38
N SER F 795 -12.56 13.00 -48.59
CA SER F 795 -12.64 12.15 -49.76
C SER F 795 -11.39 11.34 -50.02
N ASP F 796 -10.23 11.94 -49.85
CA ASP F 796 -9.00 11.19 -50.05
C ASP F 796 -8.88 10.08 -49.03
N GLN F 797 -9.18 10.41 -47.79
CA GLN F 797 -9.09 9.49 -46.68
C GLN F 797 -10.08 8.37 -46.86
N LEU F 798 -11.25 8.72 -47.34
CA LEU F 798 -12.26 7.74 -47.65
C LEU F 798 -11.88 6.82 -48.79
N GLU F 799 -11.24 7.35 -49.80
CA GLU F 799 -10.84 6.52 -50.92
C GLU F 799 -9.75 5.53 -50.51
N LEU F 800 -8.85 5.96 -49.64
CA LEU F 800 -7.80 5.10 -49.13
C LEU F 800 -8.37 3.96 -48.29
N ILE F 801 -9.34 4.27 -47.44
CA ILE F 801 -9.91 3.27 -46.52
C ILE F 801 -10.56 2.17 -47.34
N ASN F 802 -11.22 2.57 -48.39
CA ASN F 802 -11.91 1.66 -49.25
C ASN F 802 -10.96 0.68 -49.92
N LEU F 803 -9.79 1.16 -50.31
CA LEU F 803 -8.72 0.29 -50.81
C LEU F 803 -8.10 -0.62 -49.78
N LEU F 804 -7.79 -0.08 -48.61
CA LEU F 804 -7.29 -0.86 -47.48
C LEU F 804 -8.27 -1.78 -46.81
N ASN F 805 -9.51 -1.34 -46.69
CA ASN F 805 -10.48 -2.12 -45.96
C ASN F 805 -10.63 -3.44 -46.64
N LEU F 806 -10.28 -3.50 -47.91
CA LEU F 806 -10.62 -4.66 -48.69
C LEU F 806 -10.01 -5.92 -48.10
N ASP F 807 -8.75 -5.87 -47.71
CA ASP F 807 -8.06 -7.04 -47.24
C ASP F 807 -7.30 -6.89 -45.94
N ASN F 808 -7.66 -5.92 -45.12
CA ASN F 808 -6.93 -5.69 -43.88
C ASN F 808 -7.04 -6.87 -42.94
N ASN F 809 -8.21 -7.48 -42.90
CA ASN F 809 -8.50 -8.49 -41.91
C ASN F 809 -8.20 -9.86 -42.41
N ARG F 810 -7.60 -9.95 -43.57
CA ARG F 810 -7.34 -11.21 -44.19
C ARG F 810 -5.87 -11.42 -44.23
N VAL F 811 -5.47 -12.67 -44.04
CA VAL F 811 -4.08 -12.99 -43.94
C VAL F 811 -3.45 -12.56 -45.20
N THR F 812 -2.30 -11.89 -45.09
CA THR F 812 -1.45 -11.68 -46.24
C THR F 812 -0.02 -12.06 -46.02
N GLU F 813 0.40 -12.32 -44.79
CA GLU F 813 1.85 -12.39 -44.50
C GLU F 813 2.40 -13.76 -44.07
N ASP F 814 1.59 -14.82 -44.09
CA ASP F 814 2.11 -16.17 -43.79
C ASP F 814 2.93 -16.17 -42.49
N PHE F 815 2.21 -15.87 -41.43
CA PHE F 815 2.78 -15.65 -40.11
C PHE F 815 3.17 -16.96 -39.46
N GLU F 816 3.72 -16.84 -38.27
CA GLU F 816 4.02 -18.02 -37.48
C GLU F 816 3.61 -17.80 -36.06
N LEU F 817 3.11 -18.88 -35.46
CA LEU F 817 2.65 -18.87 -34.08
C LEU F 817 3.13 -20.08 -33.33
N GLU F 818 3.25 -19.99 -32.00
CA GLU F 818 3.91 -21.03 -31.24
C GLU F 818 2.86 -21.75 -30.43
N ALA F 819 2.93 -23.07 -30.36
CA ALA F 819 2.07 -23.85 -29.50
C ALA F 819 2.09 -23.27 -28.10
N ASP F 820 3.26 -22.87 -27.65
CA ASP F 820 3.40 -22.42 -26.28
C ASP F 820 2.44 -21.26 -26.05
N GLU F 821 2.28 -20.41 -27.06
CA GLU F 821 1.29 -19.35 -27.04
C GLU F 821 -0.17 -19.81 -27.18
N ILE F 822 -0.41 -20.73 -28.12
CA ILE F 822 -1.76 -21.24 -28.34
C ILE F 822 -2.19 -21.94 -27.07
N GLY F 823 -1.27 -22.67 -26.45
CA GLY F 823 -1.56 -23.54 -25.36
C GLY F 823 -2.07 -22.84 -24.12
N LYS F 824 -1.92 -21.52 -24.08
CA LYS F 824 -2.35 -20.74 -22.95
C LYS F 824 -3.84 -20.93 -22.72
N PHE F 825 -4.60 -21.14 -23.78
CA PHE F 825 -6.05 -21.30 -23.69
C PHE F 825 -6.52 -22.74 -23.90
N LEU F 826 -5.63 -23.71 -23.65
CA LEU F 826 -5.95 -25.09 -23.93
C LEU F 826 -6.01 -25.86 -22.63
N ASP F 827 -6.76 -26.95 -22.64
CA ASP F 827 -6.91 -27.78 -21.45
C ASP F 827 -6.67 -29.25 -21.73
N PHE F 828 -5.41 -29.64 -21.73
CA PHE F 828 -5.07 -31.02 -21.99
C PHE F 828 -4.88 -31.68 -20.66
N ASN F 829 -5.80 -32.57 -20.32
CA ASN F 829 -5.68 -33.25 -19.04
C ASN F 829 -5.52 -32.27 -17.90
N GLY F 830 -6.34 -31.21 -17.98
CA GLY F 830 -6.38 -30.22 -16.93
C GLY F 830 -5.16 -29.32 -16.86
N ASN F 831 -4.37 -29.29 -17.91
CA ASN F 831 -3.18 -28.48 -17.93
C ASN F 831 -3.05 -27.82 -19.29
N LYS F 832 -2.34 -26.70 -19.32
CA LYS F 832 -2.12 -26.00 -20.57
C LYS F 832 -1.09 -26.76 -21.37
N VAL F 833 -1.15 -26.65 -22.69
CA VAL F 833 -0.22 -27.34 -23.53
C VAL F 833 0.88 -26.34 -23.80
N LYS F 834 2.11 -26.68 -23.48
CA LYS F 834 3.24 -25.74 -23.68
C LYS F 834 4.23 -26.27 -24.69
N ASP F 835 3.94 -27.40 -25.28
CA ASP F 835 4.86 -28.07 -26.16
C ASP F 835 4.21 -28.46 -27.43
N ASN F 836 4.99 -28.48 -28.50
CA ASN F 836 4.53 -28.99 -29.77
C ASN F 836 4.19 -30.45 -29.60
N LYS F 837 4.97 -31.13 -28.76
CA LYS F 837 4.75 -32.55 -28.55
C LYS F 837 3.43 -32.87 -27.87
N GLU F 838 3.04 -32.12 -26.84
CA GLU F 838 1.74 -32.36 -26.22
C GLU F 838 0.61 -31.86 -27.12
N LEU F 839 0.86 -30.90 -28.00
CA LEU F 839 -0.22 -30.37 -28.84
C LEU F 839 -0.77 -31.46 -29.75
N LYS F 840 0.11 -32.28 -30.31
CA LYS F 840 -0.33 -33.36 -31.18
C LYS F 840 -1.18 -34.39 -30.46
N LYS F 841 -0.79 -34.73 -29.24
CA LYS F 841 -1.51 -35.71 -28.42
C LYS F 841 -2.90 -35.23 -28.02
N PHE F 842 -3.02 -33.92 -27.78
CA PHE F 842 -4.32 -33.26 -27.58
C PHE F 842 -5.13 -33.15 -28.87
N ASP F 843 -4.47 -32.73 -29.94
CA ASP F 843 -5.13 -32.45 -31.20
C ASP F 843 -5.17 -33.67 -32.11
N THR F 844 -6.19 -34.49 -31.96
CA THR F 844 -6.32 -35.68 -32.78
C THR F 844 -6.62 -35.36 -34.24
N ASN F 845 -7.44 -34.36 -34.51
CA ASN F 845 -7.87 -34.08 -35.91
C ASN F 845 -7.03 -32.98 -36.54
N LYS F 846 -5.97 -32.56 -35.87
CA LYS F 846 -5.10 -31.55 -36.41
C LYS F 846 -5.86 -30.31 -36.82
N ILE F 847 -6.82 -29.87 -36.03
CA ILE F 847 -7.39 -28.56 -36.25
C ILE F 847 -6.33 -27.49 -35.93
N TYR F 848 -5.72 -27.62 -34.76
CA TYR F 848 -4.55 -26.86 -34.36
C TYR F 848 -3.24 -27.24 -35.04
N PHE F 849 -3.01 -28.54 -35.19
CA PHE F 849 -1.74 -29.06 -35.66
C PHE F 849 -1.72 -30.21 -36.63
N ASP F 850 -1.15 -29.98 -37.80
CA ASP F 850 -0.85 -31.10 -38.64
C ASP F 850 0.37 -31.61 -37.95
N GLY F 851 1.04 -32.58 -38.52
CA GLY F 851 2.21 -33.12 -37.85
C GLY F 851 3.31 -32.12 -37.61
N GLU F 852 3.62 -31.28 -38.58
CA GLU F 852 4.77 -30.40 -38.43
C GLU F 852 4.53 -28.93 -38.15
N ASN F 853 3.51 -28.36 -38.77
CA ASN F 853 3.31 -26.93 -38.67
C ASN F 853 1.93 -26.62 -38.17
N ILE F 854 1.80 -25.61 -37.32
CA ILE F 854 0.48 -25.25 -36.84
C ILE F 854 -0.36 -24.73 -37.98
N ILE F 855 -1.62 -25.10 -38.00
CA ILE F 855 -2.50 -24.64 -39.04
C ILE F 855 -2.76 -23.17 -38.85
N LYS F 856 -2.70 -22.42 -39.94
CA LYS F 856 -2.90 -20.98 -39.83
C LYS F 856 -4.05 -20.27 -40.45
N HIS F 857 -5.08 -20.04 -39.65
CA HIS F 857 -6.33 -19.46 -40.16
C HIS F 857 -6.47 -18.12 -39.58
N ARG F 858 -7.36 -17.33 -40.14
CA ARG F 858 -7.46 -15.93 -39.83
C ARG F 858 -7.45 -15.66 -38.37
N ALA F 859 -8.23 -16.45 -37.66
CA ALA F 859 -8.46 -16.15 -36.28
C ALA F 859 -7.16 -16.08 -35.55
N PHE F 860 -6.30 -17.04 -35.85
CA PHE F 860 -4.99 -17.08 -35.31
C PHE F 860 -4.24 -15.84 -35.79
N TYR F 861 -4.44 -15.48 -37.03
CA TYR F 861 -3.69 -14.42 -37.64
C TYR F 861 -3.94 -13.13 -36.92
N ASN F 862 -5.19 -12.93 -36.54
CA ASN F 862 -5.58 -11.73 -35.82
C ASN F 862 -5.20 -11.63 -34.35
N ILE F 863 -5.00 -12.78 -33.69
CA ILE F 863 -4.53 -12.79 -32.31
C ILE F 863 -3.12 -12.22 -32.17
N LYS F 864 -2.30 -12.43 -33.18
CA LYS F 864 -0.93 -12.10 -33.10
C LYS F 864 -0.82 -10.63 -33.34
N LYS F 865 -1.59 -10.19 -34.31
CA LYS F 865 -1.60 -8.81 -34.63
C LYS F 865 -2.01 -8.02 -33.42
N TYR F 866 -3.21 -8.30 -32.90
CA TYR F 866 -3.80 -7.43 -31.91
C TYR F 866 -3.82 -8.03 -30.54
N GLY F 867 -3.33 -9.24 -30.35
CA GLY F 867 -3.62 -10.00 -29.13
C GLY F 867 -2.76 -9.79 -27.92
N LEU F 869 -2.01 -11.35 -25.28
CA LEU F 869 -2.25 -12.71 -24.83
C LEU F 869 -1.97 -12.91 -23.40
N ASN F 870 -1.07 -12.13 -22.84
CA ASN F 870 -0.79 -12.28 -21.43
C ASN F 870 -2.00 -12.00 -20.56
N LEU F 871 -2.63 -10.86 -20.77
CA LEU F 871 -3.82 -10.49 -20.03
C LEU F 871 -5.01 -11.36 -20.40
N LEU F 872 -5.18 -11.61 -21.69
CA LEU F 872 -6.19 -12.54 -22.16
C LEU F 872 -6.05 -13.86 -21.42
N GLU F 873 -4.83 -14.28 -21.15
CA GLU F 873 -4.61 -15.52 -20.42
C GLU F 873 -5.04 -15.50 -18.97
N LYS F 874 -4.76 -14.40 -18.28
CA LYS F 874 -5.18 -14.22 -16.90
C LYS F 874 -6.68 -14.06 -16.78
N ILE F 875 -7.26 -13.28 -17.66
CA ILE F 875 -8.70 -13.12 -17.63
C ILE F 875 -9.40 -14.45 -17.89
N ALA F 876 -8.98 -15.13 -18.93
CA ALA F 876 -9.59 -16.42 -19.30
C ALA F 876 -9.39 -17.49 -18.23
N ASP F 877 -8.23 -17.49 -17.62
CA ASP F 877 -7.89 -18.42 -16.52
C ASP F 877 -8.74 -18.29 -15.27
N LYS F 878 -9.03 -17.07 -14.89
CA LYS F 878 -9.97 -16.82 -13.79
C LYS F 878 -11.40 -17.27 -14.15
N ALA F 879 -11.73 -17.09 -15.41
CA ALA F 879 -13.00 -17.54 -15.90
C ALA F 879 -13.08 -19.05 -16.01
N GLY F 880 -11.94 -19.71 -16.04
CA GLY F 880 -11.95 -21.14 -16.32
C GLY F 880 -12.45 -21.45 -17.73
N TYR F 881 -12.08 -20.61 -18.67
CA TYR F 881 -12.47 -20.75 -20.06
C TYR F 881 -11.27 -21.31 -20.77
N LYS F 882 -11.39 -22.51 -21.29
CA LYS F 882 -10.28 -23.17 -21.96
C LYS F 882 -10.92 -23.83 -23.14
N ILE F 883 -10.11 -24.37 -24.05
CA ILE F 883 -10.67 -25.24 -25.06
C ILE F 883 -10.30 -26.64 -24.64
N SER F 884 -11.33 -27.48 -24.51
CA SER F 884 -11.14 -28.79 -23.94
C SER F 884 -11.51 -29.81 -24.95
N ILE F 885 -11.07 -31.02 -24.73
CA ILE F 885 -11.14 -32.00 -25.78
C ILE F 885 -12.57 -32.23 -26.20
N GLU F 886 -13.44 -32.33 -25.24
CA GLU F 886 -14.84 -32.66 -25.56
C GLU F 886 -15.38 -31.65 -26.58
N GLU F 887 -14.96 -30.41 -26.46
CA GLU F 887 -15.34 -29.37 -27.39
C GLU F 887 -14.77 -29.59 -28.78
N LEU F 888 -13.51 -29.99 -28.84
CA LEU F 888 -12.89 -30.32 -30.13
C LEU F 888 -13.54 -31.48 -30.78
N LYS F 889 -13.96 -32.41 -29.94
CA LYS F 889 -14.62 -33.60 -30.38
C LYS F 889 -15.91 -33.28 -31.09
N LYS F 890 -16.65 -32.30 -30.56
CA LYS F 890 -17.88 -31.84 -31.17
C LYS F 890 -17.66 -31.01 -32.45
N TYR F 891 -16.73 -30.06 -32.39
CA TYR F 891 -16.44 -29.21 -33.54
C TYR F 891 -16.12 -30.05 -34.76
N SER F 892 -15.42 -31.16 -34.59
CA SER F 892 -15.21 -32.04 -35.72
C SER F 892 -16.46 -32.80 -36.10
N ASN F 893 -17.24 -33.23 -35.13
CA ASN F 893 -18.37 -34.10 -35.45
C ASN F 893 -19.51 -33.36 -36.11
N LYS F 894 -19.76 -32.16 -35.62
CA LYS F 894 -20.77 -31.31 -36.23
C LYS F 894 -20.29 -30.61 -37.46
N LYS F 895 -18.99 -30.68 -37.71
CA LYS F 895 -18.40 -30.24 -38.97
C LYS F 895 -18.52 -31.27 -40.05
N ASN F 896 -19.19 -32.38 -39.79
CA ASN F 896 -19.60 -33.29 -40.85
C ASN F 896 -20.95 -32.90 -41.41
N GLU F 897 -21.88 -32.60 -40.51
CA GLU F 897 -23.29 -32.48 -40.87
C GLU F 897 -23.75 -31.02 -41.01
N ILE F 898 -22.79 -30.15 -41.26
CA ILE F 898 -23.04 -28.75 -41.42
C ILE F 898 -23.35 -28.36 -42.85
N GLU F 899 -22.90 -29.17 -43.81
CA GLU F 899 -23.25 -28.87 -45.19
C GLU F 899 -24.77 -29.02 -45.39
N LYS F 900 -25.30 -30.08 -44.82
CA LYS F 900 -26.71 -30.35 -44.92
C LYS F 900 -27.49 -29.20 -44.32
N ASN F 901 -27.18 -28.87 -43.06
CA ASN F 901 -27.83 -27.75 -42.39
C ASN F 901 -27.79 -26.45 -43.19
N HIS F 902 -26.63 -26.11 -43.72
CA HIS F 902 -26.55 -24.90 -44.52
C HIS F 902 -27.36 -25.00 -45.81
N LYS F 903 -27.31 -26.16 -46.46
CA LYS F 903 -28.16 -26.35 -47.63
C LYS F 903 -29.62 -26.35 -47.24
N GLN F 905 -31.04 -24.75 -44.73
CA GLN F 905 -31.48 -23.39 -44.52
C GLN F 905 -31.62 -22.63 -45.83
N GLU F 906 -30.65 -22.82 -46.70
CA GLU F 906 -30.58 -21.99 -47.91
C GLU F 906 -31.80 -22.16 -48.77
N ASN F 907 -32.21 -23.40 -48.99
CA ASN F 907 -33.40 -23.64 -49.81
C ASN F 907 -34.69 -23.18 -49.18
N LEU F 908 -34.93 -23.58 -47.95
CA LEU F 908 -36.20 -23.25 -47.32
C LEU F 908 -36.39 -21.79 -47.33
N HIS F 909 -35.33 -21.05 -47.08
CA HIS F 909 -35.47 -19.61 -47.06
C HIS F 909 -35.95 -19.24 -48.42
N ARG F 910 -35.46 -19.94 -49.43
CA ARG F 910 -35.85 -19.60 -50.78
C ARG F 910 -37.35 -19.76 -50.86
N LYS F 911 -37.87 -20.83 -50.26
CA LYS F 911 -39.30 -21.04 -50.34
C LYS F 911 -40.02 -19.92 -49.63
N TYR F 912 -39.58 -19.56 -48.44
CA TYR F 912 -40.20 -18.46 -47.71
C TYR F 912 -40.01 -17.12 -48.38
N ALA F 913 -38.78 -16.89 -48.84
CA ALA F 913 -38.43 -15.64 -49.47
C ALA F 913 -39.09 -15.39 -50.81
N ARG F 914 -39.08 -16.40 -51.67
CA ARG F 914 -39.83 -16.35 -52.90
C ARG F 914 -40.48 -17.69 -53.02
N PRO F 915 -41.87 -17.71 -52.84
CA PRO F 915 -42.43 -19.07 -52.80
C PRO F 915 -42.33 -19.91 -54.07
N ARG F 916 -42.66 -19.35 -55.22
CA ARG F 916 -42.73 -20.16 -56.44
C ARG F 916 -43.95 -21.08 -56.32
N LYS F 917 -43.96 -21.90 -55.28
CA LYS F 917 -45.08 -22.81 -55.00
C LYS F 917 -45.61 -22.57 -53.59
N ASP F 918 -46.93 -22.44 -53.48
CA ASP F 918 -47.58 -22.05 -52.23
C ASP F 918 -47.35 -23.04 -51.10
N GLU F 919 -47.32 -24.29 -51.47
CA GLU F 919 -47.28 -25.38 -50.53
C GLU F 919 -45.94 -25.40 -49.83
N LYS F 920 -45.07 -24.50 -50.22
CA LYS F 920 -43.70 -24.60 -49.83
C LYS F 920 -43.42 -24.37 -48.37
N PHE F 921 -44.32 -23.72 -47.66
CA PHE F 921 -44.07 -23.57 -46.26
C PHE F 921 -45.16 -24.29 -45.56
N THR F 922 -45.22 -24.14 -44.26
CA THR F 922 -46.11 -24.94 -43.48
C THR F 922 -45.38 -24.89 -42.21
N ASP F 923 -45.86 -25.63 -41.25
CA ASP F 923 -45.15 -25.73 -40.04
C ASP F 923 -44.41 -27.02 -40.14
N GLU F 924 -44.32 -27.62 -41.30
CA GLU F 924 -43.68 -28.91 -41.34
C GLU F 924 -42.25 -28.68 -41.69
N ASP F 925 -42.03 -27.57 -42.35
CA ASP F 925 -40.74 -27.14 -42.73
C ASP F 925 -40.25 -26.26 -41.64
N TYR F 926 -41.13 -25.44 -41.15
CA TYR F 926 -40.64 -24.44 -40.22
C TYR F 926 -39.85 -25.12 -39.14
N GLU F 927 -40.35 -26.24 -38.68
CA GLU F 927 -39.68 -27.04 -37.66
C GLU F 927 -38.37 -27.51 -38.18
N SER F 928 -38.34 -27.79 -39.48
CA SER F 928 -37.10 -28.11 -40.19
C SER F 928 -36.14 -26.93 -40.35
N TYR F 929 -36.65 -25.71 -40.48
CA TYR F 929 -35.80 -24.54 -40.50
C TYR F 929 -35.20 -24.34 -39.14
N LYS F 930 -36.00 -24.54 -38.10
CA LYS F 930 -35.57 -24.20 -36.75
C LYS F 930 -34.34 -25.01 -36.36
N GLN F 931 -34.42 -26.31 -36.57
CA GLN F 931 -33.36 -27.23 -36.23
C GLN F 931 -32.07 -26.91 -36.93
N ALA F 932 -32.20 -26.38 -38.13
CA ALA F 932 -31.07 -26.04 -38.95
C ALA F 932 -30.30 -24.85 -38.46
N ILE F 933 -30.97 -23.75 -38.18
CA ILE F 933 -30.28 -22.55 -37.74
C ILE F 933 -29.61 -22.76 -36.37
N GLU F 934 -30.29 -23.49 -35.50
CA GLU F 934 -29.76 -23.77 -34.19
C GLU F 934 -28.57 -24.67 -34.33
N ASN F 935 -28.67 -25.61 -35.27
CA ASN F 935 -27.56 -26.50 -35.54
C ASN F 935 -26.35 -25.73 -35.97
N ILE F 936 -26.60 -24.68 -36.74
CA ILE F 936 -25.59 -23.79 -37.24
C ILE F 936 -25.08 -22.87 -36.16
N GLU F 937 -25.98 -22.39 -35.29
CA GLU F 937 -25.51 -21.53 -34.20
C GLU F 937 -24.53 -22.32 -33.35
N GLU F 938 -24.91 -23.54 -33.00
CA GLU F 938 -24.13 -24.29 -32.04
C GLU F 938 -22.75 -24.54 -32.60
N TYR F 939 -22.66 -24.90 -33.88
CA TYR F 939 -21.39 -25.13 -34.52
C TYR F 939 -20.58 -23.85 -34.62
N THR F 940 -21.24 -22.78 -35.02
CA THR F 940 -20.59 -21.52 -35.20
C THR F 940 -20.04 -21.05 -33.87
N HIS F 941 -20.79 -21.27 -32.82
CA HIS F 941 -20.31 -20.98 -31.50
C HIS F 941 -19.07 -21.81 -31.18
N LEU F 942 -19.11 -23.09 -31.56
CA LEU F 942 -17.96 -23.95 -31.40
C LEU F 942 -16.77 -23.48 -32.22
N LYS F 943 -17.03 -23.16 -33.48
CA LYS F 943 -15.95 -22.86 -34.37
C LYS F 943 -15.18 -21.66 -33.87
N ASN F 944 -15.93 -20.64 -33.44
CA ASN F 944 -15.29 -19.41 -33.02
C ASN F 944 -14.45 -19.61 -31.80
N LYS F 945 -14.95 -20.43 -30.89
CA LYS F 945 -14.26 -20.69 -29.63
C LYS F 945 -12.98 -21.47 -29.82
N VAL F 946 -13.03 -22.54 -30.62
CA VAL F 946 -11.88 -23.42 -30.75
C VAL F 946 -10.81 -22.56 -31.39
N GLU F 947 -11.22 -21.80 -32.41
CA GLU F 947 -10.32 -21.08 -33.30
C GLU F 947 -9.97 -19.72 -32.76
N PHE F 948 -10.29 -19.46 -31.52
CA PHE F 948 -9.92 -18.18 -30.89
C PHE F 948 -10.53 -16.90 -31.46
N ASN F 949 -11.74 -16.97 -31.97
CA ASN F 949 -12.42 -15.74 -32.39
C ASN F 949 -13.21 -15.11 -31.31
N GLU F 950 -13.64 -15.88 -30.33
CA GLU F 950 -14.22 -15.29 -29.12
C GLU F 950 -13.17 -14.44 -28.43
N LEU F 951 -11.95 -14.95 -28.35
CA LEU F 951 -10.87 -14.19 -27.74
C LEU F 951 -10.57 -12.92 -28.51
N ASN F 952 -10.49 -13.00 -29.82
CA ASN F 952 -10.40 -11.76 -30.60
C ASN F 952 -11.54 -10.80 -30.32
N LEU F 953 -12.77 -11.30 -30.31
CA LEU F 953 -13.89 -10.41 -30.05
C LEU F 953 -13.73 -9.75 -28.70
N LEU F 954 -13.30 -10.52 -27.72
CA LEU F 954 -13.09 -9.99 -26.38
C LEU F 954 -12.01 -8.91 -26.39
N GLN F 955 -10.97 -9.07 -27.19
CA GLN F 955 -9.91 -8.07 -27.29
C GLN F 955 -10.45 -6.71 -27.72
N GLY F 956 -11.24 -6.69 -28.76
CA GLY F 956 -11.76 -5.44 -29.27
C GLY F 956 -12.78 -4.81 -28.37
N LEU F 957 -13.55 -5.63 -27.67
CA LEU F 957 -14.49 -5.12 -26.68
C LEU F 957 -13.75 -4.35 -25.61
N LEU F 958 -12.61 -4.84 -25.19
CA LEU F 958 -11.89 -4.20 -24.10
C LEU F 958 -11.31 -2.87 -24.49
N LEU F 959 -10.80 -2.81 -25.72
CA LEU F 959 -10.16 -1.58 -26.22
C LEU F 959 -11.18 -0.49 -26.44
N ARG F 960 -12.40 -0.89 -26.77
CA ARG F 960 -13.43 0.06 -27.04
C ARG F 960 -13.97 0.61 -25.74
N ILE F 961 -14.30 -0.29 -24.83
CA ILE F 961 -14.73 0.15 -23.54
C ILE F 961 -13.68 1.11 -23.00
N LEU F 962 -12.41 0.76 -23.17
CA LEU F 962 -11.36 1.61 -22.69
C LEU F 962 -11.36 2.96 -23.38
N HIS F 963 -11.29 2.99 -24.70
CA HIS F 963 -11.13 4.29 -25.29
C HIS F 963 -12.38 5.11 -25.24
N ARG F 964 -13.53 4.47 -25.11
CA ARG F 964 -14.75 5.23 -24.92
C ARG F 964 -14.67 6.05 -23.62
N LEU F 965 -14.10 5.46 -22.57
CA LEU F 965 -13.97 6.19 -21.32
C LEU F 965 -13.00 7.33 -21.47
N VAL F 966 -11.98 7.18 -22.31
CA VAL F 966 -11.12 8.32 -22.55
C VAL F 966 -11.93 9.46 -23.18
N GLY F 967 -13.01 9.16 -23.87
CA GLY F 967 -13.88 10.25 -24.30
C GLY F 967 -14.60 10.97 -23.24
N TYR F 968 -14.57 10.46 -22.01
CA TYR F 968 -15.22 11.08 -20.87
C TYR F 968 -14.30 12.00 -20.13
N THR F 969 -13.08 11.55 -19.89
CA THR F 969 -12.09 12.45 -19.39
C THR F 969 -11.92 13.62 -20.34
N SER F 970 -12.15 13.44 -21.63
CA SER F 970 -11.92 14.56 -22.49
C SER F 970 -12.97 15.62 -22.32
N ILE F 971 -14.05 15.33 -21.61
CA ILE F 971 -15.04 16.34 -21.31
C ILE F 971 -14.77 16.95 -19.95
N TRP F 972 -14.45 16.13 -18.97
CA TRP F 972 -14.11 16.64 -17.65
C TRP F 972 -13.04 17.72 -17.77
N GLU F 973 -11.97 17.37 -18.47
CA GLU F 973 -10.84 18.28 -18.65
C GLU F 973 -11.29 19.63 -19.23
N ARG F 974 -12.20 19.60 -20.18
CA ARG F 974 -12.81 20.82 -20.66
C ARG F 974 -13.58 21.47 -19.52
N ASP F 975 -14.53 20.74 -18.94
CA ASP F 975 -15.41 21.33 -17.92
C ASP F 975 -14.65 21.97 -16.78
N LEU F 976 -13.42 21.58 -16.55
CA LEU F 976 -12.65 22.24 -15.51
C LEU F 976 -12.23 23.66 -15.93
N ARG F 977 -11.64 23.80 -17.09
CA ARG F 977 -11.31 25.14 -17.50
C ARG F 977 -12.59 25.93 -17.59
N PHE F 978 -13.66 25.29 -18.02
CA PHE F 978 -14.88 26.07 -18.19
C PHE F 978 -15.27 26.70 -16.88
N ARG F 979 -15.36 25.93 -15.81
CA ARG F 979 -15.74 26.56 -14.54
C ARG F 979 -14.60 27.37 -13.94
N LEU F 980 -13.37 27.18 -14.40
CA LEU F 980 -12.31 28.07 -13.97
C LEU F 980 -12.33 29.42 -14.62
N LYS F 981 -12.57 29.47 -15.92
CA LYS F 981 -12.72 30.75 -16.57
C LYS F 981 -13.98 31.43 -16.06
N GLY F 982 -15.02 30.66 -15.79
CA GLY F 982 -16.25 31.23 -15.29
C GLY F 982 -16.04 31.83 -13.93
N GLU F 983 -15.40 31.06 -13.05
CA GLU F 983 -15.09 31.48 -11.68
C GLU F 983 -13.98 32.51 -11.55
N PHE F 984 -12.93 32.40 -12.35
CA PHE F 984 -11.79 33.30 -12.24
C PHE F 984 -11.34 33.82 -13.62
N PRO F 985 -12.15 34.71 -14.23
CA PRO F 985 -11.75 35.21 -15.54
C PRO F 985 -10.51 36.03 -15.39
N GLU F 986 -10.42 36.74 -14.28
CA GLU F 986 -9.29 37.62 -14.03
C GLU F 986 -7.99 36.85 -14.09
N ASN F 987 -7.98 35.68 -13.48
CA ASN F 987 -6.73 34.98 -13.29
C ASN F 987 -6.03 34.67 -14.59
N GLN F 988 -4.81 35.16 -14.70
CA GLN F 988 -3.95 34.88 -15.86
C GLN F 988 -3.51 33.42 -15.88
N TYR F 989 -3.20 32.90 -14.70
CA TYR F 989 -2.50 31.63 -14.55
C TYR F 989 -3.36 30.40 -14.62
N ILE F 990 -4.66 30.60 -14.78
CA ILE F 990 -5.58 29.49 -14.80
C ILE F 990 -5.30 28.63 -16.05
N GLU F 991 -5.06 29.35 -17.13
CA GLU F 991 -4.80 28.70 -18.39
C GLU F 991 -3.56 27.87 -18.33
N GLU F 992 -2.64 28.17 -17.45
CA GLU F 992 -1.38 27.45 -17.34
C GLU F 992 -1.58 25.98 -17.00
N ILE F 993 -2.65 25.66 -16.30
CA ILE F 993 -2.84 24.30 -15.86
C ILE F 993 -2.92 23.36 -17.04
N PHE F 994 -3.56 23.83 -18.10
CA PHE F 994 -3.87 23.00 -19.26
C PHE F 994 -2.86 23.04 -20.38
N ASN F 995 -1.78 23.77 -20.18
CA ASN F 995 -0.75 23.83 -21.21
C ASN F 995 0.40 22.96 -20.81
N PHE F 996 0.71 22.03 -21.69
CA PHE F 996 1.92 21.27 -21.62
C PHE F 996 2.82 22.25 -22.32
N GLU F 997 4.09 21.92 -22.54
CA GLU F 997 5.02 22.96 -22.94
C GLU F 997 5.05 23.96 -21.81
N ASN F 998 5.58 23.48 -20.69
CA ASN F 998 5.64 24.22 -19.44
C ASN F 998 6.75 25.24 -19.41
N LYS F 999 7.57 25.28 -20.43
CA LYS F 999 8.66 26.22 -20.44
C LYS F 999 8.03 27.59 -20.37
N LYS F 1000 6.93 27.75 -21.08
CA LYS F 1000 6.18 28.99 -21.12
C LYS F 1000 5.55 29.40 -19.80
N ASN F 1001 5.04 28.43 -19.05
CA ASN F 1001 4.24 28.70 -17.87
C ASN F 1001 5.04 29.39 -16.80
N VAL F 1002 4.50 30.49 -16.29
CA VAL F 1002 5.05 31.16 -15.13
C VAL F 1002 4.88 30.46 -13.79
N LYS F 1003 3.66 30.07 -13.46
CA LYS F 1003 3.39 29.56 -12.11
C LYS F 1003 3.26 28.08 -11.90
N TYR F 1004 2.49 27.39 -12.74
CA TYR F 1004 2.36 25.96 -12.55
C TYR F 1004 3.13 25.29 -13.65
N LYS F 1005 4.34 24.85 -13.33
CA LYS F 1005 5.19 24.30 -14.37
C LYS F 1005 5.40 22.82 -14.26
N GLY F 1006 4.81 22.18 -13.26
CA GLY F 1006 5.10 20.76 -13.11
C GLY F 1006 3.92 19.83 -13.22
N GLY F 1007 4.09 18.76 -13.97
CA GLY F 1007 3.07 17.72 -14.13
C GLY F 1007 2.06 17.95 -15.24
N GLN F 1008 1.04 17.13 -15.26
CA GLN F 1008 -0.02 17.27 -16.20
C GLN F 1008 -1.18 17.92 -15.51
N ILE F 1009 -2.38 17.79 -16.05
CA ILE F 1009 -3.53 18.59 -15.60
C ILE F 1009 -3.92 18.36 -14.15
N VAL F 1010 -3.95 17.13 -13.71
CA VAL F 1010 -4.41 16.81 -12.37
C VAL F 1010 -3.54 17.41 -11.27
N GLU F 1011 -2.24 17.33 -11.44
CA GLU F 1011 -1.31 17.84 -10.42
C GLU F 1011 -1.28 19.37 -10.37
N LYS F 1012 -1.36 20.02 -11.51
CA LYS F 1012 -1.35 21.48 -11.53
C LYS F 1012 -2.59 22.08 -10.86
N TYR F 1013 -3.75 21.47 -11.09
CA TYR F 1013 -5.01 21.93 -10.49
C TYR F 1013 -4.99 21.79 -8.98
N ILE F 1014 -4.39 20.73 -8.50
CA ILE F 1014 -4.26 20.54 -7.08
C ILE F 1014 -3.30 21.58 -6.49
N LYS F 1015 -2.20 21.83 -7.18
CA LYS F 1015 -1.33 22.93 -6.81
C LYS F 1015 -2.09 24.25 -6.80
N PHE F 1016 -2.90 24.47 -7.82
CA PHE F 1016 -3.84 25.58 -7.86
C PHE F 1016 -4.86 25.53 -6.72
N TYR F 1017 -5.51 24.38 -6.55
CA TYR F 1017 -6.59 24.27 -5.58
C TYR F 1017 -6.10 24.61 -4.17
N LYS F 1018 -4.89 24.14 -3.84
CA LYS F 1018 -4.32 24.35 -2.52
C LYS F 1018 -3.89 25.80 -2.27
N GLU F 1019 -3.27 26.42 -3.25
CA GLU F 1019 -3.02 27.85 -3.17
C GLU F 1019 -4.33 28.64 -3.18
N LEU F 1020 -5.39 28.07 -3.75
CA LEU F 1020 -6.71 28.72 -3.71
C LEU F 1020 -7.27 28.80 -2.30
N HIS F 1021 -7.02 27.78 -1.49
CA HIS F 1021 -7.56 27.73 -0.14
C HIS F 1021 -6.47 27.66 0.95
N GLN F 1022 -5.27 28.15 0.63
CA GLN F 1022 -4.18 28.10 1.58
C GLN F 1022 -4.65 28.84 2.81
N ASN F 1023 -5.57 29.76 2.64
CA ASN F 1023 -6.07 30.53 3.76
C ASN F 1023 -7.50 30.20 4.19
N ASP F 1024 -8.26 29.53 3.35
CA ASP F 1024 -9.51 28.97 3.80
C ASP F 1024 -9.01 27.95 4.76
N GLU F 1025 -8.32 26.98 4.18
CA GLU F 1025 -7.48 26.00 4.85
C GLU F 1025 -8.08 24.63 4.95
N VAL F 1026 -8.69 24.36 6.09
CA VAL F 1026 -9.13 23.04 6.47
C VAL F 1026 -9.69 22.22 5.36
N LYS F 1027 -10.39 22.84 4.45
CA LYS F 1027 -11.04 22.10 3.39
C LYS F 1027 -10.09 21.80 2.27
N ILE F 1028 -8.89 22.31 2.36
CA ILE F 1028 -7.85 21.96 1.40
C ILE F 1028 -7.02 20.80 1.87
N ASN F 1029 -7.38 20.25 3.02
CA ASN F 1029 -6.66 19.11 3.59
C ASN F 1029 -6.75 17.86 2.74
N LYS F 1030 -7.82 17.77 1.98
CA LYS F 1030 -8.14 16.55 1.26
C LYS F 1030 -7.04 16.22 0.29
N TYR F 1031 -6.33 17.25 -0.13
CA TYR F 1031 -5.25 17.10 -1.07
C TYR F 1031 -3.93 17.12 -0.36
N SER F 1032 -3.98 16.81 0.93
CA SER F 1032 -2.78 16.64 1.70
C SER F 1032 -2.06 15.43 1.20
N SER F 1033 -0.76 15.42 1.41
CA SER F 1033 0.13 14.42 0.86
C SER F 1033 -0.21 13.06 1.35
N ALA F 1034 -0.60 12.95 2.61
CA ALA F 1034 -1.03 11.67 3.11
C ALA F 1034 -2.25 11.25 2.35
N ASN F 1035 -3.17 12.17 2.20
CA ASN F 1035 -4.40 11.95 1.46
C ASN F 1035 -4.18 11.76 -0.04
N ILE F 1036 -3.25 12.51 -0.60
CA ILE F 1036 -2.95 12.37 -2.01
C ILE F 1036 -2.52 10.94 -2.20
N LYS F 1037 -1.76 10.41 -1.26
CA LYS F 1037 -1.15 9.11 -1.40
C LYS F 1037 -2.18 8.03 -1.55
N VAL F 1038 -3.26 8.15 -0.81
CA VAL F 1038 -4.38 7.25 -0.96
C VAL F 1038 -4.99 7.38 -2.32
N LEU F 1039 -5.07 8.61 -2.79
CA LEU F 1039 -5.75 8.87 -4.05
C LEU F 1039 -5.05 8.24 -5.20
N LYS F 1040 -3.72 8.29 -5.21
CA LYS F 1040 -2.99 7.64 -6.27
C LYS F 1040 -3.13 6.12 -6.22
N GLN F 1041 -3.09 5.55 -5.04
CA GLN F 1041 -3.16 4.10 -4.92
C GLN F 1041 -4.50 3.54 -5.37
N GLU F 1042 -5.57 4.23 -5.00
CA GLU F 1042 -6.91 3.74 -5.28
C GLU F 1042 -7.51 4.24 -6.58
N LYS F 1043 -6.83 5.13 -7.27
CA LYS F 1043 -7.40 5.74 -8.45
C LYS F 1043 -8.72 6.44 -8.13
N LYS F 1044 -8.74 7.16 -7.03
CA LYS F 1044 -9.95 7.83 -6.56
C LYS F 1044 -9.91 9.32 -6.83
N ASP F 1045 -11.06 9.94 -6.87
CA ASP F 1045 -11.16 11.36 -7.13
C ASP F 1045 -10.53 11.71 -8.47
N LEU F 1046 -9.69 12.73 -8.51
CA LEU F 1046 -9.13 13.26 -9.74
C LEU F 1046 -8.25 12.29 -10.49
N TYR F 1047 -7.55 11.45 -9.75
CA TYR F 1047 -6.51 10.62 -10.31
C TYR F 1047 -6.98 9.59 -11.31
N ILE F 1048 -8.23 9.21 -11.24
CA ILE F 1048 -8.76 8.21 -12.14
C ILE F 1048 -8.61 8.70 -13.56
N ALA F 1049 -8.81 9.99 -13.77
CA ALA F 1049 -8.70 10.55 -15.10
C ALA F 1049 -7.37 10.18 -15.71
N ASN F 1050 -6.34 10.12 -14.91
CA ASN F 1050 -5.04 9.67 -15.43
C ASN F 1050 -5.01 8.20 -15.81
N TYR F 1051 -5.57 7.36 -14.95
CA TYR F 1051 -5.76 5.96 -15.27
C TYR F 1051 -6.50 5.81 -16.62
N ILE F 1052 -7.67 6.42 -16.72
CA ILE F 1052 -8.51 6.17 -17.86
C ILE F 1052 -7.84 6.63 -19.14
N ALA F 1053 -7.25 7.84 -19.11
CA ALA F 1053 -6.78 8.51 -20.33
C ALA F 1053 -5.45 8.01 -20.85
N ALA F 1054 -4.64 7.42 -19.98
CA ALA F 1054 -3.34 6.90 -20.39
C ALA F 1054 -3.31 5.37 -20.55
N PHE F 1055 -4.48 4.73 -20.46
CA PHE F 1055 -4.64 3.31 -20.71
C PHE F 1055 -3.86 2.46 -19.74
N ASN F 1056 -3.82 2.91 -18.49
CA ASN F 1056 -3.03 2.19 -17.51
C ASN F 1056 -3.70 0.90 -17.07
N TYR F 1057 -4.98 0.72 -17.37
CA TYR F 1057 -5.62 -0.57 -17.10
C TYR F 1057 -4.77 -1.68 -17.71
N ILE F 1058 -4.52 -1.56 -19.01
CA ILE F 1058 -3.61 -2.44 -19.69
C ILE F 1058 -2.23 -1.98 -19.22
N PRO F 1059 -1.39 -2.92 -18.82
CA PRO F 1059 -1.59 -4.36 -18.98
C PRO F 1059 -1.93 -5.12 -17.70
N HIS F 1060 -2.00 -4.45 -16.55
CA HIS F 1060 -2.03 -5.15 -15.27
C HIS F 1060 -3.41 -5.27 -14.62
N ALA F 1061 -4.32 -4.35 -14.94
CA ALA F 1061 -5.67 -4.35 -14.39
C ALA F 1061 -5.64 -4.35 -12.85
N GLU F 1062 -4.75 -3.55 -12.29
CA GLU F 1062 -4.68 -3.27 -10.84
C GLU F 1062 -6.06 -3.13 -10.25
N ILE F 1063 -6.89 -2.39 -10.97
CA ILE F 1063 -8.23 -2.00 -10.57
C ILE F 1063 -9.17 -2.62 -11.61
N SER F 1064 -10.43 -2.84 -11.27
CA SER F 1064 -11.31 -3.54 -12.18
C SER F 1064 -12.16 -2.59 -12.99
N LEU F 1065 -12.60 -3.03 -14.16
CA LEU F 1065 -13.35 -2.15 -15.05
C LEU F 1065 -14.58 -1.65 -14.32
N LEU F 1066 -15.12 -2.50 -13.47
CA LEU F 1066 -16.21 -2.11 -12.63
C LEU F 1066 -15.82 -1.02 -11.64
N GLU F 1067 -14.61 -1.11 -11.12
CA GLU F 1067 -14.10 -0.08 -10.25
C GLU F 1067 -13.85 1.23 -10.98
N VAL F 1068 -13.33 1.16 -12.19
CA VAL F 1068 -13.03 2.32 -12.97
C VAL F 1068 -14.32 3.07 -13.17
N LEU F 1069 -15.33 2.31 -13.56
CA LEU F 1069 -16.64 2.88 -13.82
C LEU F 1069 -17.20 3.49 -12.55
N GLU F 1070 -16.93 2.86 -11.41
CA GLU F 1070 -17.35 3.43 -10.13
C GLU F 1070 -16.71 4.78 -9.85
N ASN F 1071 -15.41 4.86 -10.10
CA ASN F 1071 -14.65 6.08 -9.91
C ASN F 1071 -14.84 7.14 -10.97
N LEU F 1072 -15.05 6.74 -12.21
CA LEU F 1072 -15.26 7.70 -13.29
C LEU F 1072 -16.55 8.48 -13.01
N ARG F 1073 -17.57 7.75 -12.59
CA ARG F 1073 -18.89 8.30 -12.33
C ARG F 1073 -18.86 9.27 -11.17
N LYS F 1074 -18.07 8.95 -10.15
CA LYS F 1074 -17.83 9.91 -9.09
C LYS F 1074 -17.14 11.17 -9.64
N LEU F 1075 -16.22 10.97 -10.58
CA LEU F 1075 -15.54 12.09 -11.19
C LEU F 1075 -16.48 12.99 -11.93
N LEU F 1076 -17.49 12.40 -12.56
CA LEU F 1076 -18.41 13.16 -13.38
C LEU F 1076 -19.70 13.54 -12.64
N SER F 1077 -19.71 13.46 -11.33
CA SER F 1077 -20.92 13.78 -10.58
C SER F 1077 -21.30 15.24 -10.64
N TYR F 1078 -20.38 16.11 -11.04
CA TYR F 1078 -20.64 17.53 -11.12
C TYR F 1078 -21.70 17.89 -12.17
N ASP F 1079 -21.73 17.15 -13.27
CA ASP F 1079 -22.75 17.31 -14.29
C ASP F 1079 -23.62 16.06 -14.34
N ARG F 1080 -24.84 16.17 -13.85
CA ARG F 1080 -25.72 15.04 -13.81
C ARG F 1080 -25.84 14.28 -15.12
N LYS F 1081 -25.90 14.96 -16.25
CA LYS F 1081 -26.10 14.25 -17.52
C LYS F 1081 -24.94 13.37 -17.90
N LEU F 1082 -23.74 13.79 -17.54
CA LEU F 1082 -22.57 12.99 -17.80
C LEU F 1082 -22.43 11.79 -16.84
N LYS F 1083 -22.79 11.97 -15.57
CA LYS F 1083 -22.76 10.85 -14.64
C LYS F 1083 -23.73 9.74 -15.05
N ASN F 1084 -24.95 10.10 -15.39
CA ASN F 1084 -25.90 9.11 -15.87
C ASN F 1084 -25.50 8.59 -17.26
N ALA F 1085 -24.55 9.21 -17.93
CA ALA F 1085 -24.22 8.77 -19.29
C ALA F 1085 -23.32 7.56 -19.28
N VAL F 1086 -22.48 7.42 -18.27
CA VAL F 1086 -21.43 6.42 -18.32
C VAL F 1086 -22.03 5.03 -18.58
N LYS F 1088 -24.72 4.29 -19.54
CA LYS F 1088 -25.46 4.28 -20.76
C LYS F 1088 -24.59 3.78 -21.88
N SER F 1089 -23.43 4.38 -22.08
CA SER F 1089 -22.60 3.93 -23.18
C SER F 1089 -21.99 2.56 -22.94
N VAL F 1090 -21.85 2.13 -21.68
CA VAL F 1090 -21.35 0.80 -21.47
C VAL F 1090 -22.41 -0.25 -21.75
N VAL F 1091 -23.68 0.06 -21.61
CA VAL F 1091 -24.71 -0.91 -22.03
C VAL F 1091 -24.82 -0.94 -23.56
N ASP F 1092 -24.79 0.24 -24.17
CA ASP F 1092 -24.86 0.28 -25.60
C ASP F 1092 -23.68 -0.41 -26.25
N ILE F 1093 -22.48 -0.13 -25.78
CA ILE F 1093 -21.28 -0.71 -26.36
C ILE F 1093 -21.36 -2.22 -26.32
N LEU F 1094 -22.04 -2.78 -25.35
CA LEU F 1094 -22.20 -4.22 -25.30
C LEU F 1094 -23.21 -4.70 -26.35
N LYS F 1095 -24.31 -3.97 -26.50
CA LYS F 1095 -25.33 -4.38 -27.46
C LYS F 1095 -24.76 -4.45 -28.86
N GLU F 1096 -23.86 -3.53 -29.16
CA GLU F 1096 -23.14 -3.53 -30.42
C GLU F 1096 -22.36 -4.82 -30.61
N TYR F 1097 -21.75 -5.30 -29.55
CA TYR F 1097 -20.99 -6.52 -29.64
C TYR F 1097 -21.82 -7.79 -29.48
N GLY F 1098 -23.09 -7.64 -29.16
CA GLY F 1098 -23.99 -8.76 -29.02
C GLY F 1098 -24.22 -9.29 -27.63
N PHE F 1099 -23.97 -8.49 -26.62
CA PHE F 1099 -24.25 -8.89 -25.27
C PHE F 1099 -25.32 -8.01 -24.68
N VAL F 1100 -26.14 -8.58 -23.81
CA VAL F 1100 -27.12 -7.81 -23.09
C VAL F 1100 -26.71 -7.90 -21.62
N ALA F 1101 -26.61 -6.77 -20.95
CA ALA F 1101 -26.08 -6.75 -19.60
C ALA F 1101 -27.03 -6.11 -18.62
N THR F 1102 -27.09 -6.67 -17.43
CA THR F 1102 -27.84 -6.10 -16.33
C THR F 1102 -26.92 -5.85 -15.19
N PHE F 1103 -26.64 -4.59 -14.92
CA PHE F 1103 -25.80 -4.25 -13.78
C PHE F 1103 -26.66 -4.09 -12.54
N LYS F 1104 -26.00 -3.83 -11.43
CA LYS F 1104 -26.69 -3.34 -10.28
C LYS F 1104 -25.77 -2.36 -9.60
N ILE F 1105 -26.33 -1.24 -9.17
CA ILE F 1105 -25.59 -0.28 -8.44
C ILE F 1105 -26.18 -0.22 -7.04
N GLY F 1106 -25.32 -0.49 -6.07
CA GLY F 1106 -25.75 -0.67 -4.71
C GLY F 1106 -25.93 0.65 -4.01
N ALA F 1107 -26.56 0.58 -2.85
CA ALA F 1107 -26.66 1.73 -1.99
C ALA F 1107 -25.24 2.12 -1.67
N ASP F 1108 -24.42 1.11 -1.41
CA ASP F 1108 -23.00 1.28 -1.38
C ASP F 1108 -22.71 1.48 -2.83
N LYS F 1109 -21.93 2.48 -3.20
CA LYS F 1109 -21.87 2.87 -4.61
C LYS F 1109 -20.88 2.04 -5.44
N LYS F 1110 -21.08 0.73 -5.50
CA LYS F 1110 -20.16 -0.13 -6.23
C LYS F 1110 -20.93 -0.86 -7.29
N ILE F 1111 -20.42 -0.85 -8.51
CA ILE F 1111 -21.11 -1.54 -9.59
C ILE F 1111 -20.82 -3.05 -9.55
N GLY F 1112 -21.80 -3.87 -9.96
CA GLY F 1112 -21.62 -5.30 -10.11
C GLY F 1112 -22.43 -5.75 -11.29
N ILE F 1113 -22.14 -6.90 -11.85
CA ILE F 1113 -22.90 -7.38 -13.00
C ILE F 1113 -23.87 -8.48 -12.60
N GLN F 1114 -25.14 -8.21 -12.71
CA GLN F 1114 -26.12 -9.20 -12.29
C GLN F 1114 -26.09 -10.38 -13.23
N THR F 1115 -26.14 -10.10 -14.53
CA THR F 1115 -26.05 -11.15 -15.54
C THR F 1115 -25.71 -10.58 -16.91
N LEU F 1116 -25.09 -11.39 -17.75
CA LEU F 1116 -24.70 -11.01 -19.10
C LEU F 1116 -25.26 -12.07 -20.02
N GLU F 1117 -25.92 -11.67 -21.10
CA GLU F 1117 -26.62 -12.60 -21.97
C GLU F 1117 -26.40 -12.20 -23.40
N SER F 1118 -26.58 -13.13 -24.33
CA SER F 1118 -26.47 -12.81 -25.76
C SER F 1118 -27.68 -12.01 -26.23
N GLU F 1119 -27.45 -11.14 -27.20
CA GLU F 1119 -28.54 -10.54 -27.96
C GLU F 1119 -28.98 -11.63 -28.91
N LYS F 1120 -30.17 -11.51 -29.47
CA LYS F 1120 -30.64 -12.52 -30.39
C LYS F 1120 -30.67 -12.03 -31.81
N ILE F 1121 -30.83 -12.95 -32.73
CA ILE F 1121 -31.19 -12.62 -34.08
C ILE F 1121 -32.57 -13.21 -34.32
N VAL F 1122 -33.51 -12.33 -34.66
CA VAL F 1122 -34.84 -12.75 -34.98
C VAL F 1122 -34.75 -13.23 -36.42
N HIS F 1123 -34.87 -14.53 -36.60
CA HIS F 1123 -34.88 -15.10 -37.91
C HIS F 1123 -36.25 -14.99 -38.50
N LEU F 1124 -36.32 -15.00 -39.82
CA LEU F 1124 -37.61 -15.16 -40.45
C LEU F 1124 -38.65 -14.21 -39.88
N LYS F 1125 -38.27 -12.94 -39.76
CA LYS F 1125 -39.18 -11.93 -39.25
C LYS F 1125 -40.42 -11.99 -40.16
N ASN F 1126 -41.61 -11.81 -39.62
CA ASN F 1126 -42.87 -11.86 -40.37
C ASN F 1126 -43.48 -13.23 -40.64
N LEU F 1127 -42.96 -14.29 -40.05
CA LEU F 1127 -43.57 -15.59 -40.28
C LEU F 1127 -44.92 -15.79 -39.59
N LYS F 1128 -45.32 -14.88 -38.70
CA LYS F 1128 -46.61 -15.04 -38.02
C LYS F 1128 -46.66 -16.43 -37.40
N LYS F 1129 -45.58 -16.77 -36.72
CA LYS F 1129 -45.46 -17.99 -35.97
C LYS F 1129 -44.52 -17.66 -34.82
N LYS F 1130 -44.22 -18.64 -33.98
CA LYS F 1130 -43.35 -18.40 -32.82
C LYS F 1130 -42.00 -17.84 -33.32
N LYS F 1131 -41.48 -16.89 -32.57
CA LYS F 1131 -40.21 -16.25 -32.90
C LYS F 1131 -39.10 -17.25 -32.93
N LEU F 1132 -38.28 -17.18 -33.97
CA LEU F 1132 -37.03 -17.94 -34.02
C LEU F 1132 -35.94 -17.00 -33.64
N THR F 1134 -31.70 -17.05 -32.41
CA THR F 1134 -30.48 -17.76 -32.09
C THR F 1134 -29.64 -16.74 -31.38
N ASP F 1135 -28.92 -17.14 -30.35
CA ASP F 1135 -28.12 -16.17 -29.62
C ASP F 1135 -26.95 -15.73 -30.46
N ARG F 1136 -26.56 -14.48 -30.31
CA ARG F 1136 -25.40 -13.97 -31.04
C ARG F 1136 -24.07 -14.53 -30.62
N ASN F 1137 -23.86 -14.70 -29.31
CA ASN F 1137 -22.58 -15.19 -28.77
C ASN F 1137 -22.78 -16.36 -27.83
N SER F 1138 -21.78 -17.22 -27.73
CA SER F 1138 -21.86 -18.40 -26.87
C SER F 1138 -21.87 -18.03 -25.39
N GLU F 1139 -22.60 -18.79 -24.60
CA GLU F 1139 -22.71 -18.52 -23.17
C GLU F 1139 -21.34 -18.50 -22.52
N GLU F 1140 -20.42 -19.34 -22.98
CA GLU F 1140 -19.09 -19.29 -22.42
C GLU F 1140 -18.42 -17.94 -22.62
N LEU F 1141 -18.74 -17.30 -23.75
CA LEU F 1141 -18.23 -15.97 -24.02
C LEU F 1141 -18.88 -14.96 -23.13
N CYS F 1142 -20.17 -15.08 -22.94
CA CYS F 1142 -20.87 -14.15 -22.04
C CYS F 1142 -20.30 -14.25 -20.63
N LYS F 1143 -20.10 -15.48 -20.14
CA LYS F 1143 -19.40 -15.68 -18.87
C LYS F 1143 -17.98 -15.13 -18.91
N LEU F 1144 -17.34 -15.10 -20.09
CA LEU F 1144 -16.02 -14.51 -20.19
C LEU F 1144 -16.09 -12.99 -20.07
N VAL F 1145 -17.06 -12.37 -20.72
CA VAL F 1145 -17.16 -10.91 -20.64
C VAL F 1145 -17.45 -10.52 -19.19
N LYS F 1146 -18.44 -11.19 -18.61
CA LYS F 1146 -18.83 -10.95 -17.21
C LYS F 1146 -17.65 -10.92 -16.28
N ILE F 1147 -16.68 -11.81 -16.52
CA ILE F 1147 -15.51 -11.88 -15.67
C ILE F 1147 -14.47 -10.86 -16.02
N PHE F 1149 -15.06 -7.97 -16.80
CA PHE F 1149 -15.41 -6.75 -16.07
C PHE F 1149 -14.93 -6.76 -14.63
N GLU F 1150 -15.00 -7.92 -13.99
CA GLU F 1150 -14.68 -8.04 -12.57
C GLU F 1150 -13.29 -8.69 -12.37
N TYR F 1151 -12.39 -8.56 -13.33
CA TYR F 1151 -11.04 -9.10 -13.18
C TYR F 1151 -10.18 -8.04 -12.57
N LYS F 1152 -9.65 -8.34 -11.39
CA LYS F 1152 -8.59 -7.54 -10.80
C LYS F 1152 -7.33 -8.37 -10.75
N GLU F 1154 -4.29 -10.33 -9.05
CA GLU F 1154 -4.27 -11.19 -7.86
C GLU F 1154 -5.65 -11.21 -7.16
#